data_6NDV
# 
_entry.id   6NDV 
# 
_audit_conform.dict_name       mmcif_pdbx.dic 
_audit_conform.dict_version    5.387 
_audit_conform.dict_location   http://mmcif.pdb.org/dictionaries/ascii/mmcif_pdbx.dic 
# 
loop_
_database_2.database_id 
_database_2.database_code 
_database_2.pdbx_database_accession 
_database_2.pdbx_DOI 
PDB   6NDV         pdb_00006ndv 10.2210/pdb6ndv/pdb 
WWPDB D_1000237495 ?            ?                   
# 
loop_
_pdbx_audit_revision_history.ordinal 
_pdbx_audit_revision_history.data_content_type 
_pdbx_audit_revision_history.major_revision 
_pdbx_audit_revision_history.minor_revision 
_pdbx_audit_revision_history.revision_date 
1 'Structure model' 1 0 2019-08-21 
2 'Structure model' 1 1 2019-08-28 
3 'Structure model' 1 2 2019-10-09 
4 'Structure model' 1 3 2019-12-18 
5 'Structure model' 1 4 2024-03-13 
# 
_pdbx_audit_revision_details.ordinal             1 
_pdbx_audit_revision_details.revision_ordinal    1 
_pdbx_audit_revision_details.data_content_type   'Structure model' 
_pdbx_audit_revision_details.provider            repository 
_pdbx_audit_revision_details.type                'Initial release' 
_pdbx_audit_revision_details.description         ? 
_pdbx_audit_revision_details.details             ? 
# 
loop_
_pdbx_audit_revision_group.ordinal 
_pdbx_audit_revision_group.revision_ordinal 
_pdbx_audit_revision_group.data_content_type 
_pdbx_audit_revision_group.group 
1 2 'Structure model' 'Data collection'            
2 2 'Structure model' 'Database references'        
3 3 'Structure model' 'Data collection'            
4 3 'Structure model' 'Database references'        
5 4 'Structure model' 'Author supporting evidence' 
6 5 'Structure model' 'Data collection'            
7 5 'Structure model' 'Database references'        
# 
loop_
_pdbx_audit_revision_category.ordinal 
_pdbx_audit_revision_category.revision_ordinal 
_pdbx_audit_revision_category.data_content_type 
_pdbx_audit_revision_category.category 
1 2 'Structure model' citation           
2 2 'Structure model' citation_author    
3 3 'Structure model' citation           
4 4 'Structure model' pdbx_audit_support 
5 5 'Structure model' chem_comp_atom     
6 5 'Structure model' chem_comp_bond     
7 5 'Structure model' database_2         
# 
loop_
_pdbx_audit_revision_item.ordinal 
_pdbx_audit_revision_item.revision_ordinal 
_pdbx_audit_revision_item.data_content_type 
_pdbx_audit_revision_item.item 
1 2 'Structure model' '_citation.pdbx_database_id_PubMed'        
2 2 'Structure model' '_citation.title'                          
3 3 'Structure model' '_citation.journal_volume'                 
4 3 'Structure model' '_citation.page_first'                     
5 3 'Structure model' '_citation.page_last'                      
6 4 'Structure model' '_pdbx_audit_support.funding_organization' 
7 5 'Structure model' '_database_2.pdbx_DOI'                     
8 5 'Structure model' '_database_2.pdbx_database_accession'      
# 
_pdbx_database_status.status_code                     REL 
_pdbx_database_status.status_code_sf                  REL 
_pdbx_database_status.status_code_mr                  ? 
_pdbx_database_status.entry_id                        6NDV 
_pdbx_database_status.recvd_initial_deposition_date   2018-12-14 
_pdbx_database_status.SG_entry                        N 
_pdbx_database_status.deposit_site                    RCSB 
_pdbx_database_status.process_site                    RCSB 
_pdbx_database_status.status_code_cs                  ? 
_pdbx_database_status.methods_development_category    ? 
_pdbx_database_status.pdb_format_compatible           Y 
_pdbx_database_status.status_code_nmr_data            ? 
# 
loop_
_audit_author.name 
_audit_author.pdbx_ordinal 
_audit_author.identifier_ORCID 
'Lynch, M.J.' 1 ? 
'Crane, B.R.' 2 ? 
# 
_citation.abstract                  ? 
_citation.abstract_id_CAS           ? 
_citation.book_id_ISBN              ? 
_citation.book_publisher            ? 
_citation.book_publisher_city       ? 
_citation.book_title                ? 
_citation.coordinate_linkage        ? 
_citation.country                   US 
_citation.database_id_Medline       ? 
_citation.details                   ? 
_citation.id                        primary 
_citation.journal_abbrev            Nat.Chem.Biol. 
_citation.journal_id_ASTM           ? 
_citation.journal_id_CSD            ? 
_citation.journal_id_ISSN           1552-4469 
_citation.journal_full              ? 
_citation.journal_issue             ? 
_citation.journal_volume            15 
_citation.language                  ? 
_citation.page_first                959 
_citation.page_last                 965 
_citation.title                     'Structure and chemistry of lysinoalanine crosslinking in the spirochaete flagella hook.' 
_citation.year                      2019 
_citation.database_id_CSD           ? 
_citation.pdbx_database_id_DOI      10.1038/s41589-019-0341-3 
_citation.pdbx_database_id_PubMed   31406373 
_citation.unpublished_flag          ? 
# 
loop_
_citation_author.citation_id 
_citation_author.name 
_citation_author.ordinal 
_citation_author.identifier_ORCID 
primary 'Lynch, M.J.'  1 ? 
primary 'Miller, M.'   2 ? 
primary 'James, M.'    3 ? 
primary 'Zhang, S.'    4 ? 
primary 'Zhang, K.'    5 ? 
primary 'Li, C.'       6 ? 
primary 'Charon, N.W.' 7 ? 
primary 'Crane, B.R.'  8 ? 
# 
loop_
_entity.id 
_entity.type 
_entity.src_method 
_entity.pdbx_description 
_entity.formula_weight 
_entity.pdbx_number_of_molecules 
_entity.pdbx_ec 
_entity.pdbx_mutation 
_entity.pdbx_fragment 
_entity.details 
1 polymer man 'Flagellar hook protein FlgE' 19062.682 1   ? K336A ? ? 
2 water   nat water                         18.015    283 ? ?     ? ? 
# 
_entity_poly.entity_id                      1 
_entity_poly.type                           'polypeptide(L)' 
_entity_poly.nstd_linkage                   no 
_entity_poly.nstd_monomer                   no 
_entity_poly.pdbx_seq_one_letter_code       
;MAKATTSVNYACNLDKRLPELPEGANRAQILESTWSTEFKVYDSFGEAHELQIDFARVPGEVNAWRATVNVDPTNADATA
TRVGIGTTDGVQNSFIVRFDNNGHLASVTDTAGNVTSPAGQVLVQISYNVVGANPDEAGAPTRHTFDVNLGEIGTSKNTI
TQFSDKSTTAAYEQDGYT
;
_entity_poly.pdbx_seq_one_letter_code_can   
;MAKATTSVNYACNLDKRLPELPEGANRAQILESTWSTEFKVYDSFGEAHELQIDFARVPGEVNAWRATVNVDPTNADATA
TRVGIGTTDGVQNSFIVRFDNNGHLASVTDTAGNVTSPAGQVLVQISYNVVGANPDEAGAPTRHTFDVNLGEIGTSKNTI
TQFSDKSTTAAYEQDGYT
;
_entity_poly.pdbx_strand_id                 B 
_entity_poly.pdbx_target_identifier         ? 
# 
_pdbx_entity_nonpoly.entity_id   2 
_pdbx_entity_nonpoly.name        water 
_pdbx_entity_nonpoly.comp_id     HOH 
# 
loop_
_entity_poly_seq.entity_id 
_entity_poly_seq.num 
_entity_poly_seq.mon_id 
_entity_poly_seq.hetero 
1 1   MET n 
1 2   ALA n 
1 3   LYS n 
1 4   ALA n 
1 5   THR n 
1 6   THR n 
1 7   SER n 
1 8   VAL n 
1 9   ASN n 
1 10  TYR n 
1 11  ALA n 
1 12  CYS n 
1 13  ASN n 
1 14  LEU n 
1 15  ASP n 
1 16  LYS n 
1 17  ARG n 
1 18  LEU n 
1 19  PRO n 
1 20  GLU n 
1 21  LEU n 
1 22  PRO n 
1 23  GLU n 
1 24  GLY n 
1 25  ALA n 
1 26  ASN n 
1 27  ARG n 
1 28  ALA n 
1 29  GLN n 
1 30  ILE n 
1 31  LEU n 
1 32  GLU n 
1 33  SER n 
1 34  THR n 
1 35  TRP n 
1 36  SER n 
1 37  THR n 
1 38  GLU n 
1 39  PHE n 
1 40  LYS n 
1 41  VAL n 
1 42  TYR n 
1 43  ASP n 
1 44  SER n 
1 45  PHE n 
1 46  GLY n 
1 47  GLU n 
1 48  ALA n 
1 49  HIS n 
1 50  GLU n 
1 51  LEU n 
1 52  GLN n 
1 53  ILE n 
1 54  ASP n 
1 55  PHE n 
1 56  ALA n 
1 57  ARG n 
1 58  VAL n 
1 59  PRO n 
1 60  GLY n 
1 61  GLU n 
1 62  VAL n 
1 63  ASN n 
1 64  ALA n 
1 65  TRP n 
1 66  ARG n 
1 67  ALA n 
1 68  THR n 
1 69  VAL n 
1 70  ASN n 
1 71  VAL n 
1 72  ASP n 
1 73  PRO n 
1 74  THR n 
1 75  ASN n 
1 76  ALA n 
1 77  ASP n 
1 78  ALA n 
1 79  THR n 
1 80  ALA n 
1 81  THR n 
1 82  ARG n 
1 83  VAL n 
1 84  GLY n 
1 85  ILE n 
1 86  GLY n 
1 87  THR n 
1 88  THR n 
1 89  ASP n 
1 90  GLY n 
1 91  VAL n 
1 92  GLN n 
1 93  ASN n 
1 94  SER n 
1 95  PHE n 
1 96  ILE n 
1 97  VAL n 
1 98  ARG n 
1 99  PHE n 
1 100 ASP n 
1 101 ASN n 
1 102 ASN n 
1 103 GLY n 
1 104 HIS n 
1 105 LEU n 
1 106 ALA n 
1 107 SER n 
1 108 VAL n 
1 109 THR n 
1 110 ASP n 
1 111 THR n 
1 112 ALA n 
1 113 GLY n 
1 114 ASN n 
1 115 VAL n 
1 116 THR n 
1 117 SER n 
1 118 PRO n 
1 119 ALA n 
1 120 GLY n 
1 121 GLN n 
1 122 VAL n 
1 123 LEU n 
1 124 VAL n 
1 125 GLN n 
1 126 ILE n 
1 127 SER n 
1 128 TYR n 
1 129 ASN n 
1 130 VAL n 
1 131 VAL n 
1 132 GLY n 
1 133 ALA n 
1 134 ASN n 
1 135 PRO n 
1 136 ASP n 
1 137 GLU n 
1 138 ALA n 
1 139 GLY n 
1 140 ALA n 
1 141 PRO n 
1 142 THR n 
1 143 ARG n 
1 144 HIS n 
1 145 THR n 
1 146 PHE n 
1 147 ASP n 
1 148 VAL n 
1 149 ASN n 
1 150 LEU n 
1 151 GLY n 
1 152 GLU n 
1 153 ILE n 
1 154 GLY n 
1 155 THR n 
1 156 SER n 
1 157 LYS n 
1 158 ASN n 
1 159 THR n 
1 160 ILE n 
1 161 THR n 
1 162 GLN n 
1 163 PHE n 
1 164 SER n 
1 165 ASP n 
1 166 LYS n 
1 167 SER n 
1 168 THR n 
1 169 THR n 
1 170 ALA n 
1 171 ALA n 
1 172 TYR n 
1 173 GLU n 
1 174 GLN n 
1 175 ASP n 
1 176 GLY n 
1 177 TYR n 
1 178 THR n 
# 
_entity_src_gen.entity_id                          1 
_entity_src_gen.pdbx_src_id                        1 
_entity_src_gen.pdbx_alt_source_flag               sample 
_entity_src_gen.pdbx_seq_type                      'Biological sequence' 
_entity_src_gen.pdbx_beg_seq_num                   1 
_entity_src_gen.pdbx_end_seq_num                   178 
_entity_src_gen.gene_src_common_name               ? 
_entity_src_gen.gene_src_genus                     ? 
_entity_src_gen.pdbx_gene_src_gene                 flgE 
_entity_src_gen.gene_src_species                   ? 
_entity_src_gen.gene_src_strain                    ? 
_entity_src_gen.gene_src_tissue                    ? 
_entity_src_gen.gene_src_tissue_fraction           ? 
_entity_src_gen.gene_src_details                   ? 
_entity_src_gen.pdbx_gene_src_fragment             ? 
_entity_src_gen.pdbx_gene_src_scientific_name      'Treponema denticola' 
_entity_src_gen.pdbx_gene_src_ncbi_taxonomy_id     158 
_entity_src_gen.pdbx_gene_src_variant              ? 
_entity_src_gen.pdbx_gene_src_cell_line            ? 
_entity_src_gen.pdbx_gene_src_atcc                 ? 
_entity_src_gen.pdbx_gene_src_organ                ? 
_entity_src_gen.pdbx_gene_src_organelle            ? 
_entity_src_gen.pdbx_gene_src_cell                 ? 
_entity_src_gen.pdbx_gene_src_cellular_location    ? 
_entity_src_gen.host_org_common_name               ? 
_entity_src_gen.pdbx_host_org_scientific_name      'Escherichia coli BL21(DE3)' 
_entity_src_gen.pdbx_host_org_ncbi_taxonomy_id     469008 
_entity_src_gen.host_org_genus                     ? 
_entity_src_gen.pdbx_host_org_gene                 ? 
_entity_src_gen.pdbx_host_org_organ                ? 
_entity_src_gen.host_org_species                   ? 
_entity_src_gen.pdbx_host_org_tissue               ? 
_entity_src_gen.pdbx_host_org_tissue_fraction      ? 
_entity_src_gen.pdbx_host_org_strain               ? 
_entity_src_gen.pdbx_host_org_variant              ? 
_entity_src_gen.pdbx_host_org_cell_line            ? 
_entity_src_gen.pdbx_host_org_atcc                 ? 
_entity_src_gen.pdbx_host_org_culture_collection   ? 
_entity_src_gen.pdbx_host_org_cell                 ? 
_entity_src_gen.pdbx_host_org_organelle            ? 
_entity_src_gen.pdbx_host_org_cellular_location    ? 
_entity_src_gen.pdbx_host_org_vector_type          ? 
_entity_src_gen.pdbx_host_org_vector               ? 
_entity_src_gen.host_org_details                   ? 
_entity_src_gen.expression_system_id               ? 
_entity_src_gen.plasmid_name                       ? 
_entity_src_gen.plasmid_details                    ? 
_entity_src_gen.pdbx_description                   ? 
# 
loop_
_chem_comp.id 
_chem_comp.type 
_chem_comp.mon_nstd_flag 
_chem_comp.name 
_chem_comp.pdbx_synonyms 
_chem_comp.formula 
_chem_comp.formula_weight 
ALA 'L-peptide linking' y ALANINE         ? 'C3 H7 N O2'     89.093  
ARG 'L-peptide linking' y ARGININE        ? 'C6 H15 N4 O2 1' 175.209 
ASN 'L-peptide linking' y ASPARAGINE      ? 'C4 H8 N2 O3'    132.118 
ASP 'L-peptide linking' y 'ASPARTIC ACID' ? 'C4 H7 N O4'     133.103 
CYS 'L-peptide linking' y CYSTEINE        ? 'C3 H7 N O2 S'   121.158 
GLN 'L-peptide linking' y GLUTAMINE       ? 'C5 H10 N2 O3'   146.144 
GLU 'L-peptide linking' y 'GLUTAMIC ACID' ? 'C5 H9 N O4'     147.129 
GLY 'peptide linking'   y GLYCINE         ? 'C2 H5 N O2'     75.067  
HIS 'L-peptide linking' y HISTIDINE       ? 'C6 H10 N3 O2 1' 156.162 
HOH non-polymer         . WATER           ? 'H2 O'           18.015  
ILE 'L-peptide linking' y ISOLEUCINE      ? 'C6 H13 N O2'    131.173 
LEU 'L-peptide linking' y LEUCINE         ? 'C6 H13 N O2'    131.173 
LYS 'L-peptide linking' y LYSINE          ? 'C6 H15 N2 O2 1' 147.195 
MET 'L-peptide linking' y METHIONINE      ? 'C5 H11 N O2 S'  149.211 
PHE 'L-peptide linking' y PHENYLALANINE   ? 'C9 H11 N O2'    165.189 
PRO 'L-peptide linking' y PROLINE         ? 'C5 H9 N O2'     115.130 
SER 'L-peptide linking' y SERINE          ? 'C3 H7 N O3'     105.093 
THR 'L-peptide linking' y THREONINE       ? 'C4 H9 N O3'     119.119 
TRP 'L-peptide linking' y TRYPTOPHAN      ? 'C11 H12 N2 O2'  204.225 
TYR 'L-peptide linking' y TYROSINE        ? 'C9 H11 N O3'    181.189 
VAL 'L-peptide linking' y VALINE          ? 'C5 H11 N O2'    117.146 
# 
loop_
_pdbx_poly_seq_scheme.asym_id 
_pdbx_poly_seq_scheme.entity_id 
_pdbx_poly_seq_scheme.seq_id 
_pdbx_poly_seq_scheme.mon_id 
_pdbx_poly_seq_scheme.ndb_seq_num 
_pdbx_poly_seq_scheme.pdb_seq_num 
_pdbx_poly_seq_scheme.auth_seq_num 
_pdbx_poly_seq_scheme.pdb_mon_id 
_pdbx_poly_seq_scheme.auth_mon_id 
_pdbx_poly_seq_scheme.pdb_strand_id 
_pdbx_poly_seq_scheme.pdb_ins_code 
_pdbx_poly_seq_scheme.hetero 
A 1 1   MET 1   0   ?   ?   ?   B . n 
A 1 2   ALA 2   1   1   ALA ALA B . n 
A 1 3   LYS 3   2   2   LYS LYS B . n 
A 1 4   ALA 4   3   3   ALA ALA B . n 
A 1 5   THR 5   4   4   THR THR B . n 
A 1 6   THR 6   5   5   THR THR B . n 
A 1 7   SER 7   6   6   SER SER B . n 
A 1 8   VAL 8   7   7   VAL VAL B . n 
A 1 9   ASN 9   8   8   ASN ASN B . n 
A 1 10  TYR 10  9   9   TYR TYR B . n 
A 1 11  ALA 11  10  10  ALA ALA B . n 
A 1 12  CYS 12  11  11  CYS CYS B . n 
A 1 13  ASN 13  12  12  ASN ASN B . n 
A 1 14  LEU 14  13  13  LEU LEU B . n 
A 1 15  ASP 15  14  14  ASP ASP B . n 
A 1 16  LYS 16  15  15  LYS LYS B . n 
A 1 17  ARG 17  16  16  ARG ARG B . n 
A 1 18  LEU 18  17  17  LEU LEU B . n 
A 1 19  PRO 19  18  18  PRO PRO B . n 
A 1 20  GLU 20  19  19  GLU GLU B . n 
A 1 21  LEU 21  20  20  LEU LEU B . n 
A 1 22  PRO 22  21  21  PRO PRO B . n 
A 1 23  GLU 23  22  22  GLU GLU B . n 
A 1 24  GLY 24  23  23  GLY GLY B . n 
A 1 25  ALA 25  24  24  ALA ALA B . n 
A 1 26  ASN 26  25  25  ASN ASN B . n 
A 1 27  ARG 27  26  26  ARG ARG B . n 
A 1 28  ALA 28  27  27  ALA ALA B . n 
A 1 29  GLN 29  28  28  GLN GLN B . n 
A 1 30  ILE 30  29  29  ILE ILE B . n 
A 1 31  LEU 31  30  30  LEU LEU B . n 
A 1 32  GLU 32  31  31  GLU GLU B . n 
A 1 33  SER 33  32  32  SER SER B . n 
A 1 34  THR 34  33  33  THR THR B . n 
A 1 35  TRP 35  34  34  TRP TRP B . n 
A 1 36  SER 36  35  35  SER SER B . n 
A 1 37  THR 37  36  36  THR THR B . n 
A 1 38  GLU 38  37  37  GLU GLU B . n 
A 1 39  PHE 39  38  38  PHE PHE B . n 
A 1 40  LYS 40  39  39  LYS LYS B . n 
A 1 41  VAL 41  40  40  VAL VAL B . n 
A 1 42  TYR 42  41  41  TYR TYR B . n 
A 1 43  ASP 43  42  42  ASP ASP B . n 
A 1 44  SER 44  43  43  SER SER B . n 
A 1 45  PHE 45  44  44  PHE PHE B . n 
A 1 46  GLY 46  45  45  GLY GLY B . n 
A 1 47  GLU 47  46  46  GLU GLU B . n 
A 1 48  ALA 48  47  47  ALA ALA B . n 
A 1 49  HIS 49  48  48  HIS HIS B . n 
A 1 50  GLU 50  49  49  GLU GLU B . n 
A 1 51  LEU 51  50  50  LEU LEU B . n 
A 1 52  GLN 52  51  51  GLN GLN B . n 
A 1 53  ILE 53  52  52  ILE ILE B . n 
A 1 54  ASP 54  53  53  ASP ASP B . n 
A 1 55  PHE 55  54  54  PHE PHE B . n 
A 1 56  ALA 56  55  55  ALA ALA B . n 
A 1 57  ARG 57  56  56  ARG ARG B . n 
A 1 58  VAL 58  57  57  VAL VAL B . n 
A 1 59  PRO 59  58  58  PRO PRO B . n 
A 1 60  GLY 60  59  59  GLY GLY B . n 
A 1 61  GLU 61  60  60  GLU GLU B . n 
A 1 62  VAL 62  61  61  VAL VAL B . n 
A 1 63  ASN 63  62  62  ASN ASN B . n 
A 1 64  ALA 64  63  63  ALA ALA B . n 
A 1 65  TRP 65  64  64  TRP TRP B . n 
A 1 66  ARG 66  65  65  ARG ARG B . n 
A 1 67  ALA 67  66  66  ALA ALA B . n 
A 1 68  THR 68  67  67  THR THR B . n 
A 1 69  VAL 69  68  68  VAL VAL B . n 
A 1 70  ASN 70  69  69  ASN ASN B . n 
A 1 71  VAL 71  70  70  VAL VAL B . n 
A 1 72  ASP 72  71  71  ASP ASP B . n 
A 1 73  PRO 73  72  72  PRO PRO B . n 
A 1 74  THR 74  73  73  THR THR B . n 
A 1 75  ASN 75  74  74  ASN ASN B . n 
A 1 76  ALA 76  75  75  ALA ALA B . n 
A 1 77  ASP 77  76  76  ASP ASP B . n 
A 1 78  ALA 78  77  77  ALA ALA B . n 
A 1 79  THR 79  78  78  THR THR B . n 
A 1 80  ALA 80  79  79  ALA ALA B . n 
A 1 81  THR 81  80  80  THR THR B . n 
A 1 82  ARG 82  81  81  ARG ARG B . n 
A 1 83  VAL 83  82  82  VAL VAL B . n 
A 1 84  GLY 84  83  83  GLY GLY B . n 
A 1 85  ILE 85  84  84  ILE ILE B . n 
A 1 86  GLY 86  85  85  GLY GLY B . n 
A 1 87  THR 87  86  86  THR THR B . n 
A 1 88  THR 88  87  87  THR THR B . n 
A 1 89  ASP 89  88  88  ASP ASP B . n 
A 1 90  GLY 90  89  89  GLY GLY B . n 
A 1 91  VAL 91  90  90  VAL VAL B . n 
A 1 92  GLN 92  91  91  GLN GLN B . n 
A 1 93  ASN 93  92  92  ASN ASN B . n 
A 1 94  SER 94  93  93  SER SER B . n 
A 1 95  PHE 95  94  94  PHE PHE B . n 
A 1 96  ILE 96  95  95  ILE ILE B . n 
A 1 97  VAL 97  96  96  VAL VAL B . n 
A 1 98  ARG 98  97  97  ARG ARG B . n 
A 1 99  PHE 99  98  98  PHE PHE B . n 
A 1 100 ASP 100 99  99  ASP ASP B . n 
A 1 101 ASN 101 100 100 ASN ASN B . n 
A 1 102 ASN 102 101 101 ASN ASN B . n 
A 1 103 GLY 103 102 102 GLY GLY B . n 
A 1 104 HIS 104 103 103 HIS HIS B . n 
A 1 105 LEU 105 104 104 LEU LEU B . n 
A 1 106 ALA 106 105 105 ALA ALA B . n 
A 1 107 SER 107 106 106 SER SER B . n 
A 1 108 VAL 108 107 107 VAL VAL B . n 
A 1 109 THR 109 108 108 THR THR B . n 
A 1 110 ASP 110 109 109 ASP ASP B . n 
A 1 111 THR 111 110 110 THR THR B . n 
A 1 112 ALA 112 111 111 ALA ALA B . n 
A 1 113 GLY 113 112 112 GLY GLY B . n 
A 1 114 ASN 114 113 113 ASN ASN B . n 
A 1 115 VAL 115 114 114 VAL VAL B . n 
A 1 116 THR 116 115 115 THR THR B . n 
A 1 117 SER 117 116 116 SER SER B . n 
A 1 118 PRO 118 117 117 PRO PRO B . n 
A 1 119 ALA 119 118 118 ALA ALA B . n 
A 1 120 GLY 120 119 119 GLY GLY B . n 
A 1 121 GLN 121 120 120 GLN GLN B . n 
A 1 122 VAL 122 121 121 VAL VAL B . n 
A 1 123 LEU 123 122 122 LEU LEU B . n 
A 1 124 VAL 124 123 123 VAL VAL B . n 
A 1 125 GLN 125 124 124 GLN GLN B . n 
A 1 126 ILE 126 125 125 ILE ILE B . n 
A 1 127 SER 127 126 126 SER SER B . n 
A 1 128 TYR 128 127 127 TYR TYR B . n 
A 1 129 ASN 129 128 128 ASN ASN B . n 
A 1 130 VAL 130 129 129 VAL VAL B . n 
A 1 131 VAL 131 130 130 VAL VAL B . n 
A 1 132 GLY 132 131 131 GLY GLY B . n 
A 1 133 ALA 133 132 132 ALA ALA B . n 
A 1 134 ASN 134 133 133 ASN ASN B . n 
A 1 135 PRO 135 134 134 PRO PRO B . n 
A 1 136 ASP 136 135 135 ASP ASP B . n 
A 1 137 GLU 137 136 136 GLU GLU B . n 
A 1 138 ALA 138 137 137 ALA ALA B . n 
A 1 139 GLY 139 138 138 GLY GLY B . n 
A 1 140 ALA 140 139 139 ALA ALA B . n 
A 1 141 PRO 141 140 140 PRO PRO B . n 
A 1 142 THR 142 141 141 THR THR B . n 
A 1 143 ARG 143 142 142 ARG ARG B . n 
A 1 144 HIS 144 143 143 HIS HIS B . n 
A 1 145 THR 145 144 144 THR THR B . n 
A 1 146 PHE 146 145 145 PHE PHE B . n 
A 1 147 ASP 147 146 146 ASP ASP B . n 
A 1 148 VAL 148 147 147 VAL VAL B . n 
A 1 149 ASN 149 148 148 ASN ASN B . n 
A 1 150 LEU 150 149 149 LEU LEU B . n 
A 1 151 GLY 151 150 150 GLY GLY B . n 
A 1 152 GLU 152 151 151 GLU GLU B . n 
A 1 153 ILE 153 152 152 ILE ILE B . n 
A 1 154 GLY 154 153 153 GLY GLY B . n 
A 1 155 THR 155 154 154 THR THR B . n 
A 1 156 SER 156 155 155 SER SER B . n 
A 1 157 LYS 157 156 156 LYS LYS B . n 
A 1 158 ASN 158 157 157 ASN ASN B . n 
A 1 159 THR 159 158 158 THR THR B . n 
A 1 160 ILE 160 159 159 ILE ILE B . n 
A 1 161 THR 161 160 160 THR THR B . n 
A 1 162 GLN 162 161 161 GLN GLN B . n 
A 1 163 PHE 163 162 162 PHE PHE B . n 
A 1 164 SER 164 163 163 SER SER B . n 
A 1 165 ASP 165 164 164 ASP ASP B . n 
A 1 166 LYS 166 165 165 LYS LYS B . n 
A 1 167 SER 167 166 166 SER SER B . n 
A 1 168 THR 168 167 167 THR THR B . n 
A 1 169 THR 169 168 168 THR THR B . n 
A 1 170 ALA 170 169 169 ALA ALA B . n 
A 1 171 ALA 171 170 170 ALA ALA B . n 
A 1 172 TYR 172 171 171 TYR TYR B . n 
A 1 173 GLU 173 172 172 GLU GLU B . n 
A 1 174 GLN 174 173 173 GLN GLN B . n 
A 1 175 ASP 175 174 174 ASP ASP B . n 
A 1 176 GLY 176 175 175 GLY GLY B . n 
A 1 177 TYR 177 176 176 TYR TYR B . n 
A 1 178 THR 178 177 177 THR THR B . n 
# 
loop_
_pdbx_nonpoly_scheme.asym_id 
_pdbx_nonpoly_scheme.entity_id 
_pdbx_nonpoly_scheme.mon_id 
_pdbx_nonpoly_scheme.ndb_seq_num 
_pdbx_nonpoly_scheme.pdb_seq_num 
_pdbx_nonpoly_scheme.auth_seq_num 
_pdbx_nonpoly_scheme.pdb_mon_id 
_pdbx_nonpoly_scheme.auth_mon_id 
_pdbx_nonpoly_scheme.pdb_strand_id 
_pdbx_nonpoly_scheme.pdb_ins_code 
B 2 HOH 1   201 218 HOH HOH B . 
B 2 HOH 2   202 212 HOH HOH B . 
B 2 HOH 3   203 98  HOH HOH B . 
B 2 HOH 4   204 225 HOH HOH B . 
B 2 HOH 5   205 266 HOH HOH B . 
B 2 HOH 6   206 280 HOH HOH B . 
B 2 HOH 7   207 90  HOH HOH B . 
B 2 HOH 8   208 131 HOH HOH B . 
B 2 HOH 9   209 179 HOH HOH B . 
B 2 HOH 10  210 269 HOH HOH B . 
B 2 HOH 11  211 45  HOH HOH B . 
B 2 HOH 12  212 88  HOH HOH B . 
B 2 HOH 13  213 80  HOH HOH B . 
B 2 HOH 14  214 197 HOH HOH B . 
B 2 HOH 15  215 208 HOH HOH B . 
B 2 HOH 16  216 119 HOH HOH B . 
B 2 HOH 17  217 127 HOH HOH B . 
B 2 HOH 18  218 120 HOH HOH B . 
B 2 HOH 19  219 154 HOH HOH B . 
B 2 HOH 20  220 259 HOH HOH B . 
B 2 HOH 21  221 265 HOH HOH B . 
B 2 HOH 22  222 67  HOH HOH B . 
B 2 HOH 23  223 260 HOH HOH B . 
B 2 HOH 24  224 35  HOH HOH B . 
B 2 HOH 25  225 223 HOH HOH B . 
B 2 HOH 26  226 64  HOH HOH B . 
B 2 HOH 27  227 91  HOH HOH B . 
B 2 HOH 28  228 15  HOH HOH B . 
B 2 HOH 29  229 1   HOH HOH B . 
B 2 HOH 30  230 182 HOH HOH B . 
B 2 HOH 31  231 6   HOH HOH B . 
B 2 HOH 32  232 62  HOH HOH B . 
B 2 HOH 33  233 41  HOH HOH B . 
B 2 HOH 34  234 170 HOH HOH B . 
B 2 HOH 35  235 4   HOH HOH B . 
B 2 HOH 36  236 57  HOH HOH B . 
B 2 HOH 37  237 134 HOH HOH B . 
B 2 HOH 38  238 224 HOH HOH B . 
B 2 HOH 39  239 263 HOH HOH B . 
B 2 HOH 40  240 44  HOH HOH B . 
B 2 HOH 41  241 181 HOH HOH B . 
B 2 HOH 42  242 96  HOH HOH B . 
B 2 HOH 43  243 86  HOH HOH B . 
B 2 HOH 44  244 200 HOH HOH B . 
B 2 HOH 45  245 113 HOH HOH B . 
B 2 HOH 46  246 3   HOH HOH B . 
B 2 HOH 47  247 213 HOH HOH B . 
B 2 HOH 48  248 281 HOH HOH B . 
B 2 HOH 49  249 74  HOH HOH B . 
B 2 HOH 50  250 162 HOH HOH B . 
B 2 HOH 51  251 68  HOH HOH B . 
B 2 HOH 52  252 39  HOH HOH B . 
B 2 HOH 53  253 34  HOH HOH B . 
B 2 HOH 54  254 40  HOH HOH B . 
B 2 HOH 55  255 69  HOH HOH B . 
B 2 HOH 56  256 229 HOH HOH B . 
B 2 HOH 57  257 76  HOH HOH B . 
B 2 HOH 58  258 42  HOH HOH B . 
B 2 HOH 59  259 5   HOH HOH B . 
B 2 HOH 60  260 53  HOH HOH B . 
B 2 HOH 61  261 192 HOH HOH B . 
B 2 HOH 62  262 26  HOH HOH B . 
B 2 HOH 63  263 140 HOH HOH B . 
B 2 HOH 64  264 249 HOH HOH B . 
B 2 HOH 65  265 81  HOH HOH B . 
B 2 HOH 66  266 135 HOH HOH B . 
B 2 HOH 67  267 25  HOH HOH B . 
B 2 HOH 68  268 17  HOH HOH B . 
B 2 HOH 69  269 116 HOH HOH B . 
B 2 HOH 70  270 56  HOH HOH B . 
B 2 HOH 71  271 184 HOH HOH B . 
B 2 HOH 72  272 11  HOH HOH B . 
B 2 HOH 73  273 203 HOH HOH B . 
B 2 HOH 74  274 121 HOH HOH B . 
B 2 HOH 75  275 84  HOH HOH B . 
B 2 HOH 76  276 14  HOH HOH B . 
B 2 HOH 77  277 156 HOH HOH B . 
B 2 HOH 78  278 2   HOH HOH B . 
B 2 HOH 79  279 8   HOH HOH B . 
B 2 HOH 80  280 168 HOH HOH B . 
B 2 HOH 81  281 55  HOH HOH B . 
B 2 HOH 82  282 70  HOH HOH B . 
B 2 HOH 83  283 92  HOH HOH B . 
B 2 HOH 84  284 160 HOH HOH B . 
B 2 HOH 85  285 50  HOH HOH B . 
B 2 HOH 86  286 18  HOH HOH B . 
B 2 HOH 87  287 141 HOH HOH B . 
B 2 HOH 88  288 193 HOH HOH B . 
B 2 HOH 89  289 108 HOH HOH B . 
B 2 HOH 90  290 9   HOH HOH B . 
B 2 HOH 91  291 114 HOH HOH B . 
B 2 HOH 92  292 21  HOH HOH B . 
B 2 HOH 93  293 177 HOH HOH B . 
B 2 HOH 94  294 133 HOH HOH B . 
B 2 HOH 95  295 146 HOH HOH B . 
B 2 HOH 96  296 144 HOH HOH B . 
B 2 HOH 97  297 130 HOH HOH B . 
B 2 HOH 98  298 196 HOH HOH B . 
B 2 HOH 99  299 99  HOH HOH B . 
B 2 HOH 100 300 12  HOH HOH B . 
B 2 HOH 101 301 157 HOH HOH B . 
B 2 HOH 102 302 54  HOH HOH B . 
B 2 HOH 103 303 19  HOH HOH B . 
B 2 HOH 104 304 207 HOH HOH B . 
B 2 HOH 105 305 10  HOH HOH B . 
B 2 HOH 106 306 110 HOH HOH B . 
B 2 HOH 107 307 117 HOH HOH B . 
B 2 HOH 108 308 194 HOH HOH B . 
B 2 HOH 109 309 16  HOH HOH B . 
B 2 HOH 110 310 28  HOH HOH B . 
B 2 HOH 111 311 58  HOH HOH B . 
B 2 HOH 112 312 22  HOH HOH B . 
B 2 HOH 113 313 122 HOH HOH B . 
B 2 HOH 114 314 173 HOH HOH B . 
B 2 HOH 115 315 71  HOH HOH B . 
B 2 HOH 116 316 231 HOH HOH B . 
B 2 HOH 117 317 60  HOH HOH B . 
B 2 HOH 118 318 61  HOH HOH B . 
B 2 HOH 119 319 112 HOH HOH B . 
B 2 HOH 120 320 104 HOH HOH B . 
B 2 HOH 121 321 85  HOH HOH B . 
B 2 HOH 122 322 118 HOH HOH B . 
B 2 HOH 123 323 30  HOH HOH B . 
B 2 HOH 124 324 103 HOH HOH B . 
B 2 HOH 125 325 129 HOH HOH B . 
B 2 HOH 126 326 246 HOH HOH B . 
B 2 HOH 127 327 23  HOH HOH B . 
B 2 HOH 128 328 142 HOH HOH B . 
B 2 HOH 129 329 187 HOH HOH B . 
B 2 HOH 130 330 202 HOH HOH B . 
B 2 HOH 131 331 191 HOH HOH B . 
B 2 HOH 132 332 24  HOH HOH B . 
B 2 HOH 133 333 152 HOH HOH B . 
B 2 HOH 134 334 205 HOH HOH B . 
B 2 HOH 135 335 232 HOH HOH B . 
B 2 HOH 136 336 185 HOH HOH B . 
B 2 HOH 137 337 124 HOH HOH B . 
B 2 HOH 138 338 115 HOH HOH B . 
B 2 HOH 139 339 106 HOH HOH B . 
B 2 HOH 140 340 75  HOH HOH B . 
B 2 HOH 141 341 125 HOH HOH B . 
B 2 HOH 142 342 138 HOH HOH B . 
B 2 HOH 143 343 66  HOH HOH B . 
B 2 HOH 144 344 20  HOH HOH B . 
B 2 HOH 145 345 38  HOH HOH B . 
B 2 HOH 146 346 33  HOH HOH B . 
B 2 HOH 147 347 77  HOH HOH B . 
B 2 HOH 148 348 32  HOH HOH B . 
B 2 HOH 149 349 190 HOH HOH B . 
B 2 HOH 150 350 73  HOH HOH B . 
B 2 HOH 151 351 123 HOH HOH B . 
B 2 HOH 152 352 13  HOH HOH B . 
B 2 HOH 153 353 7   HOH HOH B . 
B 2 HOH 154 354 31  HOH HOH B . 
B 2 HOH 155 355 49  HOH HOH B . 
B 2 HOH 156 356 186 HOH HOH B . 
B 2 HOH 157 357 195 HOH HOH B . 
B 2 HOH 158 358 37  HOH HOH B . 
B 2 HOH 159 359 89  HOH HOH B . 
B 2 HOH 160 360 63  HOH HOH B . 
B 2 HOH 161 361 46  HOH HOH B . 
B 2 HOH 162 362 65  HOH HOH B . 
B 2 HOH 163 363 216 HOH HOH B . 
B 2 HOH 164 364 175 HOH HOH B . 
B 2 HOH 165 365 59  HOH HOH B . 
B 2 HOH 166 366 189 HOH HOH B . 
B 2 HOH 167 367 79  HOH HOH B . 
B 2 HOH 168 368 183 HOH HOH B . 
B 2 HOH 169 369 155 HOH HOH B . 
B 2 HOH 170 370 275 HOH HOH B . 
B 2 HOH 171 371 210 HOH HOH B . 
B 2 HOH 172 372 149 HOH HOH B . 
B 2 HOH 173 373 271 HOH HOH B . 
B 2 HOH 174 374 111 HOH HOH B . 
B 2 HOH 175 375 78  HOH HOH B . 
B 2 HOH 176 376 36  HOH HOH B . 
B 2 HOH 177 377 47  HOH HOH B . 
B 2 HOH 178 378 29  HOH HOH B . 
B 2 HOH 179 379 222 HOH HOH B . 
B 2 HOH 180 380 235 HOH HOH B . 
B 2 HOH 181 381 244 HOH HOH B . 
B 2 HOH 182 382 167 HOH HOH B . 
B 2 HOH 183 383 95  HOH HOH B . 
B 2 HOH 184 384 166 HOH HOH B . 
B 2 HOH 185 385 102 HOH HOH B . 
B 2 HOH 186 386 236 HOH HOH B . 
B 2 HOH 187 387 137 HOH HOH B . 
B 2 HOH 188 388 239 HOH HOH B . 
B 2 HOH 189 389 273 HOH HOH B . 
B 2 HOH 190 390 230 HOH HOH B . 
B 2 HOH 191 391 215 HOH HOH B . 
B 2 HOH 192 392 101 HOH HOH B . 
B 2 HOH 193 393 172 HOH HOH B . 
B 2 HOH 194 394 100 HOH HOH B . 
B 2 HOH 195 395 126 HOH HOH B . 
B 2 HOH 196 396 43  HOH HOH B . 
B 2 HOH 197 397 255 HOH HOH B . 
B 2 HOH 198 398 150 HOH HOH B . 
B 2 HOH 199 399 247 HOH HOH B . 
B 2 HOH 200 400 283 HOH HOH B . 
B 2 HOH 201 401 258 HOH HOH B . 
B 2 HOH 202 402 252 HOH HOH B . 
B 2 HOH 203 403 226 HOH HOH B . 
B 2 HOH 204 404 253 HOH HOH B . 
B 2 HOH 205 405 109 HOH HOH B . 
B 2 HOH 206 406 48  HOH HOH B . 
B 2 HOH 207 407 94  HOH HOH B . 
B 2 HOH 208 408 188 HOH HOH B . 
B 2 HOH 209 409 228 HOH HOH B . 
B 2 HOH 210 410 243 HOH HOH B . 
B 2 HOH 211 411 268 HOH HOH B . 
B 2 HOH 212 412 217 HOH HOH B . 
B 2 HOH 213 413 251 HOH HOH B . 
B 2 HOH 214 414 233 HOH HOH B . 
B 2 HOH 215 415 211 HOH HOH B . 
B 2 HOH 216 416 161 HOH HOH B . 
B 2 HOH 217 417 276 HOH HOH B . 
B 2 HOH 218 418 242 HOH HOH B . 
B 2 HOH 219 419 158 HOH HOH B . 
B 2 HOH 220 420 176 HOH HOH B . 
B 2 HOH 221 421 163 HOH HOH B . 
B 2 HOH 222 422 139 HOH HOH B . 
B 2 HOH 223 423 199 HOH HOH B . 
B 2 HOH 224 424 250 HOH HOH B . 
B 2 HOH 225 425 174 HOH HOH B . 
B 2 HOH 226 426 227 HOH HOH B . 
B 2 HOH 227 427 245 HOH HOH B . 
B 2 HOH 228 428 147 HOH HOH B . 
B 2 HOH 229 429 105 HOH HOH B . 
B 2 HOH 230 430 169 HOH HOH B . 
B 2 HOH 231 431 206 HOH HOH B . 
B 2 HOH 232 432 143 HOH HOH B . 
B 2 HOH 233 433 234 HOH HOH B . 
B 2 HOH 234 434 165 HOH HOH B . 
B 2 HOH 235 435 221 HOH HOH B . 
B 2 HOH 236 436 148 HOH HOH B . 
B 2 HOH 237 437 107 HOH HOH B . 
B 2 HOH 238 438 151 HOH HOH B . 
B 2 HOH 239 439 180 HOH HOH B . 
B 2 HOH 240 440 256 HOH HOH B . 
B 2 HOH 241 441 52  HOH HOH B . 
B 2 HOH 242 442 145 HOH HOH B . 
B 2 HOH 243 443 219 HOH HOH B . 
B 2 HOH 244 444 87  HOH HOH B . 
B 2 HOH 245 445 171 HOH HOH B . 
B 2 HOH 246 446 278 HOH HOH B . 
B 2 HOH 247 447 178 HOH HOH B . 
B 2 HOH 248 448 267 HOH HOH B . 
B 2 HOH 249 449 209 HOH HOH B . 
B 2 HOH 250 450 254 HOH HOH B . 
B 2 HOH 251 451 27  HOH HOH B . 
B 2 HOH 252 452 237 HOH HOH B . 
B 2 HOH 253 453 82  HOH HOH B . 
B 2 HOH 254 454 214 HOH HOH B . 
B 2 HOH 255 455 153 HOH HOH B . 
B 2 HOH 256 456 198 HOH HOH B . 
B 2 HOH 257 457 51  HOH HOH B . 
B 2 HOH 258 458 164 HOH HOH B . 
B 2 HOH 259 459 201 HOH HOH B . 
B 2 HOH 260 460 204 HOH HOH B . 
B 2 HOH 261 461 262 HOH HOH B . 
B 2 HOH 262 462 272 HOH HOH B . 
B 2 HOH 263 463 159 HOH HOH B . 
B 2 HOH 264 464 220 HOH HOH B . 
B 2 HOH 265 465 83  HOH HOH B . 
B 2 HOH 266 466 97  HOH HOH B . 
B 2 HOH 267 467 264 HOH HOH B . 
B 2 HOH 268 468 248 HOH HOH B . 
B 2 HOH 269 469 128 HOH HOH B . 
B 2 HOH 270 470 132 HOH HOH B . 
B 2 HOH 271 471 93  HOH HOH B . 
B 2 HOH 272 472 240 HOH HOH B . 
B 2 HOH 273 473 72  HOH HOH B . 
B 2 HOH 274 474 279 HOH HOH B . 
B 2 HOH 275 475 241 HOH HOH B . 
B 2 HOH 276 476 136 HOH HOH B . 
B 2 HOH 277 477 277 HOH HOH B . 
B 2 HOH 278 478 282 HOH HOH B . 
B 2 HOH 279 479 270 HOH HOH B . 
B 2 HOH 280 480 257 HOH HOH B . 
B 2 HOH 281 481 238 HOH HOH B . 
B 2 HOH 282 482 261 HOH HOH B . 
B 2 HOH 283 483 274 HOH HOH B . 
# 
loop_
_software.citation_id 
_software.classification 
_software.compiler_name 
_software.compiler_version 
_software.contact_author 
_software.contact_author_email 
_software.date 
_software.description 
_software.dependencies 
_software.hardware 
_software.language 
_software.location 
_software.mods 
_software.name 
_software.os 
_software.os_version 
_software.type 
_software.version 
_software.pdbx_ordinal 
? refinement       ? ? ? ? ? ? ? ? ? ? ? PHENIX    ? ? ? 1.11.1_2575 1 
? 'data reduction' ? ? ? ? ? ? ? ? ? ? ? HKL-2000  ? ? ? .           2 
? 'data scaling'   ? ? ? ? ? ? ? ? ? ? ? SCALEPACK ? ? ? .           3 
? phasing          ? ? ? ? ? ? ? ? ? ? ? PHENIX    ? ? ? .           4 
# 
_cell.angle_alpha                  90.00 
_cell.angle_alpha_esd              ? 
_cell.angle_beta                   104.40 
_cell.angle_beta_esd               ? 
_cell.angle_gamma                  90.00 
_cell.angle_gamma_esd              ? 
_cell.entry_id                     6NDV 
_cell.details                      ? 
_cell.formula_units_Z              ? 
_cell.length_a                     33.163 
_cell.length_a_esd                 ? 
_cell.length_b                     61.344 
_cell.length_b_esd                 ? 
_cell.length_c                     43.800 
_cell.length_c_esd                 ? 
_cell.volume                       ? 
_cell.volume_esd                   ? 
_cell.Z_PDB                        2 
_cell.reciprocal_angle_alpha       ? 
_cell.reciprocal_angle_beta        ? 
_cell.reciprocal_angle_gamma       ? 
_cell.reciprocal_angle_alpha_esd   ? 
_cell.reciprocal_angle_beta_esd    ? 
_cell.reciprocal_angle_gamma_esd   ? 
_cell.reciprocal_length_a          ? 
_cell.reciprocal_length_b          ? 
_cell.reciprocal_length_c          ? 
_cell.reciprocal_length_a_esd      ? 
_cell.reciprocal_length_b_esd      ? 
_cell.reciprocal_length_c_esd      ? 
_cell.pdbx_unique_axis             ? 
# 
_symmetry.entry_id                         6NDV 
_symmetry.cell_setting                     ? 
_symmetry.Int_Tables_number                4 
_symmetry.space_group_name_Hall            ? 
_symmetry.space_group_name_H-M             'P 1 21 1' 
_symmetry.pdbx_full_space_group_name_H-M   ? 
# 
_exptl.absorpt_coefficient_mu     ? 
_exptl.absorpt_correction_T_max   ? 
_exptl.absorpt_correction_T_min   ? 
_exptl.absorpt_correction_type    ? 
_exptl.absorpt_process_details    ? 
_exptl.entry_id                   6NDV 
_exptl.crystals_number            1 
_exptl.details                    ? 
_exptl.method                     'X-RAY DIFFRACTION' 
_exptl.method_details             ? 
# 
_exptl_crystal.colour                      ? 
_exptl_crystal.density_diffrn              ? 
_exptl_crystal.density_Matthews            2.26 
_exptl_crystal.density_method              ? 
_exptl_crystal.density_percent_sol         45.66 
_exptl_crystal.description                 ? 
_exptl_crystal.F_000                       ? 
_exptl_crystal.id                          1 
_exptl_crystal.preparation                 ? 
_exptl_crystal.size_max                    ? 
_exptl_crystal.size_mid                    ? 
_exptl_crystal.size_min                    ? 
_exptl_crystal.size_rad                    ? 
_exptl_crystal.colour_lustre               ? 
_exptl_crystal.colour_modifier             ? 
_exptl_crystal.colour_primary              ? 
_exptl_crystal.density_meas                ? 
_exptl_crystal.density_meas_esd            ? 
_exptl_crystal.density_meas_gt             ? 
_exptl_crystal.density_meas_lt             ? 
_exptl_crystal.density_meas_temp           ? 
_exptl_crystal.density_meas_temp_esd       ? 
_exptl_crystal.density_meas_temp_gt        ? 
_exptl_crystal.density_meas_temp_lt        ? 
_exptl_crystal.pdbx_crystal_image_url      ? 
_exptl_crystal.pdbx_crystal_image_format   ? 
_exptl_crystal.pdbx_mosaicity              ? 
_exptl_crystal.pdbx_mosaicity_esd          ? 
# 
_exptl_crystal_grow.apparatus       ? 
_exptl_crystal_grow.atmosphere      ? 
_exptl_crystal_grow.crystal_id      1 
_exptl_crystal_grow.details         ? 
_exptl_crystal_grow.method          'VAPOR DIFFUSION, HANGING DROP' 
_exptl_crystal_grow.method_ref      ? 
_exptl_crystal_grow.pH              7.5 
_exptl_crystal_grow.pressure        ? 
_exptl_crystal_grow.pressure_esd    ? 
_exptl_crystal_grow.seeding         ? 
_exptl_crystal_grow.seeding_ref     ? 
_exptl_crystal_grow.temp            298 
_exptl_crystal_grow.temp_details    ? 
_exptl_crystal_grow.temp_esd        ? 
_exptl_crystal_grow.time            ? 
_exptl_crystal_grow.pdbx_details    '100 mM HEPES, 2.0 M Ammonium sulfate' 
_exptl_crystal_grow.pdbx_pH_range   ? 
# 
_diffrn.ambient_environment              ? 
_diffrn.ambient_temp                     80 
_diffrn.ambient_temp_details             ? 
_diffrn.ambient_temp_esd                 ? 
_diffrn.crystal_id                       1 
_diffrn.crystal_support                  ? 
_diffrn.crystal_treatment                ? 
_diffrn.details                          ? 
_diffrn.id                               1 
_diffrn.ambient_pressure                 ? 
_diffrn.ambient_pressure_esd             ? 
_diffrn.ambient_pressure_gt              ? 
_diffrn.ambient_pressure_lt              ? 
_diffrn.ambient_temp_gt                  ? 
_diffrn.ambient_temp_lt                  ? 
_diffrn.pdbx_serial_crystal_experiment   N 
# 
_diffrn_detector.details                      ? 
_diffrn_detector.detector                     CCD 
_diffrn_detector.diffrn_id                    1 
_diffrn_detector.type                         'ADSC QUANTUM 315r' 
_diffrn_detector.area_resol_mean              ? 
_diffrn_detector.dtime                        ? 
_diffrn_detector.pdbx_frames_total            ? 
_diffrn_detector.pdbx_collection_time_total   ? 
_diffrn_detector.pdbx_collection_date         2016-12-07 
_diffrn_detector.pdbx_frequency               ? 
# 
_diffrn_radiation.collimation                      ? 
_diffrn_radiation.diffrn_id                        1 
_diffrn_radiation.filter_edge                      ? 
_diffrn_radiation.inhomogeneity                    ? 
_diffrn_radiation.monochromator                    ? 
_diffrn_radiation.polarisn_norm                    ? 
_diffrn_radiation.polarisn_ratio                   ? 
_diffrn_radiation.probe                            ? 
_diffrn_radiation.type                             ? 
_diffrn_radiation.xray_symbol                      ? 
_diffrn_radiation.wavelength_id                    1 
_diffrn_radiation.pdbx_monochromatic_or_laue_m_l   M 
_diffrn_radiation.pdbx_wavelength_list             ? 
_diffrn_radiation.pdbx_wavelength                  ? 
_diffrn_radiation.pdbx_diffrn_protocol             'SINGLE WAVELENGTH' 
_diffrn_radiation.pdbx_analyzer                    ? 
_diffrn_radiation.pdbx_scattering_type             x-ray 
# 
_diffrn_radiation_wavelength.id           1 
_diffrn_radiation_wavelength.wavelength   0.97918 
_diffrn_radiation_wavelength.wt           1.0 
# 
_diffrn_source.current                     ? 
_diffrn_source.details                     ? 
_diffrn_source.diffrn_id                   1 
_diffrn_source.power                       ? 
_diffrn_source.size                        ? 
_diffrn_source.source                      SYNCHROTRON 
_diffrn_source.target                      ? 
_diffrn_source.type                        'APS BEAMLINE 24-ID-E' 
_diffrn_source.voltage                     ? 
_diffrn_source.take-off_angle              ? 
_diffrn_source.pdbx_wavelength_list        0.97918 
_diffrn_source.pdbx_wavelength             ? 
_diffrn_source.pdbx_synchrotron_beamline   24-ID-E 
_diffrn_source.pdbx_synchrotron_site       APS 
# 
_reflns.B_iso_Wilson_estimate            10.15 
_reflns.entry_id                         6NDV 
_reflns.data_reduction_details           ? 
_reflns.data_reduction_method            ? 
_reflns.d_resolution_high                1.50 
_reflns.d_resolution_low                 50.0 
_reflns.details                          ? 
_reflns.limit_h_max                      ? 
_reflns.limit_h_min                      ? 
_reflns.limit_k_max                      ? 
_reflns.limit_k_min                      ? 
_reflns.limit_l_max                      ? 
_reflns.limit_l_min                      ? 
_reflns.number_all                       ? 
_reflns.number_obs                       26374 
_reflns.observed_criterion               ? 
_reflns.observed_criterion_F_max         ? 
_reflns.observed_criterion_F_min         ? 
_reflns.observed_criterion_I_max         ? 
_reflns.observed_criterion_I_min         ? 
_reflns.observed_criterion_sigma_F       ? 
_reflns.observed_criterion_sigma_I       ? 
_reflns.percent_possible_obs             97.2 
_reflns.R_free_details                   ? 
_reflns.Rmerge_F_all                     ? 
_reflns.Rmerge_F_obs                     ? 
_reflns.Friedel_coverage                 ? 
_reflns.number_gt                        ? 
_reflns.threshold_expression             ? 
_reflns.pdbx_redundancy                  5.9 
_reflns.pdbx_Rmerge_I_obs                0.077 
_reflns.pdbx_Rmerge_I_all                ? 
_reflns.pdbx_Rsym_value                  ? 
_reflns.pdbx_netI_over_av_sigmaI         ? 
_reflns.pdbx_netI_over_sigmaI            21.5 
_reflns.pdbx_res_netI_over_av_sigmaI_2   ? 
_reflns.pdbx_res_netI_over_sigmaI_2      ? 
_reflns.pdbx_chi_squared                 ? 
_reflns.pdbx_scaling_rejects             ? 
_reflns.pdbx_d_res_high_opt              ? 
_reflns.pdbx_d_res_low_opt               ? 
_reflns.pdbx_d_res_opt_method            ? 
_reflns.phase_calculation_details        ? 
_reflns.pdbx_Rrim_I_all                  0.085 
_reflns.pdbx_Rpim_I_all                  0.034 
_reflns.pdbx_d_opt                       ? 
_reflns.pdbx_number_measured_all         ? 
_reflns.pdbx_diffrn_id                   1 
_reflns.pdbx_ordinal                     1 
_reflns.pdbx_CC_half                     0.98 
_reflns.pdbx_R_split                     ? 
# 
_reflns_shell.d_res_high                  1.50 
_reflns_shell.d_res_low                   1.55 
_reflns_shell.meanI_over_sigI_all         ? 
_reflns_shell.meanI_over_sigI_obs         ? 
_reflns_shell.number_measured_all         ? 
_reflns_shell.number_measured_obs         ? 
_reflns_shell.number_possible             ? 
_reflns_shell.number_unique_all           ? 
_reflns_shell.number_unique_obs           2568 
_reflns_shell.percent_possible_all        95.1 
_reflns_shell.percent_possible_obs        ? 
_reflns_shell.Rmerge_F_all                ? 
_reflns_shell.Rmerge_F_obs                ? 
_reflns_shell.Rmerge_I_all                ? 
_reflns_shell.Rmerge_I_obs                ? 
_reflns_shell.meanI_over_sigI_gt          ? 
_reflns_shell.meanI_over_uI_all           ? 
_reflns_shell.meanI_over_uI_gt            ? 
_reflns_shell.number_measured_gt          ? 
_reflns_shell.number_unique_gt            ? 
_reflns_shell.percent_possible_gt         ? 
_reflns_shell.Rmerge_F_gt                 ? 
_reflns_shell.Rmerge_I_gt                 ? 
_reflns_shell.pdbx_redundancy             6.0 
_reflns_shell.pdbx_Rsym_value             ? 
_reflns_shell.pdbx_chi_squared            ? 
_reflns_shell.pdbx_netI_over_sigmaI_all   ? 
_reflns_shell.pdbx_netI_over_sigmaI_obs   ? 
_reflns_shell.pdbx_Rrim_I_all             ? 
_reflns_shell.pdbx_Rpim_I_all             ? 
_reflns_shell.pdbx_rejects                ? 
_reflns_shell.pdbx_ordinal                1 
_reflns_shell.pdbx_diffrn_id              1 
_reflns_shell.pdbx_CC_half                0.95 
_reflns_shell.pdbx_R_split                ? 
# 
_refine.aniso_B[1][1]                            ? 
_refine.aniso_B[1][2]                            ? 
_refine.aniso_B[1][3]                            ? 
_refine.aniso_B[2][2]                            ? 
_refine.aniso_B[2][3]                            ? 
_refine.aniso_B[3][3]                            ? 
_refine.B_iso_max                                ? 
_refine.B_iso_mean                               ? 
_refine.B_iso_min                                ? 
_refine.correlation_coeff_Fo_to_Fc               ? 
_refine.correlation_coeff_Fo_to_Fc_free          ? 
_refine.details                                  ? 
_refine.diff_density_max                         ? 
_refine.diff_density_max_esd                     ? 
_refine.diff_density_min                         ? 
_refine.diff_density_min_esd                     ? 
_refine.diff_density_rms                         ? 
_refine.diff_density_rms_esd                     ? 
_refine.entry_id                                 6NDV 
_refine.pdbx_refine_id                           'X-RAY DIFFRACTION' 
_refine.ls_abs_structure_details                 ? 
_refine.ls_abs_structure_Flack                   ? 
_refine.ls_abs_structure_Flack_esd               ? 
_refine.ls_abs_structure_Rogers                  ? 
_refine.ls_abs_structure_Rogers_esd              ? 
_refine.ls_d_res_high                            1.502 
_refine.ls_d_res_low                             34.892 
_refine.ls_extinction_coef                       ? 
_refine.ls_extinction_coef_esd                   ? 
_refine.ls_extinction_expression                 ? 
_refine.ls_extinction_method                     ? 
_refine.ls_goodness_of_fit_all                   ? 
_refine.ls_goodness_of_fit_all_esd               ? 
_refine.ls_goodness_of_fit_obs                   ? 
_refine.ls_goodness_of_fit_obs_esd               ? 
_refine.ls_hydrogen_treatment                    ? 
_refine.ls_matrix_type                           ? 
_refine.ls_number_constraints                    ? 
_refine.ls_number_parameters                     ? 
_refine.ls_number_reflns_all                     ? 
_refine.ls_number_reflns_obs                     26374 
_refine.ls_number_reflns_R_free                  2000 
_refine.ls_number_reflns_R_work                  ? 
_refine.ls_number_restraints                     ? 
_refine.ls_percent_reflns_obs                    97.22 
_refine.ls_percent_reflns_R_free                 7.58 
_refine.ls_R_factor_all                          ? 
_refine.ls_R_factor_obs                          0.1596 
_refine.ls_R_factor_R_free                       0.1777 
_refine.ls_R_factor_R_free_error                 ? 
_refine.ls_R_factor_R_free_error_details         ? 
_refine.ls_R_factor_R_work                       0.1581 
_refine.ls_R_Fsqd_factor_obs                     ? 
_refine.ls_R_I_factor_obs                        ? 
_refine.ls_redundancy_reflns_all                 ? 
_refine.ls_redundancy_reflns_obs                 ? 
_refine.ls_restrained_S_all                      ? 
_refine.ls_restrained_S_obs                      ? 
_refine.ls_shift_over_esd_max                    ? 
_refine.ls_shift_over_esd_mean                   ? 
_refine.ls_structure_factor_coef                 ? 
_refine.ls_weighting_details                     ? 
_refine.ls_weighting_scheme                      ? 
_refine.ls_wR_factor_all                         ? 
_refine.ls_wR_factor_obs                         ? 
_refine.ls_wR_factor_R_free                      ? 
_refine.ls_wR_factor_R_work                      ? 
_refine.occupancy_max                            ? 
_refine.occupancy_min                            ? 
_refine.solvent_model_details                    ? 
_refine.solvent_model_param_bsol                 ? 
_refine.solvent_model_param_ksol                 ? 
_refine.ls_R_factor_gt                           ? 
_refine.ls_goodness_of_fit_gt                    ? 
_refine.ls_goodness_of_fit_ref                   ? 
_refine.ls_shift_over_su_max                     ? 
_refine.ls_shift_over_su_max_lt                  ? 
_refine.ls_shift_over_su_mean                    ? 
_refine.ls_shift_over_su_mean_lt                 ? 
_refine.pdbx_ls_sigma_I                          ? 
_refine.pdbx_ls_sigma_F                          1.38 
_refine.pdbx_ls_sigma_Fsqd                       ? 
_refine.pdbx_data_cutoff_high_absF               ? 
_refine.pdbx_data_cutoff_high_rms_absF           ? 
_refine.pdbx_data_cutoff_low_absF                ? 
_refine.pdbx_isotropic_thermal_model             ? 
_refine.pdbx_ls_cross_valid_method               'FREE R-VALUE' 
_refine.pdbx_method_to_determine_struct          ? 
_refine.pdbx_starting_model                      ? 
_refine.pdbx_stereochemistry_target_values       ? 
_refine.pdbx_R_Free_selection_details            ? 
_refine.pdbx_stereochem_target_val_spec_case     ? 
_refine.pdbx_overall_ESU_R                       ? 
_refine.pdbx_overall_ESU_R_Free                  ? 
_refine.pdbx_solvent_vdw_probe_radii             1.11 
_refine.pdbx_solvent_ion_probe_radii             ? 
_refine.pdbx_solvent_shrinkage_radii             0.90 
_refine.pdbx_real_space_R                        ? 
_refine.pdbx_density_correlation                 ? 
_refine.pdbx_pd_number_of_powder_patterns        ? 
_refine.pdbx_pd_number_of_points                 ? 
_refine.pdbx_pd_meas_number_of_points            ? 
_refine.pdbx_pd_proc_ls_prof_R_factor            ? 
_refine.pdbx_pd_proc_ls_prof_wR_factor           ? 
_refine.pdbx_pd_Marquardt_correlation_coeff      ? 
_refine.pdbx_pd_Fsqrd_R_factor                   ? 
_refine.pdbx_pd_ls_matrix_band_width             ? 
_refine.pdbx_overall_phase_error                 16.65 
_refine.pdbx_overall_SU_R_free_Cruickshank_DPI   ? 
_refine.pdbx_overall_SU_R_free_Blow_DPI          ? 
_refine.pdbx_overall_SU_R_Blow_DPI               ? 
_refine.pdbx_TLS_residual_ADP_flag               ? 
_refine.pdbx_diffrn_id                           1 
_refine.overall_SU_B                             ? 
_refine.overall_SU_ML                            0.10 
_refine.overall_SU_R_Cruickshank_DPI             ? 
_refine.overall_SU_R_free                        ? 
_refine.overall_FOM_free_R_set                   ? 
_refine.overall_FOM_work_R_set                   ? 
_refine.pdbx_average_fsc_overall                 ? 
_refine.pdbx_average_fsc_work                    ? 
_refine.pdbx_average_fsc_free                    ? 
# 
_refine_hist.pdbx_refine_id                   'X-RAY DIFFRACTION' 
_refine_hist.cycle_id                         LAST 
_refine_hist.pdbx_number_atoms_protein        1334 
_refine_hist.pdbx_number_atoms_nucleic_acid   0 
_refine_hist.pdbx_number_atoms_ligand         0 
_refine_hist.number_atoms_solvent             283 
_refine_hist.number_atoms_total               1617 
_refine_hist.d_res_high                       1.502 
_refine_hist.d_res_low                        34.892 
# 
loop_
_refine_ls_restr.pdbx_refine_id 
_refine_ls_restr.criterion 
_refine_ls_restr.dev_ideal 
_refine_ls_restr.dev_ideal_target 
_refine_ls_restr.number 
_refine_ls_restr.rejects 
_refine_ls_restr.type 
_refine_ls_restr.weight 
_refine_ls_restr.pdbx_restraint_function 
'X-RAY DIFFRACTION' ? 0.005 ? 1359 ? f_bond_d           ? ? 
'X-RAY DIFFRACTION' ? 0.780 ? 1858 ? f_angle_d          ? ? 
'X-RAY DIFFRACTION' ? 7.182 ? 799  ? f_dihedral_angle_d ? ? 
'X-RAY DIFFRACTION' ? 0.056 ? 215  ? f_chiral_restr     ? ? 
'X-RAY DIFFRACTION' ? 0.006 ? 250  ? f_plane_restr      ? ? 
# 
loop_
_refine_ls_shell.pdbx_refine_id 
_refine_ls_shell.d_res_high 
_refine_ls_shell.d_res_low 
_refine_ls_shell.number_reflns_all 
_refine_ls_shell.number_reflns_obs 
_refine_ls_shell.number_reflns_R_free 
_refine_ls_shell.number_reflns_R_work 
_refine_ls_shell.percent_reflns_obs 
_refine_ls_shell.percent_reflns_R_free 
_refine_ls_shell.R_factor_all 
_refine_ls_shell.R_factor_obs 
_refine_ls_shell.R_factor_R_free 
_refine_ls_shell.R_factor_R_free_error 
_refine_ls_shell.R_factor_R_work 
_refine_ls_shell.redundancy_reflns_all 
_refine_ls_shell.redundancy_reflns_obs 
_refine_ls_shell.wR_factor_all 
_refine_ls_shell.wR_factor_obs 
_refine_ls_shell.wR_factor_R_free 
_refine_ls_shell.wR_factor_R_work 
_refine_ls_shell.pdbx_total_number_of_bins_used 
_refine_ls_shell.pdbx_phase_error 
_refine_ls_shell.pdbx_fsc_work 
_refine_ls_shell.pdbx_fsc_free 
'X-RAY DIFFRACTION' 1.5024 1.5400  . . 137 1662 95.00 . . . 0.1871 . 0.1592 . . . . . . . . . . 
'X-RAY DIFFRACTION' 1.5400 1.5816  . . 141 1726 96.00 . . . 0.1820 . 0.1605 . . . . . . . . . . 
'X-RAY DIFFRACTION' 1.5816 1.6281  . . 141 1725 96.00 . . . 0.1799 . 0.1555 . . . . . . . . . . 
'X-RAY DIFFRACTION' 1.6281 1.6807  . . 140 1705 97.00 . . . 0.1730 . 0.1550 . . . . . . . . . . 
'X-RAY DIFFRACTION' 1.6807 1.7408  . . 143 1736 96.00 . . . 0.2158 . 0.1606 . . . . . . . . . . 
'X-RAY DIFFRACTION' 1.7408 1.8104  . . 142 1724 97.00 . . . 0.2001 . 0.1604 . . . . . . . . . . 
'X-RAY DIFFRACTION' 1.8104 1.8928  . . 142 1731 97.00 . . . 0.1941 . 0.1622 . . . . . . . . . . 
'X-RAY DIFFRACTION' 1.8928 1.9926  . . 144 1759 97.00 . . . 0.1675 . 0.1531 . . . . . . . . . . 
'X-RAY DIFFRACTION' 1.9926 2.1175  . . 142 1733 98.00 . . . 0.1520 . 0.1461 . . . . . . . . . . 
'X-RAY DIFFRACTION' 2.1175 2.2809  . . 145 1775 98.00 . . . 0.1720 . 0.1594 . . . . . . . . . . 
'X-RAY DIFFRACTION' 2.2809 2.5104  . . 145 1760 98.00 . . . 0.1940 . 0.1680 . . . . . . . . . . 
'X-RAY DIFFRACTION' 2.5104 2.8735  . . 143 1751 99.00 . . . 0.1819 . 0.1682 . . . . . . . . . . 
'X-RAY DIFFRACTION' 2.8735 3.6197  . . 149 1796 99.00 . . . 0.1679 . 0.1546 . . . . . . . . . . 
'X-RAY DIFFRACTION' 3.6197 34.9016 . . 146 1791 98.00 . . . 0.1727 . 0.1549 . . . . . . . . . . 
# 
_struct.entry_id                     6NDV 
_struct.title                        'FlgE D2 domain K336A mutant' 
_struct.pdbx_model_details           ? 
_struct.pdbx_formula_weight          ? 
_struct.pdbx_formula_weight_method   ? 
_struct.pdbx_model_type_details      ? 
_struct.pdbx_CASP_flag               N 
# 
_struct_keywords.entry_id        6NDV 
_struct_keywords.text            
'hook, lysinoalanine, crosslinking, spirochetes, periodontal disease, FlgE, dehydroalanine, MOTOR PROTEIN' 
_struct_keywords.pdbx_keywords   'MOTOR PROTEIN' 
# 
loop_
_struct_asym.id 
_struct_asym.pdbx_blank_PDB_chainid_flag 
_struct_asym.pdbx_modified 
_struct_asym.entity_id 
_struct_asym.details 
A N N 1 ? 
B N N 2 ? 
# 
_struct_ref.id                         1 
_struct_ref.db_name                    UNP 
_struct_ref.db_code                    Q9RQB6_TREDN 
_struct_ref.pdbx_db_accession          Q9RQB6 
_struct_ref.pdbx_db_isoform            ? 
_struct_ref.entity_id                  1 
_struct_ref.pdbx_seq_one_letter_code   
;AKATTSVNYACNLDKRLPELPEGANRAQILESTWSTEFKVYDSFGEAHELQIDFARVPGEVNAWRATVNVDPTNADATAT
RVGIGTTDGVQNSFIVRFDNNGHLASVTDTAGNVTSPAGQVLVQISYNVVGANPDEAGAPTRHTFDVNLGEIGTSKNTIT
QFSDKSTTKAYEQDGYT
;
_struct_ref.pdbx_align_begin           168 
# 
_struct_ref_seq.align_id                      1 
_struct_ref_seq.ref_id                        1 
_struct_ref_seq.pdbx_PDB_id_code              6NDV 
_struct_ref_seq.pdbx_strand_id                B 
_struct_ref_seq.seq_align_beg                 2 
_struct_ref_seq.pdbx_seq_align_beg_ins_code   ? 
_struct_ref_seq.seq_align_end                 178 
_struct_ref_seq.pdbx_seq_align_end_ins_code   ? 
_struct_ref_seq.pdbx_db_accession             Q9RQB6 
_struct_ref_seq.db_align_beg                  168 
_struct_ref_seq.pdbx_db_align_beg_ins_code    ? 
_struct_ref_seq.db_align_end                  344 
_struct_ref_seq.pdbx_db_align_end_ins_code    ? 
_struct_ref_seq.pdbx_auth_seq_align_beg       1 
_struct_ref_seq.pdbx_auth_seq_align_end       177 
# 
loop_
_struct_ref_seq_dif.align_id 
_struct_ref_seq_dif.pdbx_pdb_id_code 
_struct_ref_seq_dif.mon_id 
_struct_ref_seq_dif.pdbx_pdb_strand_id 
_struct_ref_seq_dif.seq_num 
_struct_ref_seq_dif.pdbx_pdb_ins_code 
_struct_ref_seq_dif.pdbx_seq_db_name 
_struct_ref_seq_dif.pdbx_seq_db_accession_code 
_struct_ref_seq_dif.db_mon_id 
_struct_ref_seq_dif.pdbx_seq_db_seq_num 
_struct_ref_seq_dif.details 
_struct_ref_seq_dif.pdbx_auth_seq_num 
_struct_ref_seq_dif.pdbx_ordinal 
1 6NDV MET B 1   ? UNP Q9RQB6 ?   ?   'initiating methionine' 0   1 
1 6NDV ALA B 170 ? UNP Q9RQB6 LYS 336 'engineered mutation'   169 2 
# 
_pdbx_struct_assembly.id                   1 
_pdbx_struct_assembly.details              author_and_software_defined_assembly 
_pdbx_struct_assembly.method_details       PISA 
_pdbx_struct_assembly.oligomeric_details   monomeric 
_pdbx_struct_assembly.oligomeric_count     1 
# 
_pdbx_struct_assembly_gen.assembly_id       1 
_pdbx_struct_assembly_gen.oper_expression   1 
_pdbx_struct_assembly_gen.asym_id_list      A,B 
# 
_pdbx_struct_assembly_auth_evidence.id                     1 
_pdbx_struct_assembly_auth_evidence.assembly_id            1 
_pdbx_struct_assembly_auth_evidence.experimental_support   none 
_pdbx_struct_assembly_auth_evidence.details                ? 
# 
_pdbx_struct_oper_list.id                   1 
_pdbx_struct_oper_list.type                 'identity operation' 
_pdbx_struct_oper_list.name                 1_555 
_pdbx_struct_oper_list.symmetry_operation   x,y,z 
_pdbx_struct_oper_list.matrix[1][1]         1.0000000000 
_pdbx_struct_oper_list.matrix[1][2]         0.0000000000 
_pdbx_struct_oper_list.matrix[1][3]         0.0000000000 
_pdbx_struct_oper_list.vector[1]            0.0000000000 
_pdbx_struct_oper_list.matrix[2][1]         0.0000000000 
_pdbx_struct_oper_list.matrix[2][2]         1.0000000000 
_pdbx_struct_oper_list.matrix[2][3]         0.0000000000 
_pdbx_struct_oper_list.vector[2]            0.0000000000 
_pdbx_struct_oper_list.matrix[3][1]         0.0000000000 
_pdbx_struct_oper_list.matrix[3][2]         0.0000000000 
_pdbx_struct_oper_list.matrix[3][3]         1.0000000000 
_pdbx_struct_oper_list.vector[3]            0.0000000000 
# 
loop_
_struct_conf.conf_type_id 
_struct_conf.id 
_struct_conf.pdbx_PDB_helix_id 
_struct_conf.beg_label_comp_id 
_struct_conf.beg_label_asym_id 
_struct_conf.beg_label_seq_id 
_struct_conf.pdbx_beg_PDB_ins_code 
_struct_conf.end_label_comp_id 
_struct_conf.end_label_asym_id 
_struct_conf.end_label_seq_id 
_struct_conf.pdbx_end_PDB_ins_code 
_struct_conf.beg_auth_comp_id 
_struct_conf.beg_auth_asym_id 
_struct_conf.beg_auth_seq_id 
_struct_conf.end_auth_comp_id 
_struct_conf.end_auth_asym_id 
_struct_conf.end_auth_seq_id 
_struct_conf.pdbx_PDB_helix_class 
_struct_conf.details 
_struct_conf.pdbx_PDB_helix_length 
HELX_P HELX_P1 AA1 ASN A 26 ? SER A 33 ? ASN B 25 SER B 32 1 ? 8 
HELX_P HELX_P2 AA2 ASN A 75 ? ALA A 80 ? ASN B 74 ALA B 79 1 ? 6 
# 
_struct_conf_type.id          HELX_P 
_struct_conf_type.criteria    ? 
_struct_conf_type.reference   ? 
# 
loop_
_struct_sheet.id 
_struct_sheet.type 
_struct_sheet.number_strands 
_struct_sheet.details 
AA1 ? 5 ? 
AA2 ? 5 ? 
# 
loop_
_struct_sheet_order.sheet_id 
_struct_sheet_order.range_id_1 
_struct_sheet_order.range_id_2 
_struct_sheet_order.offset 
_struct_sheet_order.sense 
AA1 1 2 ? anti-parallel 
AA1 2 3 ? anti-parallel 
AA1 3 4 ? parallel      
AA1 4 5 ? anti-parallel 
AA2 1 2 ? anti-parallel 
AA2 2 3 ? anti-parallel 
AA2 3 4 ? anti-parallel 
AA2 4 5 ? anti-parallel 
# 
loop_
_struct_sheet_range.sheet_id 
_struct_sheet_range.id 
_struct_sheet_range.beg_label_comp_id 
_struct_sheet_range.beg_label_asym_id 
_struct_sheet_range.beg_label_seq_id 
_struct_sheet_range.pdbx_beg_PDB_ins_code 
_struct_sheet_range.end_label_comp_id 
_struct_sheet_range.end_label_asym_id 
_struct_sheet_range.end_label_seq_id 
_struct_sheet_range.pdbx_end_PDB_ins_code 
_struct_sheet_range.beg_auth_comp_id 
_struct_sheet_range.beg_auth_asym_id 
_struct_sheet_range.beg_auth_seq_id 
_struct_sheet_range.end_auth_comp_id 
_struct_sheet_range.end_auth_asym_id 
_struct_sheet_range.end_auth_seq_id 
AA1 1 ARG A 82  ? GLY A 84  ? ARG B 81  GLY B 83  
AA1 2 GLN A 121 ? ASN A 129 ? GLN B 120 ASN B 128 
AA1 3 ARG A 143 ? GLU A 152 ? ARG B 142 GLU B 151 
AA1 4 SER A 7   ? ASN A 13  ? SER B 6   ASN B 12  
AA1 5 THR A 168 ? GLN A 174 ? THR B 167 GLN B 173 
AA2 1 THR A 34  ? TYR A 42  ? THR B 33  TYR B 41  
AA2 2 ALA A 48  ? ARG A 57  ? ALA B 47  ARG B 56  
AA2 3 ALA A 64  ? VAL A 71  ? ALA B 63  VAL B 70  
AA2 4 SER A 94  ? PHE A 99  ? SER B 93  PHE B 98  
AA2 5 LEU A 105 ? ASP A 110 ? LEU B 104 ASP B 109 
# 
loop_
_pdbx_struct_sheet_hbond.sheet_id 
_pdbx_struct_sheet_hbond.range_id_1 
_pdbx_struct_sheet_hbond.range_id_2 
_pdbx_struct_sheet_hbond.range_1_label_atom_id 
_pdbx_struct_sheet_hbond.range_1_label_comp_id 
_pdbx_struct_sheet_hbond.range_1_label_asym_id 
_pdbx_struct_sheet_hbond.range_1_label_seq_id 
_pdbx_struct_sheet_hbond.range_1_PDB_ins_code 
_pdbx_struct_sheet_hbond.range_1_auth_atom_id 
_pdbx_struct_sheet_hbond.range_1_auth_comp_id 
_pdbx_struct_sheet_hbond.range_1_auth_asym_id 
_pdbx_struct_sheet_hbond.range_1_auth_seq_id 
_pdbx_struct_sheet_hbond.range_2_label_atom_id 
_pdbx_struct_sheet_hbond.range_2_label_comp_id 
_pdbx_struct_sheet_hbond.range_2_label_asym_id 
_pdbx_struct_sheet_hbond.range_2_label_seq_id 
_pdbx_struct_sheet_hbond.range_2_PDB_ins_code 
_pdbx_struct_sheet_hbond.range_2_auth_atom_id 
_pdbx_struct_sheet_hbond.range_2_auth_comp_id 
_pdbx_struct_sheet_hbond.range_2_auth_asym_id 
_pdbx_struct_sheet_hbond.range_2_auth_seq_id 
AA1 1 2 N GLY A 84  ? N GLY B 83  O GLN A 125 ? O GLN B 124 
AA1 2 3 N ILE A 126 ? N ILE B 125 O PHE A 146 ? O PHE B 145 
AA1 3 4 O ASN A 149 ? O ASN B 148 N VAL A 8   ? N VAL B 7   
AA1 4 5 N ASN A 9   ? N ASN B 8   O GLU A 173 ? O GLU B 172 
AA2 1 2 N VAL A 41  ? N VAL B 40  O HIS A 49  ? O HIS B 48  
AA2 2 3 N ALA A 56  ? N ALA B 55  O ARG A 66  ? O ARG B 65  
AA2 3 4 N ALA A 67  ? N ALA B 66  O PHE A 95  ? O PHE B 94  
AA2 4 5 N ARG A 98  ? N ARG B 97  O ALA A 106 ? O ALA B 105 
# 
loop_
_pdbx_validate_close_contact.id 
_pdbx_validate_close_contact.PDB_model_num 
_pdbx_validate_close_contact.auth_atom_id_1 
_pdbx_validate_close_contact.auth_asym_id_1 
_pdbx_validate_close_contact.auth_comp_id_1 
_pdbx_validate_close_contact.auth_seq_id_1 
_pdbx_validate_close_contact.PDB_ins_code_1 
_pdbx_validate_close_contact.label_alt_id_1 
_pdbx_validate_close_contact.auth_atom_id_2 
_pdbx_validate_close_contact.auth_asym_id_2 
_pdbx_validate_close_contact.auth_comp_id_2 
_pdbx_validate_close_contact.auth_seq_id_2 
_pdbx_validate_close_contact.PDB_ins_code_2 
_pdbx_validate_close_contact.label_alt_id_2 
_pdbx_validate_close_contact.dist 
1  1 O B HOH 397 ? ? O B HOH 401 ? ? 1.81 
2  1 O B HOH 426 ? ? O B HOH 446 ? ? 1.93 
3  1 O B HOH 349 ? ? O B HOH 433 ? ? 1.97 
4  1 O B HOH 391 ? ? O B HOH 464 ? ? 2.06 
5  1 O B HOH 247 ? ? O B HOH 390 ? ? 2.07 
6  1 O B HOH 201 ? ? O B HOH 424 ? ? 2.09 
7  1 O B HOH 443 ? ? O B HOH 477 ? ? 2.12 
8  1 O B HOH 412 ? ? O B HOH 477 ? ? 2.17 
9  1 O B HOH 412 ? ? O B HOH 443 ? ? 2.18 
10 1 O B HOH 238 ? ? O B HOH 390 ? ? 2.18 
11 1 O B HOH 403 ? ? O B HOH 415 ? ? 2.18 
# 
loop_
_pdbx_validate_symm_contact.id 
_pdbx_validate_symm_contact.PDB_model_num 
_pdbx_validate_symm_contact.auth_atom_id_1 
_pdbx_validate_symm_contact.auth_asym_id_1 
_pdbx_validate_symm_contact.auth_comp_id_1 
_pdbx_validate_symm_contact.auth_seq_id_1 
_pdbx_validate_symm_contact.PDB_ins_code_1 
_pdbx_validate_symm_contact.label_alt_id_1 
_pdbx_validate_symm_contact.site_symmetry_1 
_pdbx_validate_symm_contact.auth_atom_id_2 
_pdbx_validate_symm_contact.auth_asym_id_2 
_pdbx_validate_symm_contact.auth_comp_id_2 
_pdbx_validate_symm_contact.auth_seq_id_2 
_pdbx_validate_symm_contact.PDB_ins_code_2 
_pdbx_validate_symm_contact.label_alt_id_2 
_pdbx_validate_symm_contact.site_symmetry_2 
_pdbx_validate_symm_contact.dist 
1 1 O B HOH 410 ? ? 1_555 O B HOH 411 ? ? 1_554 1.94 
2 1 O B HOH 326 ? ? 1_555 O B HOH 335 ? ? 1_454 1.95 
3 1 O B HOH 380 ? ? 1_555 O B HOH 409 ? ? 2_454 1.99 
4 1 O B HOH 218 ? ? 1_555 O B HOH 388 ? ? 1_454 2.01 
5 1 O B HOH 443 ? ? 1_555 O B HOH 446 ? ? 1_656 2.10 
6 1 O B HOH 450 ? ? 1_555 O B HOH 480 ? ? 2_454 2.15 
7 1 O B HOH 474 ? ? 1_555 O B HOH 482 ? ? 1_656 2.17 
# 
loop_
_pdbx_validate_torsion.id 
_pdbx_validate_torsion.PDB_model_num 
_pdbx_validate_torsion.auth_comp_id 
_pdbx_validate_torsion.auth_asym_id 
_pdbx_validate_torsion.auth_seq_id 
_pdbx_validate_torsion.PDB_ins_code 
_pdbx_validate_torsion.label_alt_id 
_pdbx_validate_torsion.phi 
_pdbx_validate_torsion.psi 
1 1 SER B 32 ? ? -101.54 43.54   
2 1 GLN B 91 ? ? -101.59 -140.21 
# 
_pdbx_unobs_or_zero_occ_residues.id               1 
_pdbx_unobs_or_zero_occ_residues.PDB_model_num    1 
_pdbx_unobs_or_zero_occ_residues.polymer_flag     Y 
_pdbx_unobs_or_zero_occ_residues.occupancy_flag   1 
_pdbx_unobs_or_zero_occ_residues.auth_asym_id     B 
_pdbx_unobs_or_zero_occ_residues.auth_comp_id     MET 
_pdbx_unobs_or_zero_occ_residues.auth_seq_id      0 
_pdbx_unobs_or_zero_occ_residues.PDB_ins_code     ? 
_pdbx_unobs_or_zero_occ_residues.label_asym_id    A 
_pdbx_unobs_or_zero_occ_residues.label_comp_id    MET 
_pdbx_unobs_or_zero_occ_residues.label_seq_id     1 
# 
loop_
_chem_comp_atom.comp_id 
_chem_comp_atom.atom_id 
_chem_comp_atom.type_symbol 
_chem_comp_atom.pdbx_aromatic_flag 
_chem_comp_atom.pdbx_stereo_config 
_chem_comp_atom.pdbx_ordinal 
ALA N    N N N 1   
ALA CA   C N S 2   
ALA C    C N N 3   
ALA O    O N N 4   
ALA CB   C N N 5   
ALA OXT  O N N 6   
ALA H    H N N 7   
ALA H2   H N N 8   
ALA HA   H N N 9   
ALA HB1  H N N 10  
ALA HB2  H N N 11  
ALA HB3  H N N 12  
ALA HXT  H N N 13  
ARG N    N N N 14  
ARG CA   C N S 15  
ARG C    C N N 16  
ARG O    O N N 17  
ARG CB   C N N 18  
ARG CG   C N N 19  
ARG CD   C N N 20  
ARG NE   N N N 21  
ARG CZ   C N N 22  
ARG NH1  N N N 23  
ARG NH2  N N N 24  
ARG OXT  O N N 25  
ARG H    H N N 26  
ARG H2   H N N 27  
ARG HA   H N N 28  
ARG HB2  H N N 29  
ARG HB3  H N N 30  
ARG HG2  H N N 31  
ARG HG3  H N N 32  
ARG HD2  H N N 33  
ARG HD3  H N N 34  
ARG HE   H N N 35  
ARG HH11 H N N 36  
ARG HH12 H N N 37  
ARG HH21 H N N 38  
ARG HH22 H N N 39  
ARG HXT  H N N 40  
ASN N    N N N 41  
ASN CA   C N S 42  
ASN C    C N N 43  
ASN O    O N N 44  
ASN CB   C N N 45  
ASN CG   C N N 46  
ASN OD1  O N N 47  
ASN ND2  N N N 48  
ASN OXT  O N N 49  
ASN H    H N N 50  
ASN H2   H N N 51  
ASN HA   H N N 52  
ASN HB2  H N N 53  
ASN HB3  H N N 54  
ASN HD21 H N N 55  
ASN HD22 H N N 56  
ASN HXT  H N N 57  
ASP N    N N N 58  
ASP CA   C N S 59  
ASP C    C N N 60  
ASP O    O N N 61  
ASP CB   C N N 62  
ASP CG   C N N 63  
ASP OD1  O N N 64  
ASP OD2  O N N 65  
ASP OXT  O N N 66  
ASP H    H N N 67  
ASP H2   H N N 68  
ASP HA   H N N 69  
ASP HB2  H N N 70  
ASP HB3  H N N 71  
ASP HD2  H N N 72  
ASP HXT  H N N 73  
CYS N    N N N 74  
CYS CA   C N R 75  
CYS C    C N N 76  
CYS O    O N N 77  
CYS CB   C N N 78  
CYS SG   S N N 79  
CYS OXT  O N N 80  
CYS H    H N N 81  
CYS H2   H N N 82  
CYS HA   H N N 83  
CYS HB2  H N N 84  
CYS HB3  H N N 85  
CYS HG   H N N 86  
CYS HXT  H N N 87  
GLN N    N N N 88  
GLN CA   C N S 89  
GLN C    C N N 90  
GLN O    O N N 91  
GLN CB   C N N 92  
GLN CG   C N N 93  
GLN CD   C N N 94  
GLN OE1  O N N 95  
GLN NE2  N N N 96  
GLN OXT  O N N 97  
GLN H    H N N 98  
GLN H2   H N N 99  
GLN HA   H N N 100 
GLN HB2  H N N 101 
GLN HB3  H N N 102 
GLN HG2  H N N 103 
GLN HG3  H N N 104 
GLN HE21 H N N 105 
GLN HE22 H N N 106 
GLN HXT  H N N 107 
GLU N    N N N 108 
GLU CA   C N S 109 
GLU C    C N N 110 
GLU O    O N N 111 
GLU CB   C N N 112 
GLU CG   C N N 113 
GLU CD   C N N 114 
GLU OE1  O N N 115 
GLU OE2  O N N 116 
GLU OXT  O N N 117 
GLU H    H N N 118 
GLU H2   H N N 119 
GLU HA   H N N 120 
GLU HB2  H N N 121 
GLU HB3  H N N 122 
GLU HG2  H N N 123 
GLU HG3  H N N 124 
GLU HE2  H N N 125 
GLU HXT  H N N 126 
GLY N    N N N 127 
GLY CA   C N N 128 
GLY C    C N N 129 
GLY O    O N N 130 
GLY OXT  O N N 131 
GLY H    H N N 132 
GLY H2   H N N 133 
GLY HA2  H N N 134 
GLY HA3  H N N 135 
GLY HXT  H N N 136 
HIS N    N N N 137 
HIS CA   C N S 138 
HIS C    C N N 139 
HIS O    O N N 140 
HIS CB   C N N 141 
HIS CG   C Y N 142 
HIS ND1  N Y N 143 
HIS CD2  C Y N 144 
HIS CE1  C Y N 145 
HIS NE2  N Y N 146 
HIS OXT  O N N 147 
HIS H    H N N 148 
HIS H2   H N N 149 
HIS HA   H N N 150 
HIS HB2  H N N 151 
HIS HB3  H N N 152 
HIS HD1  H N N 153 
HIS HD2  H N N 154 
HIS HE1  H N N 155 
HIS HE2  H N N 156 
HIS HXT  H N N 157 
HOH O    O N N 158 
HOH H1   H N N 159 
HOH H2   H N N 160 
ILE N    N N N 161 
ILE CA   C N S 162 
ILE C    C N N 163 
ILE O    O N N 164 
ILE CB   C N S 165 
ILE CG1  C N N 166 
ILE CG2  C N N 167 
ILE CD1  C N N 168 
ILE OXT  O N N 169 
ILE H    H N N 170 
ILE H2   H N N 171 
ILE HA   H N N 172 
ILE HB   H N N 173 
ILE HG12 H N N 174 
ILE HG13 H N N 175 
ILE HG21 H N N 176 
ILE HG22 H N N 177 
ILE HG23 H N N 178 
ILE HD11 H N N 179 
ILE HD12 H N N 180 
ILE HD13 H N N 181 
ILE HXT  H N N 182 
LEU N    N N N 183 
LEU CA   C N S 184 
LEU C    C N N 185 
LEU O    O N N 186 
LEU CB   C N N 187 
LEU CG   C N N 188 
LEU CD1  C N N 189 
LEU CD2  C N N 190 
LEU OXT  O N N 191 
LEU H    H N N 192 
LEU H2   H N N 193 
LEU HA   H N N 194 
LEU HB2  H N N 195 
LEU HB3  H N N 196 
LEU HG   H N N 197 
LEU HD11 H N N 198 
LEU HD12 H N N 199 
LEU HD13 H N N 200 
LEU HD21 H N N 201 
LEU HD22 H N N 202 
LEU HD23 H N N 203 
LEU HXT  H N N 204 
LYS N    N N N 205 
LYS CA   C N S 206 
LYS C    C N N 207 
LYS O    O N N 208 
LYS CB   C N N 209 
LYS CG   C N N 210 
LYS CD   C N N 211 
LYS CE   C N N 212 
LYS NZ   N N N 213 
LYS OXT  O N N 214 
LYS H    H N N 215 
LYS H2   H N N 216 
LYS HA   H N N 217 
LYS HB2  H N N 218 
LYS HB3  H N N 219 
LYS HG2  H N N 220 
LYS HG3  H N N 221 
LYS HD2  H N N 222 
LYS HD3  H N N 223 
LYS HE2  H N N 224 
LYS HE3  H N N 225 
LYS HZ1  H N N 226 
LYS HZ2  H N N 227 
LYS HZ3  H N N 228 
LYS HXT  H N N 229 
MET N    N N N 230 
MET CA   C N S 231 
MET C    C N N 232 
MET O    O N N 233 
MET CB   C N N 234 
MET CG   C N N 235 
MET SD   S N N 236 
MET CE   C N N 237 
MET OXT  O N N 238 
MET H    H N N 239 
MET H2   H N N 240 
MET HA   H N N 241 
MET HB2  H N N 242 
MET HB3  H N N 243 
MET HG2  H N N 244 
MET HG3  H N N 245 
MET HE1  H N N 246 
MET HE2  H N N 247 
MET HE3  H N N 248 
MET HXT  H N N 249 
PHE N    N N N 250 
PHE CA   C N S 251 
PHE C    C N N 252 
PHE O    O N N 253 
PHE CB   C N N 254 
PHE CG   C Y N 255 
PHE CD1  C Y N 256 
PHE CD2  C Y N 257 
PHE CE1  C Y N 258 
PHE CE2  C Y N 259 
PHE CZ   C Y N 260 
PHE OXT  O N N 261 
PHE H    H N N 262 
PHE H2   H N N 263 
PHE HA   H N N 264 
PHE HB2  H N N 265 
PHE HB3  H N N 266 
PHE HD1  H N N 267 
PHE HD2  H N N 268 
PHE HE1  H N N 269 
PHE HE2  H N N 270 
PHE HZ   H N N 271 
PHE HXT  H N N 272 
PRO N    N N N 273 
PRO CA   C N S 274 
PRO C    C N N 275 
PRO O    O N N 276 
PRO CB   C N N 277 
PRO CG   C N N 278 
PRO CD   C N N 279 
PRO OXT  O N N 280 
PRO H    H N N 281 
PRO HA   H N N 282 
PRO HB2  H N N 283 
PRO HB3  H N N 284 
PRO HG2  H N N 285 
PRO HG3  H N N 286 
PRO HD2  H N N 287 
PRO HD3  H N N 288 
PRO HXT  H N N 289 
SER N    N N N 290 
SER CA   C N S 291 
SER C    C N N 292 
SER O    O N N 293 
SER CB   C N N 294 
SER OG   O N N 295 
SER OXT  O N N 296 
SER H    H N N 297 
SER H2   H N N 298 
SER HA   H N N 299 
SER HB2  H N N 300 
SER HB3  H N N 301 
SER HG   H N N 302 
SER HXT  H N N 303 
THR N    N N N 304 
THR CA   C N S 305 
THR C    C N N 306 
THR O    O N N 307 
THR CB   C N R 308 
THR OG1  O N N 309 
THR CG2  C N N 310 
THR OXT  O N N 311 
THR H    H N N 312 
THR H2   H N N 313 
THR HA   H N N 314 
THR HB   H N N 315 
THR HG1  H N N 316 
THR HG21 H N N 317 
THR HG22 H N N 318 
THR HG23 H N N 319 
THR HXT  H N N 320 
TRP N    N N N 321 
TRP CA   C N S 322 
TRP C    C N N 323 
TRP O    O N N 324 
TRP CB   C N N 325 
TRP CG   C Y N 326 
TRP CD1  C Y N 327 
TRP CD2  C Y N 328 
TRP NE1  N Y N 329 
TRP CE2  C Y N 330 
TRP CE3  C Y N 331 
TRP CZ2  C Y N 332 
TRP CZ3  C Y N 333 
TRP CH2  C Y N 334 
TRP OXT  O N N 335 
TRP H    H N N 336 
TRP H2   H N N 337 
TRP HA   H N N 338 
TRP HB2  H N N 339 
TRP HB3  H N N 340 
TRP HD1  H N N 341 
TRP HE1  H N N 342 
TRP HE3  H N N 343 
TRP HZ2  H N N 344 
TRP HZ3  H N N 345 
TRP HH2  H N N 346 
TRP HXT  H N N 347 
TYR N    N N N 348 
TYR CA   C N S 349 
TYR C    C N N 350 
TYR O    O N N 351 
TYR CB   C N N 352 
TYR CG   C Y N 353 
TYR CD1  C Y N 354 
TYR CD2  C Y N 355 
TYR CE1  C Y N 356 
TYR CE2  C Y N 357 
TYR CZ   C Y N 358 
TYR OH   O N N 359 
TYR OXT  O N N 360 
TYR H    H N N 361 
TYR H2   H N N 362 
TYR HA   H N N 363 
TYR HB2  H N N 364 
TYR HB3  H N N 365 
TYR HD1  H N N 366 
TYR HD2  H N N 367 
TYR HE1  H N N 368 
TYR HE2  H N N 369 
TYR HH   H N N 370 
TYR HXT  H N N 371 
VAL N    N N N 372 
VAL CA   C N S 373 
VAL C    C N N 374 
VAL O    O N N 375 
VAL CB   C N N 376 
VAL CG1  C N N 377 
VAL CG2  C N N 378 
VAL OXT  O N N 379 
VAL H    H N N 380 
VAL H2   H N N 381 
VAL HA   H N N 382 
VAL HB   H N N 383 
VAL HG11 H N N 384 
VAL HG12 H N N 385 
VAL HG13 H N N 386 
VAL HG21 H N N 387 
VAL HG22 H N N 388 
VAL HG23 H N N 389 
VAL HXT  H N N 390 
# 
loop_
_chem_comp_bond.comp_id 
_chem_comp_bond.atom_id_1 
_chem_comp_bond.atom_id_2 
_chem_comp_bond.value_order 
_chem_comp_bond.pdbx_aromatic_flag 
_chem_comp_bond.pdbx_stereo_config 
_chem_comp_bond.pdbx_ordinal 
ALA N   CA   sing N N 1   
ALA N   H    sing N N 2   
ALA N   H2   sing N N 3   
ALA CA  C    sing N N 4   
ALA CA  CB   sing N N 5   
ALA CA  HA   sing N N 6   
ALA C   O    doub N N 7   
ALA C   OXT  sing N N 8   
ALA CB  HB1  sing N N 9   
ALA CB  HB2  sing N N 10  
ALA CB  HB3  sing N N 11  
ALA OXT HXT  sing N N 12  
ARG N   CA   sing N N 13  
ARG N   H    sing N N 14  
ARG N   H2   sing N N 15  
ARG CA  C    sing N N 16  
ARG CA  CB   sing N N 17  
ARG CA  HA   sing N N 18  
ARG C   O    doub N N 19  
ARG C   OXT  sing N N 20  
ARG CB  CG   sing N N 21  
ARG CB  HB2  sing N N 22  
ARG CB  HB3  sing N N 23  
ARG CG  CD   sing N N 24  
ARG CG  HG2  sing N N 25  
ARG CG  HG3  sing N N 26  
ARG CD  NE   sing N N 27  
ARG CD  HD2  sing N N 28  
ARG CD  HD3  sing N N 29  
ARG NE  CZ   sing N N 30  
ARG NE  HE   sing N N 31  
ARG CZ  NH1  sing N N 32  
ARG CZ  NH2  doub N N 33  
ARG NH1 HH11 sing N N 34  
ARG NH1 HH12 sing N N 35  
ARG NH2 HH21 sing N N 36  
ARG NH2 HH22 sing N N 37  
ARG OXT HXT  sing N N 38  
ASN N   CA   sing N N 39  
ASN N   H    sing N N 40  
ASN N   H2   sing N N 41  
ASN CA  C    sing N N 42  
ASN CA  CB   sing N N 43  
ASN CA  HA   sing N N 44  
ASN C   O    doub N N 45  
ASN C   OXT  sing N N 46  
ASN CB  CG   sing N N 47  
ASN CB  HB2  sing N N 48  
ASN CB  HB3  sing N N 49  
ASN CG  OD1  doub N N 50  
ASN CG  ND2  sing N N 51  
ASN ND2 HD21 sing N N 52  
ASN ND2 HD22 sing N N 53  
ASN OXT HXT  sing N N 54  
ASP N   CA   sing N N 55  
ASP N   H    sing N N 56  
ASP N   H2   sing N N 57  
ASP CA  C    sing N N 58  
ASP CA  CB   sing N N 59  
ASP CA  HA   sing N N 60  
ASP C   O    doub N N 61  
ASP C   OXT  sing N N 62  
ASP CB  CG   sing N N 63  
ASP CB  HB2  sing N N 64  
ASP CB  HB3  sing N N 65  
ASP CG  OD1  doub N N 66  
ASP CG  OD2  sing N N 67  
ASP OD2 HD2  sing N N 68  
ASP OXT HXT  sing N N 69  
CYS N   CA   sing N N 70  
CYS N   H    sing N N 71  
CYS N   H2   sing N N 72  
CYS CA  C    sing N N 73  
CYS CA  CB   sing N N 74  
CYS CA  HA   sing N N 75  
CYS C   O    doub N N 76  
CYS C   OXT  sing N N 77  
CYS CB  SG   sing N N 78  
CYS CB  HB2  sing N N 79  
CYS CB  HB3  sing N N 80  
CYS SG  HG   sing N N 81  
CYS OXT HXT  sing N N 82  
GLN N   CA   sing N N 83  
GLN N   H    sing N N 84  
GLN N   H2   sing N N 85  
GLN CA  C    sing N N 86  
GLN CA  CB   sing N N 87  
GLN CA  HA   sing N N 88  
GLN C   O    doub N N 89  
GLN C   OXT  sing N N 90  
GLN CB  CG   sing N N 91  
GLN CB  HB2  sing N N 92  
GLN CB  HB3  sing N N 93  
GLN CG  CD   sing N N 94  
GLN CG  HG2  sing N N 95  
GLN CG  HG3  sing N N 96  
GLN CD  OE1  doub N N 97  
GLN CD  NE2  sing N N 98  
GLN NE2 HE21 sing N N 99  
GLN NE2 HE22 sing N N 100 
GLN OXT HXT  sing N N 101 
GLU N   CA   sing N N 102 
GLU N   H    sing N N 103 
GLU N   H2   sing N N 104 
GLU CA  C    sing N N 105 
GLU CA  CB   sing N N 106 
GLU CA  HA   sing N N 107 
GLU C   O    doub N N 108 
GLU C   OXT  sing N N 109 
GLU CB  CG   sing N N 110 
GLU CB  HB2  sing N N 111 
GLU CB  HB3  sing N N 112 
GLU CG  CD   sing N N 113 
GLU CG  HG2  sing N N 114 
GLU CG  HG3  sing N N 115 
GLU CD  OE1  doub N N 116 
GLU CD  OE2  sing N N 117 
GLU OE2 HE2  sing N N 118 
GLU OXT HXT  sing N N 119 
GLY N   CA   sing N N 120 
GLY N   H    sing N N 121 
GLY N   H2   sing N N 122 
GLY CA  C    sing N N 123 
GLY CA  HA2  sing N N 124 
GLY CA  HA3  sing N N 125 
GLY C   O    doub N N 126 
GLY C   OXT  sing N N 127 
GLY OXT HXT  sing N N 128 
HIS N   CA   sing N N 129 
HIS N   H    sing N N 130 
HIS N   H2   sing N N 131 
HIS CA  C    sing N N 132 
HIS CA  CB   sing N N 133 
HIS CA  HA   sing N N 134 
HIS C   O    doub N N 135 
HIS C   OXT  sing N N 136 
HIS CB  CG   sing N N 137 
HIS CB  HB2  sing N N 138 
HIS CB  HB3  sing N N 139 
HIS CG  ND1  sing Y N 140 
HIS CG  CD2  doub Y N 141 
HIS ND1 CE1  doub Y N 142 
HIS ND1 HD1  sing N N 143 
HIS CD2 NE2  sing Y N 144 
HIS CD2 HD2  sing N N 145 
HIS CE1 NE2  sing Y N 146 
HIS CE1 HE1  sing N N 147 
HIS NE2 HE2  sing N N 148 
HIS OXT HXT  sing N N 149 
HOH O   H1   sing N N 150 
HOH O   H2   sing N N 151 
ILE N   CA   sing N N 152 
ILE N   H    sing N N 153 
ILE N   H2   sing N N 154 
ILE CA  C    sing N N 155 
ILE CA  CB   sing N N 156 
ILE CA  HA   sing N N 157 
ILE C   O    doub N N 158 
ILE C   OXT  sing N N 159 
ILE CB  CG1  sing N N 160 
ILE CB  CG2  sing N N 161 
ILE CB  HB   sing N N 162 
ILE CG1 CD1  sing N N 163 
ILE CG1 HG12 sing N N 164 
ILE CG1 HG13 sing N N 165 
ILE CG2 HG21 sing N N 166 
ILE CG2 HG22 sing N N 167 
ILE CG2 HG23 sing N N 168 
ILE CD1 HD11 sing N N 169 
ILE CD1 HD12 sing N N 170 
ILE CD1 HD13 sing N N 171 
ILE OXT HXT  sing N N 172 
LEU N   CA   sing N N 173 
LEU N   H    sing N N 174 
LEU N   H2   sing N N 175 
LEU CA  C    sing N N 176 
LEU CA  CB   sing N N 177 
LEU CA  HA   sing N N 178 
LEU C   O    doub N N 179 
LEU C   OXT  sing N N 180 
LEU CB  CG   sing N N 181 
LEU CB  HB2  sing N N 182 
LEU CB  HB3  sing N N 183 
LEU CG  CD1  sing N N 184 
LEU CG  CD2  sing N N 185 
LEU CG  HG   sing N N 186 
LEU CD1 HD11 sing N N 187 
LEU CD1 HD12 sing N N 188 
LEU CD1 HD13 sing N N 189 
LEU CD2 HD21 sing N N 190 
LEU CD2 HD22 sing N N 191 
LEU CD2 HD23 sing N N 192 
LEU OXT HXT  sing N N 193 
LYS N   CA   sing N N 194 
LYS N   H    sing N N 195 
LYS N   H2   sing N N 196 
LYS CA  C    sing N N 197 
LYS CA  CB   sing N N 198 
LYS CA  HA   sing N N 199 
LYS C   O    doub N N 200 
LYS C   OXT  sing N N 201 
LYS CB  CG   sing N N 202 
LYS CB  HB2  sing N N 203 
LYS CB  HB3  sing N N 204 
LYS CG  CD   sing N N 205 
LYS CG  HG2  sing N N 206 
LYS CG  HG3  sing N N 207 
LYS CD  CE   sing N N 208 
LYS CD  HD2  sing N N 209 
LYS CD  HD3  sing N N 210 
LYS CE  NZ   sing N N 211 
LYS CE  HE2  sing N N 212 
LYS CE  HE3  sing N N 213 
LYS NZ  HZ1  sing N N 214 
LYS NZ  HZ2  sing N N 215 
LYS NZ  HZ3  sing N N 216 
LYS OXT HXT  sing N N 217 
MET N   CA   sing N N 218 
MET N   H    sing N N 219 
MET N   H2   sing N N 220 
MET CA  C    sing N N 221 
MET CA  CB   sing N N 222 
MET CA  HA   sing N N 223 
MET C   O    doub N N 224 
MET C   OXT  sing N N 225 
MET CB  CG   sing N N 226 
MET CB  HB2  sing N N 227 
MET CB  HB3  sing N N 228 
MET CG  SD   sing N N 229 
MET CG  HG2  sing N N 230 
MET CG  HG3  sing N N 231 
MET SD  CE   sing N N 232 
MET CE  HE1  sing N N 233 
MET CE  HE2  sing N N 234 
MET CE  HE3  sing N N 235 
MET OXT HXT  sing N N 236 
PHE N   CA   sing N N 237 
PHE N   H    sing N N 238 
PHE N   H2   sing N N 239 
PHE CA  C    sing N N 240 
PHE CA  CB   sing N N 241 
PHE CA  HA   sing N N 242 
PHE C   O    doub N N 243 
PHE C   OXT  sing N N 244 
PHE CB  CG   sing N N 245 
PHE CB  HB2  sing N N 246 
PHE CB  HB3  sing N N 247 
PHE CG  CD1  doub Y N 248 
PHE CG  CD2  sing Y N 249 
PHE CD1 CE1  sing Y N 250 
PHE CD1 HD1  sing N N 251 
PHE CD2 CE2  doub Y N 252 
PHE CD2 HD2  sing N N 253 
PHE CE1 CZ   doub Y N 254 
PHE CE1 HE1  sing N N 255 
PHE CE2 CZ   sing Y N 256 
PHE CE2 HE2  sing N N 257 
PHE CZ  HZ   sing N N 258 
PHE OXT HXT  sing N N 259 
PRO N   CA   sing N N 260 
PRO N   CD   sing N N 261 
PRO N   H    sing N N 262 
PRO CA  C    sing N N 263 
PRO CA  CB   sing N N 264 
PRO CA  HA   sing N N 265 
PRO C   O    doub N N 266 
PRO C   OXT  sing N N 267 
PRO CB  CG   sing N N 268 
PRO CB  HB2  sing N N 269 
PRO CB  HB3  sing N N 270 
PRO CG  CD   sing N N 271 
PRO CG  HG2  sing N N 272 
PRO CG  HG3  sing N N 273 
PRO CD  HD2  sing N N 274 
PRO CD  HD3  sing N N 275 
PRO OXT HXT  sing N N 276 
SER N   CA   sing N N 277 
SER N   H    sing N N 278 
SER N   H2   sing N N 279 
SER CA  C    sing N N 280 
SER CA  CB   sing N N 281 
SER CA  HA   sing N N 282 
SER C   O    doub N N 283 
SER C   OXT  sing N N 284 
SER CB  OG   sing N N 285 
SER CB  HB2  sing N N 286 
SER CB  HB3  sing N N 287 
SER OG  HG   sing N N 288 
SER OXT HXT  sing N N 289 
THR N   CA   sing N N 290 
THR N   H    sing N N 291 
THR N   H2   sing N N 292 
THR CA  C    sing N N 293 
THR CA  CB   sing N N 294 
THR CA  HA   sing N N 295 
THR C   O    doub N N 296 
THR C   OXT  sing N N 297 
THR CB  OG1  sing N N 298 
THR CB  CG2  sing N N 299 
THR CB  HB   sing N N 300 
THR OG1 HG1  sing N N 301 
THR CG2 HG21 sing N N 302 
THR CG2 HG22 sing N N 303 
THR CG2 HG23 sing N N 304 
THR OXT HXT  sing N N 305 
TRP N   CA   sing N N 306 
TRP N   H    sing N N 307 
TRP N   H2   sing N N 308 
TRP CA  C    sing N N 309 
TRP CA  CB   sing N N 310 
TRP CA  HA   sing N N 311 
TRP C   O    doub N N 312 
TRP C   OXT  sing N N 313 
TRP CB  CG   sing N N 314 
TRP CB  HB2  sing N N 315 
TRP CB  HB3  sing N N 316 
TRP CG  CD1  doub Y N 317 
TRP CG  CD2  sing Y N 318 
TRP CD1 NE1  sing Y N 319 
TRP CD1 HD1  sing N N 320 
TRP CD2 CE2  doub Y N 321 
TRP CD2 CE3  sing Y N 322 
TRP NE1 CE2  sing Y N 323 
TRP NE1 HE1  sing N N 324 
TRP CE2 CZ2  sing Y N 325 
TRP CE3 CZ3  doub Y N 326 
TRP CE3 HE3  sing N N 327 
TRP CZ2 CH2  doub Y N 328 
TRP CZ2 HZ2  sing N N 329 
TRP CZ3 CH2  sing Y N 330 
TRP CZ3 HZ3  sing N N 331 
TRP CH2 HH2  sing N N 332 
TRP OXT HXT  sing N N 333 
TYR N   CA   sing N N 334 
TYR N   H    sing N N 335 
TYR N   H2   sing N N 336 
TYR CA  C    sing N N 337 
TYR CA  CB   sing N N 338 
TYR CA  HA   sing N N 339 
TYR C   O    doub N N 340 
TYR C   OXT  sing N N 341 
TYR CB  CG   sing N N 342 
TYR CB  HB2  sing N N 343 
TYR CB  HB3  sing N N 344 
TYR CG  CD1  doub Y N 345 
TYR CG  CD2  sing Y N 346 
TYR CD1 CE1  sing Y N 347 
TYR CD1 HD1  sing N N 348 
TYR CD2 CE2  doub Y N 349 
TYR CD2 HD2  sing N N 350 
TYR CE1 CZ   doub Y N 351 
TYR CE1 HE1  sing N N 352 
TYR CE2 CZ   sing Y N 353 
TYR CE2 HE2  sing N N 354 
TYR CZ  OH   sing N N 355 
TYR OH  HH   sing N N 356 
TYR OXT HXT  sing N N 357 
VAL N   CA   sing N N 358 
VAL N   H    sing N N 359 
VAL N   H2   sing N N 360 
VAL CA  C    sing N N 361 
VAL CA  CB   sing N N 362 
VAL CA  HA   sing N N 363 
VAL C   O    doub N N 364 
VAL C   OXT  sing N N 365 
VAL CB  CG1  sing N N 366 
VAL CB  CG2  sing N N 367 
VAL CB  HB   sing N N 368 
VAL CG1 HG11 sing N N 369 
VAL CG1 HG12 sing N N 370 
VAL CG1 HG13 sing N N 371 
VAL CG2 HG21 sing N N 372 
VAL CG2 HG22 sing N N 373 
VAL CG2 HG23 sing N N 374 
VAL OXT HXT  sing N N 375 
# 
_pdbx_audit_support.funding_organization   'National Institutes of Health/National Human Genome Research Institute (NIH/NHGRI)' 
_pdbx_audit_support.country                'United States' 
_pdbx_audit_support.grant_number           R35-122535 
_pdbx_audit_support.ordinal                1 
# 
_atom_sites.entry_id                    6NDV 
_atom_sites.fract_transf_matrix[1][1]   0.03090902 
_atom_sites.fract_transf_matrix[1][2]   -0.00008078 
_atom_sites.fract_transf_matrix[1][3]   0.00372279 
_atom_sites.fract_transf_matrix[2][1]   -0.00154938 
_atom_sites.fract_transf_matrix[2][2]   -0.01017373 
_atom_sites.fract_transf_matrix[2][3]   0.01264317 
_atom_sites.fract_transf_matrix[3][1]   0.00747915 
_atom_sites.fract_transf_matrix[3][2]   -0.01785447 
_atom_sites.fract_transf_matrix[3][3]   -0.01345062 
_atom_sites.fract_transf_vector[1]      -0.684081 
_atom_sites.fract_transf_vector[2]      -0.030307 
_atom_sites.fract_transf_vector[3]      -0.432669 
# 
loop_
_atom_type.symbol 
C 
N 
O 
S 
# 
loop_
_atom_site.group_PDB 
_atom_site.id 
_atom_site.type_symbol 
_atom_site.label_atom_id 
_atom_site.label_alt_id 
_atom_site.label_comp_id 
_atom_site.label_asym_id 
_atom_site.label_entity_id 
_atom_site.label_seq_id 
_atom_site.pdbx_PDB_ins_code 
_atom_site.Cartn_x 
_atom_site.Cartn_y 
_atom_site.Cartn_z 
_atom_site.occupancy 
_atom_site.B_iso_or_equiv 
_atom_site.pdbx_formal_charge 
_atom_site.auth_seq_id 
_atom_site.auth_comp_id 
_atom_site.auth_asym_id 
_atom_site.auth_atom_id 
_atom_site.pdbx_PDB_model_num 
ATOM   1    N N   . ALA A 1 2   ? 21.424  -12.995 4.324   1.00 31.80 ? 1   ALA B N   1 
ATOM   2    C CA  . ALA A 1 2   ? 20.324  -12.130 3.898   1.00 28.13 ? 1   ALA B CA  1 
ATOM   3    C C   . ALA A 1 2   ? 18.988  -12.867 3.951   1.00 24.56 ? 1   ALA B C   1 
ATOM   4    O O   . ALA A 1 2   ? 18.954  -14.093 3.870   1.00 30.13 ? 1   ALA B O   1 
ATOM   5    C CB  . ALA A 1 2   ? 20.577  -11.611 2.511   1.00 24.16 ? 1   ALA B CB  1 
ATOM   6    N N   . LYS A 1 3   ? 17.885  -12.128 4.073   1.00 19.50 ? 2   LYS B N   1 
ATOM   7    C CA  . LYS A 1 3   ? 16.583  -12.772 4.125   1.00 19.90 ? 2   LYS B CA  1 
ATOM   8    C C   . LYS A 1 3   ? 15.471  -11.784 3.810   1.00 10.30 ? 2   LYS B C   1 
ATOM   9    O O   . LYS A 1 3   ? 15.628  -10.559 3.846   1.00 8.27  ? 2   LYS B O   1 
ATOM   10   C CB  . LYS A 1 3   ? 16.325  -13.457 5.474   1.00 14.40 ? 2   LYS B CB  1 
ATOM   11   C CG  . LYS A 1 3   ? 15.298  -14.572 5.412   1.00 27.81 ? 2   LYS B CG  1 
ATOM   12   C CD  . LYS A 1 3   ? 15.764  -15.859 6.051   1.00 19.33 ? 2   LYS B CD  1 
ATOM   13   C CE  . LYS A 1 3   ? 14.730  -16.943 5.791   1.00 26.92 ? 2   LYS B CE  1 
ATOM   14   N NZ  . LYS A 1 3   ? 14.409  -17.028 4.345   1.00 31.09 ? 2   LYS B NZ  1 
ATOM   15   N N   . ALA A 1 4   ? 14.340  -12.361 3.480   1.00 11.46 ? 3   ALA B N   1 
ATOM   16   C CA  . ALA A 1 4   ? 13.279  -11.656 2.803   1.00 9.35  ? 3   ALA B CA  1 
ATOM   17   C C   . ALA A 1 4   ? 12.308  -11.043 3.789   1.00 8.88  ? 3   ALA B C   1 
ATOM   18   O O   . ALA A 1 4   ? 12.054  -11.575 4.874   1.00 10.04 ? 3   ALA B O   1 
ATOM   19   C CB  . ALA A 1 4   ? 12.534  -12.613 1.879   1.00 9.16  ? 3   ALA B CB  1 
ATOM   20   N N   . THR A 1 5   ? 11.749  -9.911  3.376   1.00 5.69  ? 4   THR B N   1 
ATOM   21   C CA  . THR A 1 5   ? 10.597  -9.348  4.052   1.00 5.07  ? 4   THR B CA  1 
ATOM   22   C C   . THR A 1 5   ? 9.441   -10.336 4.005   1.00 6.54  ? 4   THR B C   1 
ATOM   23   O O   . THR A 1 5   ? 9.086   -10.825 2.929   1.00 6.83  ? 4   THR B O   1 
ATOM   24   C CB  . THR A 1 5   ? 10.190  -8.047  3.358   1.00 7.56  ? 4   THR B CB  1 
ATOM   25   O OG1 . THR A 1 5   ? 11.299  -7.144  3.323   1.00 5.40  ? 4   THR B OG1 1 
ATOM   26   C CG2 . THR A 1 5   ? 9.007   -7.390  4.053   1.00 6.58  ? 4   THR B CG2 1 
ATOM   27   N N   . THR A 1 6   ? 8.852   -10.628 5.165   1.00 5.69  ? 5   THR B N   1 
ATOM   28   C CA  . THR A 1 6   ? 7.578   -11.338 5.194   1.00 7.77  ? 5   THR B CA  1 
ATOM   29   C C   . THR A 1 6   ? 6.420   -10.468 5.646   1.00 7.20  ? 5   THR B C   1 
ATOM   30   O O   . THR A 1 6   ? 5.281   -10.717 5.236   1.00 7.61  ? 5   THR B O   1 
ATOM   31   C CB  . THR A 1 6   ? 7.640   -12.580 6.094   1.00 6.88  ? 5   THR B CB  1 
ATOM   32   O OG1 . THR A 1 6   ? 7.772   -12.186 7.465   1.00 10.63 ? 5   THR B OG1 1 
ATOM   33   C CG2 . THR A 1 6   ? 8.796   -13.509 5.699   1.00 9.13  ? 5   THR B CG2 1 
ATOM   34   N N   . SER A 1 7   ? 6.676   -9.448  6.463   1.00 6.42  ? 6   SER B N   1 
ATOM   35   C CA  . SER A 1 7   ? 5.620   -8.566  6.938   1.00 7.76  ? 6   SER B CA  1 
ATOM   36   C C   . SER A 1 7   ? 6.225   -7.216  7.275   1.00 7.24  ? 6   SER B C   1 
ATOM   37   O O   . SER A 1 7   ? 7.303   -7.144  7.875   1.00 10.25 ? 6   SER B O   1 
ATOM   38   C CB  . SER A 1 7   ? 4.905   -9.134  8.167   1.00 11.45 ? 6   SER B CB  1 
ATOM   39   O OG  . SER A 1 7   ? 3.819   -8.298  8.544   1.00 15.56 ? 6   SER B OG  1 
ATOM   40   N N   . VAL A 1 8   ? 5.540   -6.153  6.866   1.00 5.74  ? 7   VAL B N   1 
ATOM   41   C CA  . VAL A 1 8   ? 5.938   -4.788  7.185   1.00 6.83  ? 7   VAL B CA  1 
ATOM   42   C C   . VAL A 1 8   ? 4.907   -4.217  8.143   1.00 7.56  ? 7   VAL B C   1 
ATOM   43   O O   . VAL A 1 8   ? 3.717   -4.171  7.818   1.00 8.03  ? 7   VAL B O   1 
ATOM   44   C CB  . VAL A 1 8   ? 6.042   -3.915  5.924   1.00 5.19  ? 7   VAL B CB  1 
ATOM   45   C CG1 . VAL A 1 8   ? 6.549   -2.517  6.280   1.00 7.47  ? 7   VAL B CG1 1 
ATOM   46   C CG2 . VAL A 1 8   ? 6.958   -4.570  4.887   1.00 7.53  ? 7   VAL B CG2 1 
ATOM   47   N N   . ASN A 1 9   ? 5.354   -3.780  9.315   1.00 5.84  ? 8   ASN B N   1 
ATOM   48   C CA  . ASN A 1 9   ? 4.533   -2.987  10.225  1.00 9.75  ? 8   ASN B CA  1 
ATOM   49   C C   . ASN A 1 9   ? 4.605   -1.549  9.730   1.00 9.89  ? 8   ASN B C   1 
ATOM   50   O O   . ASN A 1 9   ? 5.609   -0.868  9.939   1.00 10.40 ? 8   ASN B O   1 
ATOM   51   C CB  . ASN A 1 9   ? 5.050   -3.129  11.655  1.00 10.18 ? 8   ASN B CB  1 
ATOM   52   C CG  . ASN A 1 9   ? 4.421   -2.140  12.615  1.00 19.14 ? 8   ASN B CG  1 
ATOM   53   O OD1 . ASN A 1 9   ? 3.280   -1.720  12.436  1.00 22.63 ? 8   ASN B OD1 1 
ATOM   54   N ND2 . ASN A 1 9   ? 5.166   -1.775  13.658  1.00 25.55 ? 8   ASN B ND2 1 
ATOM   55   N N   . TYR A 1 10  ? 3.562   -1.078  9.049   1.00 6.92  ? 9   TYR B N   1 
ATOM   56   C CA  . TYR A 1 10  ? 3.582   0.243   8.429   1.00 6.80  ? 9   TYR B CA  1 
ATOM   57   C C   . TYR A 1 10  ? 2.434   1.111   8.929   1.00 7.60  ? 9   TYR B C   1 
ATOM   58   O O   . TYR A 1 10  ? 1.318   0.629   9.148   1.00 10.14 ? 9   TYR B O   1 
ATOM   59   C CB  . TYR A 1 10  ? 3.514   0.159   6.883   1.00 7.36  ? 9   TYR B CB  1 
ATOM   60   C CG  . TYR A 1 10  ? 3.660   1.519   6.245   1.00 9.23  ? 9   TYR B CG  1 
ATOM   61   C CD1 . TYR A 1 10  ? 4.886   2.169   6.237   1.00 10.54 ? 9   TYR B CD1 1 
ATOM   62   C CD2 . TYR A 1 10  ? 2.562   2.185   5.710   1.00 10.66 ? 9   TYR B CD2 1 
ATOM   63   C CE1 . TYR A 1 10  ? 5.026   3.434   5.690   1.00 10.50 ? 9   TYR B CE1 1 
ATOM   64   C CE2 . TYR A 1 10  ? 2.695   3.456   5.164   1.00 10.82 ? 9   TYR B CE2 1 
ATOM   65   C CZ  . TYR A 1 10  ? 3.928   4.069   5.154   1.00 10.48 ? 9   TYR B CZ  1 
ATOM   66   O OH  . TYR A 1 10  ? 4.060   5.334   4.623   1.00 15.79 ? 9   TYR B OH  1 
ATOM   67   N N   . ALA A 1 11  ? 2.700   2.405   9.081   1.00 6.63  ? 10  ALA B N   1 
ATOM   68   C CA  . ALA A 1 11  ? 1.621   3.350   9.330   1.00 7.16  ? 10  ALA B CA  1 
ATOM   69   C C   . ALA A 1 11  ? 2.047   4.712   8.817   1.00 9.60  ? 10  ALA B C   1 
ATOM   70   O O   . ALA A 1 11  ? 3.237   5.028   8.779   1.00 9.39  ? 10  ALA B O   1 
ATOM   71   C CB  . ALA A 1 11  ? 1.278   3.443   10.818  1.00 9.37  ? 10  ALA B CB  1 
ATOM   72   N N   . CYS A 1 12  ? 1.065   5.529   8.458   1.00 7.50  ? 11  CYS B N   1 
ATOM   73   C CA  . CYS A 1 12  ? 1.338   6.906   8.082   1.00 6.86  ? 11  CYS B CA  1 
ATOM   74   C C   . CYS A 1 12  ? 0.126   7.741   8.443   1.00 6.25  ? 11  CYS B C   1 
ATOM   75   O O   . CYS A 1 12  ? -0.944  7.214   8.734   1.00 10.14 ? 11  CYS B O   1 
ATOM   76   C CB  . CYS A 1 12  ? 1.660   7.043   6.588   1.00 8.96  ? 11  CYS B CB  1 
ATOM   77   S SG  . CYS A 1 12  ? 0.410   6.398   5.449   1.00 10.83 ? 11  CYS B SG  1 
ATOM   78   N N   . ASN A 1 13  ? 0.318   9.055   8.478   1.00 6.90  ? 12  ASN B N   1 
ATOM   79   C CA  . ASN A 1 13  ? -0.800  9.979   8.456   1.00 7.32  ? 12  ASN B CA  1 
ATOM   80   C C   . ASN A 1 13  ? -0.967  10.535  7.051   1.00 7.05  ? 12  ASN B C   1 
ATOM   81   O O   . ASN A 1 13  ? 0.014   10.940  6.414   1.00 7.73  ? 12  ASN B O   1 
ATOM   82   C CB  . ASN A 1 13  ? -0.618  11.133  9.435   1.00 7.12  ? 12  ASN B CB  1 
ATOM   83   C CG  . ASN A 1 13  ? -1.846  12.002  9.492   1.00 6.92  ? 12  ASN B CG  1 
ATOM   84   O OD1 . ASN A 1 13  ? -2.913  11.530  9.872   1.00 8.18  ? 12  ASN B OD1 1 
ATOM   85   N ND2 . ASN A 1 13  ? -1.715  13.267  9.076   1.00 7.89  ? 12  ASN B ND2 1 
ATOM   86   N N   . LEU A 1 14  ? -2.214  10.568  6.591   1.00 6.53  ? 13  LEU B N   1 
ATOM   87   C CA  . LEU A 1 14  ? -2.603  11.263  5.371   1.00 7.71  ? 13  LEU B CA  1 
ATOM   88   C C   . LEU A 1 14  ? -3.312  12.556  5.769   1.00 5.36  ? 13  LEU B C   1 
ATOM   89   O O   . LEU A 1 14  ? -4.322  12.519  6.479   1.00 7.75  ? 13  LEU B O   1 
ATOM   90   C CB  . LEU A 1 14  ? -3.511  10.379  4.524   1.00 7.08  ? 13  LEU B CB  1 
ATOM   91   C CG  . LEU A 1 14  ? -2.927  9.005   4.159   1.00 6.19  ? 13  LEU B CG  1 
ATOM   92   C CD1 . LEU A 1 14  ? -3.932  8.204   3.336   1.00 7.81  ? 13  LEU B CD1 1 
ATOM   93   C CD2 . LEU A 1 14  ? -1.589  9.110   3.400   1.00 8.46  ? 13  LEU B CD2 1 
ATOM   94   N N   . ASP A 1 15  ? -2.758  13.696  5.340   1.00 6.72  ? 14  ASP B N   1 
ATOM   95   C CA  . ASP A 1 15  ? -3.230  15.005  5.791   1.00 6.30  ? 14  ASP B CA  1 
ATOM   96   C C   . ASP A 1 15  ? -4.684  15.263  5.394   1.00 8.20  ? 14  ASP B C   1 
ATOM   97   O O   . ASP A 1 15  ? -4.986  15.489  4.217   1.00 8.30  ? 14  ASP B O   1 
ATOM   98   C CB  . ASP A 1 15  ? -2.305  16.087  5.230   1.00 8.06  ? 14  ASP B CB  1 
ATOM   99   C CG  . ASP A 1 15  ? -2.506  17.442  5.881   1.00 10.39 ? 14  ASP B CG  1 
ATOM   100  O OD1 . ASP A 1 15  ? -3.519  17.653  6.583   1.00 9.45  ? 14  ASP B OD1 1 
ATOM   101  O OD2 . ASP A 1 15  ? -1.615  18.299  5.676   1.00 12.50 ? 14  ASP B OD2 1 
ATOM   102  N N   . LYS A 1 16  ? -5.589  15.231  6.375   1.00 6.81  ? 15  LYS B N   1 
ATOM   103  C CA  . LYS A 1 16  ? -6.997  15.503  6.117   1.00 7.28  ? 15  LYS B CA  1 
ATOM   104  C C   . LYS A 1 16  ? -7.220  16.884  5.519   1.00 9.01  ? 15  LYS B C   1 
ATOM   105  O O   . LYS A 1 16  ? -8.255  17.112  4.877   1.00 10.38 ? 15  LYS B O   1 
ATOM   106  C CB  . LYS A 1 16  ? -7.797  15.349  7.414   1.00 8.24  ? 15  LYS B CB  1 
ATOM   107  C CG  . LYS A 1 16  ? -9.302  15.412  7.246   1.00 11.60 ? 15  LYS B CG  1 
ATOM   108  C CD  . LYS A 1 16  ? -10.005 15.137  8.572   1.00 13.93 ? 15  LYS B CD  1 
ATOM   109  C CE  . LYS A 1 16  ? -11.503 15.361  8.485   1.00 23.39 ? 15  LYS B CE  1 
ATOM   110  N NZ  . LYS A 1 16  ? -12.145 14.468  7.474   1.00 25.61 ? 15  LYS B NZ  1 
ATOM   111  N N   . ARG A 1 17  ? -6.267  17.804  5.692   1.00 10.46 ? 16  ARG B N   1 
ATOM   112  C CA  . ARG A 1 17  ? -6.438  19.156  5.176   1.00 9.99  ? 16  ARG B CA  1 
ATOM   113  C C   . ARG A 1 17  ? -6.271  19.240  3.669   1.00 9.15  ? 16  ARG B C   1 
ATOM   114  O O   . ARG A 1 17  ? -6.684  20.248  3.079   1.00 11.31 ? 16  ARG B O   1 
ATOM   115  C CB  . ARG A 1 17  ? -5.457  20.116  5.857   1.00 10.19 ? 16  ARG B CB  1 
ATOM   116  C CG  . ARG A 1 17  ? -5.755  20.322  7.337   1.00 11.80 ? 16  ARG B CG  1 
ATOM   117  C CD  . ARG A 1 17  ? -4.612  20.991  8.078   1.00 13.87 ? 16  ARG B CD  1 
ATOM   118  N NE  . ARG A 1 17  ? -3.346  20.317  7.831   1.00 12.62 ? 16  ARG B NE  1 
ATOM   119  C CZ  . ARG A 1 17  ? -2.191  20.659  8.386   1.00 13.53 ? 16  ARG B CZ  1 
ATOM   120  N NH1 . ARG A 1 17  ? -2.142  21.682  9.234   1.00 20.14 ? 16  ARG B NH1 1 
ATOM   121  N NH2 . ARG A 1 17  ? -1.085  19.990  8.090   1.00 13.80 ? 16  ARG B NH2 1 
ATOM   122  N N   . LEU A 1 18  ? -5.681  18.228  3.030   1.00 9.56  ? 17  LEU B N   1 
ATOM   123  C CA  . LEU A 1 18  ? -5.634  18.221  1.574   1.00 8.36  ? 17  LEU B CA  1 
ATOM   124  C C   . LEU A 1 18  ? -7.067  18.223  1.037   1.00 9.18  ? 17  LEU B C   1 
ATOM   125  O O   . LEU A 1 18  ? -7.916  17.480  1.546   1.00 9.42  ? 17  LEU B O   1 
ATOM   126  C CB  . LEU A 1 18  ? -4.854  17.006  1.069   1.00 7.92  ? 17  LEU B CB  1 
ATOM   127  C CG  . LEU A 1 18  ? -3.397  16.910  1.540   1.00 9.37  ? 17  LEU B CG  1 
ATOM   128  C CD1 . LEU A 1 18  ? -2.676  15.751  0.868   1.00 10.80 ? 17  LEU B CD1 1 
ATOM   129  C CD2 . LEU A 1 18  ? -2.652  18.225  1.293   1.00 11.49 ? 17  LEU B CD2 1 
ATOM   130  N N   . PRO A 1 19  ? -7.387  19.056  0.043   1.00 8.71  ? 18  PRO B N   1 
ATOM   131  C CA  . PRO A 1 19  ? -8.800  19.274  -0.302  1.00 8.08  ? 18  PRO B CA  1 
ATOM   132  C C   . PRO A 1 19  ? -9.491  18.003  -0.777  1.00 8.47  ? 18  PRO B C   1 
ATOM   133  O O   . PRO A 1 19  ? -8.930  17.208  -1.541  1.00 7.83  ? 18  PRO B O   1 
ATOM   134  C CB  . PRO A 1 19  ? -8.734  20.319  -1.423  1.00 12.60 ? 18  PRO B CB  1 
ATOM   135  C CG  . PRO A 1 19  ? -7.422  20.992  -1.242  1.00 14.59 ? 18  PRO B CG  1 
ATOM   136  C CD  . PRO A 1 19  ? -6.490  19.962  -0.692  1.00 10.31 ? 18  PRO B CD  1 
ATOM   137  N N   . GLU A 1 20  ? -10.730 17.820  -0.316  1.00 9.25  ? 19  GLU B N   1 
ATOM   138  C CA  . GLU A 1 20  ? -11.593 16.800  -0.893  1.00 9.37  ? 19  GLU B CA  1 
ATOM   139  C C   . GLU A 1 20  ? -11.872 17.133  -2.353  1.00 10.68 ? 19  GLU B C   1 
ATOM   140  O O   . GLU A 1 20  ? -11.921 18.303  -2.747  1.00 10.64 ? 19  GLU B O   1 
ATOM   141  C CB  . GLU A 1 20  ? -12.903 16.697  -0.109  1.00 11.22 ? 19  GLU B CB  1 
ATOM   142  C CG  . GLU A 1 20  ? -12.735 16.092  1.280   1.00 12.37 ? 19  GLU B CG  1 
ATOM   143  C CD  . GLU A 1 20  ? -12.805 14.576  1.280   1.00 16.77 ? 19  GLU B CD  1 
ATOM   144  O OE1 . GLU A 1 20  ? -12.706 13.980  0.186   1.00 16.19 ? 19  GLU B OE1 1 
ATOM   145  O OE2 . GLU A 1 20  ? -12.972 13.975  2.375   1.00 12.68 ? 19  GLU B OE2 1 
ATOM   146  N N   . LEU A 1 21  ? -12.046 16.088  -3.162  1.00 10.10 ? 20  LEU B N   1 
ATOM   147  C CA  . LEU A 1 21  ? -12.107 16.227  -4.612  1.00 12.02 ? 20  LEU B CA  1 
ATOM   148  C C   . LEU A 1 21  ? -13.495 15.901  -5.130  1.00 11.21 ? 20  LEU B C   1 
ATOM   149  O O   . LEU A 1 21  ? -14.067 14.873  -4.745  1.00 11.00 ? 20  LEU B O   1 
ATOM   150  C CB  . LEU A 1 21  ? -11.095 15.300  -5.291  1.00 10.67 ? 20  LEU B CB  1 
ATOM   151  C CG  . LEU A 1 21  ? -9.622  15.407  -4.895  1.00 9.54  ? 20  LEU B CG  1 
ATOM   152  C CD1 . LEU A 1 21  ? -8.818  14.314  -5.597  1.00 9.79  ? 20  LEU B CD1 1 
ATOM   153  C CD2 . LEU A 1 21  ? -9.099  16.792  -5.243  1.00 14.58 ? 20  LEU B CD2 1 
ATOM   154  N N   . PRO A 1 22  ? -14.045 16.719  -6.022  1.00 10.30 ? 21  PRO B N   1 
ATOM   155  C CA  . PRO A 1 22  ? -15.275 16.341  -6.730  1.00 13.55 ? 21  PRO B CA  1 
ATOM   156  C C   . PRO A 1 22  ? -14.997 15.310  -7.816  1.00 11.71 ? 21  PRO B C   1 
ATOM   157  O O   . PRO A 1 22  ? -13.858 15.090  -8.225  1.00 9.13  ? 21  PRO B O   1 
ATOM   158  C CB  . PRO A 1 22  ? -15.756 17.662  -7.352  1.00 19.73 ? 21  PRO B CB  1 
ATOM   159  C CG  . PRO A 1 22  ? -14.863 18.741  -6.796  1.00 21.20 ? 21  PRO B CG  1 
ATOM   160  C CD  . PRO A 1 22  ? -13.592 18.073  -6.368  1.00 13.68 ? 21  PRO B CD  1 
ATOM   161  N N   . GLU A 1 23  ? -16.077 14.679  -8.294  1.00 11.17 ? 22  GLU B N   1 
ATOM   162  C CA  . GLU A 1 23  ? -15.949 13.643  -9.320  1.00 11.27 ? 22  GLU B CA  1 
ATOM   163  C C   . GLU A 1 23  ? -15.169 14.112  -10.550 1.00 16.07 ? 22  GLU B C   1 
ATOM   164  O O   . GLU A 1 23  ? -14.392 13.341  -11.128 1.00 19.41 ? 22  GLU B O   1 
ATOM   165  C CB  . GLU A 1 23  ? -17.333 13.143  -9.742  1.00 18.06 ? 22  GLU B CB  1 
ATOM   166  C CG  . GLU A 1 23  ? -17.643 11.739  -9.265  1.00 26.63 ? 22  GLU B CG  1 
ATOM   167  C CD  . GLU A 1 23  ? -18.868 11.147  -9.937  1.00 41.84 ? 22  GLU B CD  1 
ATOM   168  O OE1 . GLU A 1 23  ? -19.523 11.865  -10.725 1.00 41.30 ? 22  GLU B OE1 1 
ATOM   169  O OE2 . GLU A 1 23  ? -19.175 9.964   -9.672  1.00 48.61 ? 22  GLU B OE2 1 
ATOM   170  N N   . GLY A 1 24  ? -15.347 15.358  -10.963 1.00 16.17 ? 23  GLY B N   1 
ATOM   171  C CA  . GLY A 1 24  ? -14.666 15.787  -12.180 1.00 17.17 ? 23  GLY B CA  1 
ATOM   172  C C   . GLY A 1 24  ? -13.246 16.318  -12.055 1.00 14.16 ? 23  GLY B C   1 
ATOM   173  O O   . GLY A 1 24  ? -12.758 16.972  -12.980 1.00 12.23 ? 23  GLY B O   1 
ATOM   174  N N   . ALA A 1 25  ? -12.557 16.024  -10.954 1.00 10.27 ? 24  ALA B N   1 
ATOM   175  C CA  . ALA A 1 25  ? -11.298 16.708  -10.651 1.00 8.10  ? 24  ALA B CA  1 
ATOM   176  C C   . ALA A 1 25  ? -10.228 16.459  -11.714 1.00 6.07  ? 24  ALA B C   1 
ATOM   177  O O   . ALA A 1 25  ? -10.112 15.364  -12.261 1.00 7.88  ? 24  ALA B O   1 
ATOM   178  C CB  . ALA A 1 25  ? -10.786 16.260  -9.285  1.00 8.08  ? 24  ALA B CB  1 
ATOM   179  N N   . ASN A 1 26  ? -9.436  17.498  -12.010 1.00 6.13  ? 25  ASN B N   1 
ATOM   180  C CA  . ASN A 1 26  ? -8.370  17.369  -12.995 1.00 6.30  ? 25  ASN B CA  1 
ATOM   181  C C   . ASN A 1 26  ? -7.099  16.787  -12.360 1.00 5.97  ? 25  ASN B C   1 
ATOM   182  O O   . ASN A 1 26  ? -7.004  16.596  -11.142 1.00 5.15  ? 25  ASN B O   1 
ATOM   183  C CB  . ASN A 1 26  ? -8.090  18.720  -13.684 1.00 5.25  ? 25  ASN B CB  1 
ATOM   184  C CG  . ASN A 1 26  ? -7.612  19.822  -12.731 1.00 5.86  ? 25  ASN B CG  1 
ATOM   185  O OD1 . ASN A 1 26  ? -6.682  19.636  -11.952 1.00 6.50  ? 25  ASN B OD1 1 
ATOM   186  N ND2 . ASN A 1 26  ? -8.226  20.997  -12.828 1.00 7.45  ? 25  ASN B ND2 1 
ATOM   187  N N   . ARG A 1 27  ? -6.110  16.499  -13.216 1.00 6.44  ? 26  ARG B N   1 
ATOM   188  C CA  . ARG A 1 27  ? -4.888  15.817  -12.781 1.00 5.64  ? 26  ARG B CA  1 
ATOM   189  C C   . ARG A 1 27  ? -4.155  16.593  -11.691 1.00 6.71  ? 26  ARG B C   1 
ATOM   190  O O   . ARG A 1 27  ? -3.618  15.998  -10.747 1.00 5.81  ? 26  ARG B O   1 
ATOM   191  C CB  . ARG A 1 27  ? -3.976  15.582  -13.994 1.00 7.69  ? 26  ARG B CB  1 
ATOM   192  C CG  . ARG A 1 27  ? -2.853  14.589  -13.769 1.00 9.78  ? 26  ARG B CG  1 
ATOM   193  C CD  . ARG A 1 27  ? -1.977  14.452  -15.009 1.00 11.04 ? 26  ARG B CD  1 
ATOM   194  N NE  . ARG A 1 27  ? -2.742  14.041  -16.187 1.00 13.37 ? 26  ARG B NE  1 
ATOM   195  C CZ  . ARG A 1 27  ? -2.257  13.278  -17.164 1.00 15.79 ? 26  ARG B CZ  1 
ATOM   196  N NH1 . ARG A 1 27  ? -1.007  12.831  -17.094 1.00 17.13 ? 26  ARG B NH1 1 
ATOM   197  N NH2 . ARG A 1 27  ? -3.021  12.962  -18.210 1.00 12.47 ? 26  ARG B NH2 1 
ATOM   198  N N   . ALA A 1 28  ? -4.111  17.924  -11.806 1.00 4.90  ? 27  ALA B N   1 
ATOM   199  C CA  . ALA A 1 28  ? -3.383  18.721  -10.823 1.00 5.39  ? 27  ALA B CA  1 
ATOM   200  C C   . ALA A 1 28  ? -4.124  18.795  -9.493  1.00 5.10  ? 27  ALA B C   1 
ATOM   201  O O   . ALA A 1 28  ? -3.494  18.804  -8.427  1.00 5.14  ? 27  ALA B O   1 
ATOM   202  C CB  . ALA A 1 28  ? -3.131  20.117  -11.380 1.00 4.87  ? 27  ALA B CB  1 
ATOM   203  N N   . GLN A 1 29  ? -5.458  18.868  -9.528  1.00 5.06  ? 28  GLN B N   1 
ATOM   204  C CA  . GLN A 1 29  ? -6.220  18.807  -8.284  1.00 5.00  ? 28  GLN B CA  1 
ATOM   205  C C   . GLN A 1 29  ? -5.956  17.493  -7.563  1.00 5.44  ? 28  GLN B C   1 
ATOM   206  O O   . GLN A 1 29  ? -5.777  17.467  -6.338  1.00 6.17  ? 28  GLN B O   1 
ATOM   207  C CB  . GLN A 1 29  ? -7.717  18.990  -8.568  1.00 6.47  ? 28  GLN B CB  1 
ATOM   208  C CG  . GLN A 1 29  ? -8.092  20.416  -8.961  1.00 7.22  ? 28  GLN B CG  1 
ATOM   209  C CD  . GLN A 1 29  ? -9.444  20.543  -9.665  1.00 6.83  ? 28  GLN B CD  1 
ATOM   210  O OE1 . GLN A 1 29  ? -10.005 19.568  -10.150 1.00 6.62  ? 28  GLN B OE1 1 
ATOM   211  N NE2 . GLN A 1 29  ? -9.955  21.765  -9.738  1.00 10.51 ? 28  GLN B NE2 1 
ATOM   212  N N   . ILE A 1 30  ? -5.915  16.388  -8.306  1.00 5.54  ? 29  ILE B N   1 
ATOM   213  C CA  . ILE A 1 30  ? -5.618  15.106  -7.681  1.00 6.78  ? 29  ILE B CA  1 
ATOM   214  C C   . ILE A 1 30  ? -4.203  15.113  -7.105  1.00 6.72  ? 29  ILE B C   1 
ATOM   215  O O   . ILE A 1 30  ? -3.978  14.672  -5.975  1.00 7.09  ? 29  ILE B O   1 
ATOM   216  C CB  . ILE A 1 30  ? -5.834  13.974  -8.696  1.00 7.36  ? 29  ILE B CB  1 
ATOM   217  C CG1 . ILE A 1 30  ? -7.312  13.939  -9.075  1.00 7.64  ? 29  ILE B CG1 1 
ATOM   218  C CG2 . ILE A 1 30  ? -5.405  12.634  -8.122  1.00 10.51 ? 29  ILE B CG2 1 
ATOM   219  C CD1 . ILE A 1 30  ? -7.585  13.202  -10.361 1.00 9.02  ? 29  ILE B CD1 1 
ATOM   220  N N   . LEU A 1 31  ? -3.237  15.668  -7.846  1.00 6.50  ? 30  LEU B N   1 
ATOM   221  C CA  . LEU A 1 31  ? -1.857  15.694  -7.362  1.00 6.08  ? 30  LEU B CA  1 
ATOM   222  C C   . LEU A 1 31  ? -1.713  16.556  -6.107  1.00 6.19  ? 30  LEU B C   1 
ATOM   223  O O   . LEU A 1 31  ? -0.962  16.205  -5.192  1.00 6.55  ? 30  LEU B O   1 
ATOM   224  C CB  . LEU A 1 31  ? -0.922  16.191  -8.467  1.00 6.83  ? 30  LEU B CB  1 
ATOM   225  C CG  . LEU A 1 31  ? 0.560   16.047  -8.155  1.00 8.71  ? 30  LEU B CG  1 
ATOM   226  C CD1 . LEU A 1 31  ? 0.863   14.593  -7.798  1.00 11.57 ? 30  LEU B CD1 1 
ATOM   227  C CD2 . LEU A 1 31  ? 1.389   16.488  -9.345  1.00 11.89 ? 30  LEU B CD2 1 
ATOM   228  N N   . GLU A 1 32  ? -2.431  17.680  -6.036  1.00 5.31  ? 31  GLU B N   1 
ATOM   229  C CA  . GLU A 1 32  ? -2.421  18.473  -4.814  1.00 7.75  ? 31  GLU B CA  1 
ATOM   230  C C   . GLU A 1 32  ? -2.911  17.650  -3.633  1.00 6.18  ? 31  GLU B C   1 
ATOM   231  O O   . GLU A 1 32  ? -2.406  17.789  -2.511  1.00 8.88  ? 31  GLU B O   1 
ATOM   232  C CB  . GLU A 1 32  ? -3.271  19.726  -5.002  1.00 7.30  ? 31  GLU B CB  1 
ATOM   233  C CG  . GLU A 1 32  ? -3.460  20.572  -3.766  1.00 10.55 ? 31  GLU B CG  1 
ATOM   234  C CD  . GLU A 1 32  ? -4.268  21.795  -4.095  1.00 17.46 ? 31  GLU B CD  1 
ATOM   235  O OE1 . GLU A 1 32  ? -3.656  22.857  -4.347  1.00 18.60 ? 31  GLU B OE1 1 
ATOM   236  O OE2 . GLU A 1 32  ? -5.512  21.675  -4.156  1.00 19.59 ? 31  GLU B OE2 1 
ATOM   237  N N   . SER A 1 33  ? -3.870  16.757  -3.866  1.00 5.58  ? 32  SER B N   1 
ATOM   238  C CA  . SER A 1 33  ? -4.376  15.914  -2.785  1.00 7.62  ? 32  SER B CA  1 
ATOM   239  C C   . SER A 1 33  ? -3.786  14.515  -2.851  1.00 8.42  ? 32  SER B C   1 
ATOM   240  O O   . SER A 1 33  ? -4.488  13.516  -2.684  1.00 7.34  ? 32  SER B O   1 
ATOM   241  C CB  . SER A 1 33  ? -5.899  15.887  -2.807  1.00 7.30  ? 32  SER B CB  1 
ATOM   242  O OG  . SER A 1 33  ? -6.408  17.187  -2.560  1.00 9.26  ? 32  SER B OG  1 
ATOM   243  N N   . THR A 1 34  ? -2.472  14.446  -3.101  1.00 7.99  ? 33  THR B N   1 
ATOM   244  C CA  . THR A 1 34  ? -1.682  13.221  -3.143  1.00 8.03  ? 33  THR B CA  1 
ATOM   245  C C   . THR A 1 34  ? -0.485  13.385  -2.226  1.00 8.83  ? 33  THR B C   1 
ATOM   246  O O   . THR A 1 34  ? 0.109   14.466  -2.152  1.00 10.83 ? 33  THR B O   1 
ATOM   247  C CB  . THR A 1 34  ? -1.178  12.900  -4.574  1.00 9.55  ? 33  THR B CB  1 
ATOM   248  O OG1 . THR A 1 34  ? -2.288  12.643  -5.431  1.00 9.76  ? 33  THR B OG1 1 
ATOM   249  C CG2 . THR A 1 34  ? -0.262  11.681  -4.588  1.00 10.74 ? 33  THR B CG2 1 
ATOM   250  N N   . TRP A 1 35  ? -0.130  12.312  -1.529  1.00 7.47  ? 34  TRP B N   1 
ATOM   251  C CA  . TRP A 1 35  ? 1.135   12.229  -0.818  1.00 7.81  ? 34  TRP B CA  1 
ATOM   252  C C   . TRP A 1 35  ? 1.833   10.947  -1.238  1.00 8.69  ? 34  TRP B C   1 
ATOM   253  O O   . TRP A 1 35  ? 1.222   9.873   -1.216  1.00 7.85  ? 34  TRP B O   1 
ATOM   254  C CB  . TRP A 1 35  ? 0.913   12.245  0.686   1.00 8.82  ? 34  TRP B CB  1 
ATOM   255  C CG  . TRP A 1 35  ? 2.175   12.118  1.455   1.00 8.28  ? 34  TRP B CG  1 
ATOM   256  C CD1 . TRP A 1 35  ? 3.167   13.043  1.548   1.00 9.00  ? 34  TRP B CD1 1 
ATOM   257  C CD2 . TRP A 1 35  ? 2.573   11.011  2.263   1.00 7.61  ? 34  TRP B CD2 1 
ATOM   258  N NE1 . TRP A 1 35  ? 4.168   12.581  2.370   1.00 10.31 ? 34  TRP B NE1 1 
ATOM   259  C CE2 . TRP A 1 35  ? 3.830   11.330  2.815   1.00 10.33 ? 34  TRP B CE2 1 
ATOM   260  C CE3 . TRP A 1 35  ? 1.995   9.773   2.568   1.00 9.12  ? 34  TRP B CE3 1 
ATOM   261  C CZ2 . TRP A 1 35  ? 4.518   10.460  3.658   1.00 9.19  ? 34  TRP B CZ2 1 
ATOM   262  C CZ3 . TRP A 1 35  ? 2.674   8.916   3.415   1.00 10.08 ? 34  TRP B CZ3 1 
ATOM   263  C CH2 . TRP A 1 35  ? 3.922   9.263   3.947   1.00 10.96 ? 34  TRP B CH2 1 
ATOM   264  N N   . SER A 1 36  ? 3.099   11.055  -1.620  1.00 8.04  ? 35  SER B N   1 
ATOM   265  C CA  . SER A 1 36  ? 3.870   9.911   -2.086  1.00 7.32  ? 35  SER B CA  1 
ATOM   266  C C   . SER A 1 36  ? 4.978   9.591   -1.098  1.00 11.05 ? 35  SER B C   1 
ATOM   267  O O   . SER A 1 36  ? 5.581   10.496  -0.512  1.00 11.52 ? 35  SER B O   1 
ATOM   268  C CB  . SER A 1 36  ? 4.474   10.171  -3.466  1.00 12.69 ? 35  SER B CB  1 
ATOM   269  O OG  . SER A 1 36  ? 3.451   10.243  -4.445  1.00 16.13 ? 35  SER B OG  1 
ATOM   270  N N   . THR A 1 37  ? 5.235   8.300   -0.915  1.00 7.39  ? 36  THR B N   1 
ATOM   271  C CA  . THR A 1 37  ? 6.272   7.858   0.004   1.00 8.31  ? 36  THR B CA  1 
ATOM   272  C C   . THR A 1 37  ? 6.891   6.571   -0.525  1.00 8.83  ? 36  THR B C   1 
ATOM   273  O O   . THR A 1 37  ? 6.480   6.029   -1.560  1.00 7.10  ? 36  THR B O   1 
ATOM   274  C CB  . THR A 1 37  ? 5.704   7.675   1.415   1.00 11.38 ? 36  THR B CB  1 
ATOM   275  O OG1 . THR A 1 37  ? 6.781   7.492   2.343   1.00 11.80 ? 36  THR B OG1 1 
ATOM   276  C CG2 . THR A 1 37  ? 4.786   6.465   1.469   1.00 11.42 ? 36  THR B CG2 1 
ATOM   277  N N   . GLU A 1 38  ? 7.906   6.089   0.189   1.00 7.88  ? 37  GLU B N   1 
ATOM   278  C CA  . GLU A 1 38  ? 8.606   4.881   -0.216  1.00 7.46  ? 37  GLU B CA  1 
ATOM   279  C C   . GLU A 1 38  ? 9.268   4.269   1.006   1.00 10.13 ? 37  GLU B C   1 
ATOM   280  O O   . GLU A 1 38  ? 9.646   4.981   1.939   1.00 12.41 ? 37  GLU B O   1 
ATOM   281  C CB  . GLU A 1 38  ? 9.649   5.178   -1.302  1.00 10.87 ? 37  GLU B CB  1 
ATOM   282  C CG  . GLU A 1 38  ? 10.757  6.109   -0.845  1.00 17.07 ? 37  GLU B CG  1 
ATOM   283  C CD  . GLU A 1 38  ? 11.369  6.913   -1.987  1.00 34.23 ? 37  GLU B CD  1 
ATOM   284  O OE1 . GLU A 1 38  ? 12.378  6.453   -2.564  1.00 45.56 ? 37  GLU B OE1 1 
ATOM   285  O OE2 . GLU A 1 38  ? 10.843  8.005   -2.302  1.00 44.40 ? 37  GLU B OE2 1 
ATOM   286  N N   . PHE A 1 39  ? 9.385   2.943   1.000   1.00 7.63  ? 38  PHE B N   1 
ATOM   287  C CA  . PHE A 1 39  ? 10.203  2.246   1.986   1.00 8.32  ? 38  PHE B CA  1 
ATOM   288  C C   . PHE A 1 39  ? 10.813  1.017   1.325   1.00 6.75  ? 38  PHE B C   1 
ATOM   289  O O   . PHE A 1 39  ? 10.429  0.623   0.226   1.00 7.61  ? 38  PHE B O   1 
ATOM   290  C CB  . PHE A 1 39  ? 9.410   1.888   3.252   1.00 8.45  ? 38  PHE B CB  1 
ATOM   291  C CG  . PHE A 1 39  ? 8.184   1.051   3.015   1.00 8.19  ? 38  PHE B CG  1 
ATOM   292  C CD1 . PHE A 1 39  ? 8.284   -0.310  2.764   1.00 8.27  ? 38  PHE B CD1 1 
ATOM   293  C CD2 . PHE A 1 39  ? 6.920   1.618   3.119   1.00 7.06  ? 38  PHE B CD2 1 
ATOM   294  C CE1 . PHE A 1 39  ? 7.151   -1.088  2.567   1.00 8.68  ? 38  PHE B CE1 1 
ATOM   295  C CE2 . PHE A 1 39  ? 5.775   0.845   2.926   1.00 10.01 ? 38  PHE B CE2 1 
ATOM   296  C CZ  . PHE A 1 39  ? 5.886   -0.507  2.661   1.00 7.75  ? 38  PHE B CZ  1 
ATOM   297  N N   . LYS A 1 40  ? 11.790  0.417   2.001   1.00 5.96  ? 39  LYS B N   1 
ATOM   298  C CA  . LYS A 1 40  ? 12.515  -0.714  1.433   1.00 6.08  ? 39  LYS B CA  1 
ATOM   299  C C   . LYS A 1 40  ? 11.905  -2.050  1.833   1.00 5.43  ? 39  LYS B C   1 
ATOM   300  O O   . LYS A 1 40  ? 11.464  -2.241  2.973   1.00 6.03  ? 39  LYS B O   1 
ATOM   301  C CB  . LYS A 1 40  ? 13.980  -0.705  1.872   1.00 8.04  ? 39  LYS B CB  1 
ATOM   302  C CG  . LYS A 1 40  ? 14.772  0.500   1.394   1.00 12.82 ? 39  LYS B CG  1 
ATOM   303  C CD  . LYS A 1 40  ? 14.941  0.492   -0.114  1.00 13.44 ? 39  LYS B CD  1 
ATOM   304  C CE  . LYS A 1 40  ? 16.064  1.436   -0.558  1.00 18.22 ? 39  LYS B CE  1 
ATOM   305  N NZ  . LYS A 1 40  ? 15.855  2.829   -0.072  1.00 25.26 ? 39  LYS B NZ  1 
ATOM   306  N N   . VAL A 1 41  ? 11.894  -2.983  0.887   1.00 5.97  ? 40  VAL B N   1 
ATOM   307  C CA  . VAL A 1 41  ? 11.640  -4.385  1.173   1.00 4.98  ? 40  VAL B CA  1 
ATOM   308  C C   . VAL A 1 41  ? 12.804  -5.180  0.589   1.00 6.39  ? 40  VAL B C   1 
ATOM   309  O O   . VAL A 1 41  ? 13.617  -4.665  -0.175  1.00 6.91  ? 40  VAL B O   1 
ATOM   310  C CB  . VAL A 1 41  ? 10.274  -4.867  0.633   1.00 6.52  ? 40  VAL B CB  1 
ATOM   311  C CG1 . VAL A 1 41  ? 9.143   -4.049  1.251   1.00 8.32  ? 40  VAL B CG1 1 
ATOM   312  C CG2 . VAL A 1 41  ? 10.212  -4.765  -0.874  1.00 7.18  ? 40  VAL B CG2 1 
ATOM   313  N N   . TYR A 1 42  ? 12.901  -6.440  0.984   1.00 5.00  ? 41  TYR B N   1 
ATOM   314  C CA  . TYR A 1 42  ? 14.100  -7.234  0.722   1.00 5.96  ? 41  TYR B CA  1 
ATOM   315  C C   . TYR A 1 42  ? 13.687  -8.605  0.227   1.00 7.19  ? 41  TYR B C   1 
ATOM   316  O O   . TYR A 1 42  ? 12.818  -9.230  0.834   1.00 6.64  ? 41  TYR B O   1 
ATOM   317  C CB  . TYR A 1 42  ? 14.967  -7.367  1.994   1.00 5.72  ? 41  TYR B CB  1 
ATOM   318  C CG  . TYR A 1 42  ? 15.301  -6.015  2.568   1.00 5.25  ? 41  TYR B CG  1 
ATOM   319  C CD1 . TYR A 1 42  ? 16.489  -5.384  2.243   1.00 5.34  ? 41  TYR B CD1 1 
ATOM   320  C CD2 . TYR A 1 42  ? 14.395  -5.342  3.388   1.00 4.76  ? 41  TYR B CD2 1 
ATOM   321  C CE1 . TYR A 1 42  ? 16.786  -4.124  2.741   1.00 4.59  ? 41  TYR B CE1 1 
ATOM   322  C CE2 . TYR A 1 42  ? 14.669  -4.069  3.875   1.00 4.50  ? 41  TYR B CE2 1 
ATOM   323  C CZ  . TYR A 1 42  ? 15.870  -3.471  3.550   1.00 4.23  ? 41  TYR B CZ  1 
ATOM   324  O OH  . TYR A 1 42  ? 16.143  -2.205  4.046   1.00 6.11  ? 41  TYR B OH  1 
ATOM   325  N N   . ASP A 1 43  ? 14.298  -9.074  -0.865  1.00 6.45  ? 42  ASP B N   1 
ATOM   326  C CA  . ASP A 1 43  ? 13.927  -10.391 -1.360  1.00 8.89  ? 42  ASP B CA  1 
ATOM   327  C C   . ASP A 1 43  ? 14.798  -11.458 -0.703  1.00 10.16 ? 42  ASP B C   1 
ATOM   328  O O   . ASP A 1 43  ? 15.605  -11.182 0.187   1.00 9.97  ? 42  ASP B O   1 
ATOM   329  C CB  . ASP A 1 43  ? 13.994  -10.452 -2.890  1.00 9.47  ? 42  ASP B CB  1 
ATOM   330  C CG  . ASP A 1 43  ? 15.389  -10.191 -3.451  1.00 11.08 ? 42  ASP B CG  1 
ATOM   331  O OD1 . ASP A 1 43  ? 16.405  -10.524 -2.800  1.00 11.26 ? 42  ASP B OD1 1 
ATOM   332  O OD2 . ASP A 1 43  ? 15.463  -9.658  -4.579  1.00 11.52 ? 42  ASP B OD2 1 
ATOM   333  N N   . SER A 1 44  ? 14.607  -12.705 -1.129  1.00 10.40 ? 43  SER B N   1 
ATOM   334  C CA  . SER A 1 44  ? 15.317  -13.831 -0.536  1.00 12.99 ? 43  SER B CA  1 
ATOM   335  C C   . SER A 1 44  ? 16.769  -13.918 -0.982  1.00 16.83 ? 43  SER B C   1 
ATOM   336  O O   . SER A 1 44  ? 17.493  -14.811 -0.523  1.00 20.14 ? 43  SER B O   1 
ATOM   337  C CB  . SER A 1 44  ? 14.601  -15.137 -0.887  1.00 13.42 ? 43  SER B CB  1 
ATOM   338  O OG  . SER A 1 44  ? 13.358  -15.245 -0.217  1.00 18.00 ? 43  SER B OG  1 
ATOM   339  N N   . PHE A 1 45  ? 17.217  -13.015 -1.855  1.00 13.00 ? 44  PHE B N   1 
ATOM   340  C CA  . PHE A 1 45  ? 18.492  -13.160 -2.545  1.00 15.21 ? 44  PHE B CA  1 
ATOM   341  C C   . PHE A 1 45  ? 19.447  -12.018 -2.238  1.00 17.78 ? 44  PHE B C   1 
ATOM   342  O O   . PHE A 1 45  ? 20.440  -11.832 -2.951  1.00 17.34 ? 44  PHE B O   1 
ATOM   343  C CB  . PHE A 1 45  ? 18.237  -13.285 -4.047  1.00 12.75 ? 44  PHE B CB  1 
ATOM   344  C CG  . PHE A 1 45  ? 17.094  -14.200 -4.362  1.00 11.05 ? 44  PHE B CG  1 
ATOM   345  C CD1 . PHE A 1 45  ? 17.130  -15.519 -3.942  1.00 13.67 ? 44  PHE B CD1 1 
ATOM   346  C CD2 . PHE A 1 45  ? 15.967  -13.743 -5.024  1.00 11.66 ? 44  PHE B CD2 1 
ATOM   347  C CE1 . PHE A 1 45  ? 16.079  -16.379 -4.187  1.00 11.99 ? 44  PHE B CE1 1 
ATOM   348  C CE2 . PHE A 1 45  ? 14.909  -14.606 -5.284  1.00 14.95 ? 44  PHE B CE2 1 
ATOM   349  C CZ  . PHE A 1 45  ? 14.969  -15.930 -4.867  1.00 13.77 ? 44  PHE B CZ  1 
ATOM   350  N N   . GLY A 1 46  ? 19.160  -11.245 -1.195  1.00 14.84 ? 45  GLY B N   1 
ATOM   351  C CA  . GLY A 1 46  ? 20.073  -10.231 -0.715  1.00 17.15 ? 45  GLY B CA  1 
ATOM   352  C C   . GLY A 1 46  ? 19.931  -8.861  -1.333  1.00 17.20 ? 45  GLY B C   1 
ATOM   353  O O   . GLY A 1 46  ? 20.822  -8.027  -1.140  1.00 19.01 ? 45  GLY B O   1 
ATOM   354  N N   . GLU A 1 47  ? 18.855  -8.595  -2.068  1.00 12.41 ? 46  GLU B N   1 
ATOM   355  C CA  . GLU A 1 47  ? 18.682  -7.318  -2.743  1.00 14.33 ? 46  GLU B CA  1 
ATOM   356  C C   . GLU A 1 47  ? 17.565  -6.521  -2.087  1.00 10.70 ? 46  GLU B C   1 
ATOM   357  O O   . GLU A 1 47  ? 16.471  -7.046  -1.835  1.00 10.97 ? 46  GLU B O   1 
ATOM   358  C CB  . GLU A 1 47  ? 18.381  -7.502  -4.232  1.00 18.32 ? 46  GLU B CB  1 
ATOM   359  C CG  . GLU A 1 47  ? 18.264  -6.173  -4.983  1.00 22.29 ? 46  GLU B CG  1 
ATOM   360  C CD  . GLU A 1 47  ? 18.172  -6.341  -6.494  1.00 36.02 ? 46  GLU B CD  1 
ATOM   361  O OE1 . GLU A 1 47  ? 17.724  -7.416  -6.953  1.00 38.12 ? 46  GLU B OE1 1 
ATOM   362  O OE2 . GLU A 1 47  ? 18.535  -5.389  -7.221  1.00 37.93 ? 46  GLU B OE2 1 
ATOM   363  N N   . ALA A 1 48  ? 17.849  -5.252  -1.825  1.00 12.19 ? 47  ALA B N   1 
ATOM   364  C CA  . ALA A 1 48  ? 16.832  -4.315  -1.391  1.00 10.48 ? 47  ALA B CA  1 
ATOM   365  C C   . ALA A 1 48  ? 16.083  -3.780  -2.605  1.00 11.11 ? 47  ALA B C   1 
ATOM   366  O O   . ALA A 1 48  ? 16.673  -3.549  -3.667  1.00 14.15 ? 47  ALA B O   1 
ATOM   367  C CB  . ALA A 1 48  ? 17.467  -3.165  -0.610  1.00 9.28  ? 47  ALA B CB  1 
ATOM   368  N N   . HIS A 1 49  ? 14.777  -3.586  -2.440  1.00 7.52  ? 48  HIS B N   1 
ATOM   369  C CA  . HIS A 1 49  ? 13.906  -3.038  -3.465  1.00 8.45  ? 48  HIS B CA  1 
ATOM   370  C C   . HIS A 1 49  ? 13.154  -1.848  -2.891  1.00 9.21  ? 48  HIS B C   1 
ATOM   371  O O   . HIS A 1 49  ? 12.678  -1.900  -1.751  1.00 9.08  ? 48  HIS B O   1 
ATOM   372  C CB  . HIS A 1 49  ? 12.881  -4.075  -3.957  1.00 8.31  ? 48  HIS B CB  1 
ATOM   373  C CG  . HIS A 1 49  ? 13.483  -5.304  -4.561  1.00 8.93  ? 48  HIS B CG  1 
ATOM   374  N ND1 . HIS A 1 49  ? 13.664  -5.451  -5.921  1.00 13.74 ? 48  HIS B ND1 1 
ATOM   375  C CD2 . HIS A 1 49  ? 13.929  -6.450  -3.995  1.00 9.41  ? 48  HIS B CD2 1 
ATOM   376  C CE1 . HIS A 1 49  ? 14.209  -6.631  -6.165  1.00 12.33 ? 48  HIS B CE1 1 
ATOM   377  N NE2 . HIS A 1 49  ? 14.375  -7.260  -5.015  1.00 12.32 ? 48  HIS B NE2 1 
ATOM   378  N N   . GLU A 1 50  ? 13.012  -0.792  -3.686  1.00 9.83  ? 49  GLU B N   1 
ATOM   379  C CA  . GLU A 1 50  ? 12.194  0.341   -3.271  1.00 8.36  ? 49  GLU B CA  1 
ATOM   380  C C   . GLU A 1 50  ? 10.725  0.049   -3.544  1.00 9.47  ? 49  GLU B C   1 
ATOM   381  O O   . GLU A 1 50  ? 10.360  -0.334  -4.657  1.00 9.99  ? 49  GLU B O   1 
ATOM   382  C CB  . GLU A 1 50  ? 12.607  1.611   -4.010  1.00 12.26 ? 49  GLU B CB  1 
ATOM   383  C CG  . GLU A 1 50  ? 12.012  2.874   -3.405  1.00 23.25 ? 49  GLU B CG  1 
ATOM   384  C CD  . GLU A 1 50  ? 12.857  3.429   -2.265  1.00 25.89 ? 49  GLU B CD  1 
ATOM   385  O OE1 . GLU A 1 50  ? 13.727  4.284   -2.539  1.00 38.16 ? 49  GLU B OE1 1 
ATOM   386  O OE2 . GLU A 1 50  ? 12.660  3.010   -1.099  1.00 25.87 ? 49  GLU B OE2 1 
ATOM   387  N N   . LEU A 1 51  ? 9.883   0.238   -2.537  1.00 7.46  ? 50  LEU B N   1 
ATOM   388  C CA  . LEU A 1 51  ? 8.440   0.136   -2.699  1.00 7.90  ? 50  LEU B CA  1 
ATOM   389  C C   . LEU A 1 51  ? 7.870   1.541   -2.587  1.00 8.59  ? 50  LEU B C   1 
ATOM   390  O O   . LEU A 1 51  ? 7.963   2.166   -1.529  1.00 8.75  ? 50  LEU B O   1 
ATOM   391  C CB  . LEU A 1 51  ? 7.822   -0.792  -1.649  1.00 8.74  ? 50  LEU B CB  1 
ATOM   392  C CG  . LEU A 1 51  ? 6.317   -1.097  -1.735  1.00 7.64  ? 50  LEU B CG  1 
ATOM   393  C CD1 . LEU A 1 51  ? 6.003   -2.417  -1.037  1.00 10.34 ? 50  LEU B CD1 1 
ATOM   394  C CD2 . LEU A 1 51  ? 5.499   0.004   -1.117  1.00 8.87  ? 50  LEU B CD2 1 
ATOM   395  N N   . GLN A 1 52  ? 7.280   2.031   -3.665  1.00 6.88  ? 51  GLN B N   1 
ATOM   396  C CA  . GLN A 1 52  ? 6.695   3.362   -3.672  1.00 7.75  ? 51  GLN B CA  1 
ATOM   397  C C   . GLN A 1 52  ? 5.178   3.267   -3.560  1.00 6.98  ? 51  GLN B C   1 
ATOM   398  O O   . GLN A 1 52  ? 4.550   2.444   -4.226  1.00 7.54  ? 51  GLN B O   1 
ATOM   399  C CB  . GLN A 1 52  ? 7.072   4.112   -4.948  1.00 9.71  ? 51  GLN B CB  1 
ATOM   400  C CG  . GLN A 1 52  ? 6.432   5.495   -5.020  1.00 12.70 ? 51  GLN B CG  1 
ATOM   401  C CD  . GLN A 1 52  ? 7.008   6.380   -6.112  1.00 21.35 ? 51  GLN B CD  1 
ATOM   402  O OE1 . GLN A 1 52  ? 8.136   6.189   -6.555  1.00 20.63 ? 51  GLN B OE1 1 
ATOM   403  N NE2 . GLN A 1 52  ? 6.228   7.371   -6.539  1.00 21.48 ? 51  GLN B NE2 1 
ATOM   404  N N   . ILE A 1 53  ? 4.590   4.123   -2.729  1.00 6.90  ? 52  ILE B N   1 
ATOM   405  C CA  . ILE A 1 53  ? 3.140   4.240   -2.605  1.00 7.28  ? 52  ILE B CA  1 
ATOM   406  C C   . ILE A 1 53  ? 2.757   5.681   -2.885  1.00 8.03  ? 52  ILE B C   1 
ATOM   407  O O   . ILE A 1 53  ? 3.272   6.598   -2.241  1.00 7.42  ? 52  ILE B O   1 
ATOM   408  C CB  . ILE A 1 53  ? 2.613   3.829   -1.215  1.00 7.84  ? 52  ILE B CB  1 
ATOM   409  C CG1 . ILE A 1 53  ? 3.206   2.500   -0.777  1.00 9.08  ? 52  ILE B CG1 1 
ATOM   410  C CG2 . ILE A 1 53  ? 1.075   3.728   -1.234  1.00 8.96  ? 52  ILE B CG2 1 
ATOM   411  C CD1 . ILE A 1 53  ? 2.868   2.130   0.653   1.00 12.01 ? 52  ILE B CD1 1 
ATOM   412  N N   . ASP A 1 54  ? 1.827   5.876   -3.813  1.00 7.17  ? 53  ASP B N   1 
ATOM   413  C CA  . ASP A 1 54  ? 1.205   7.175   -4.018  1.00 8.00  ? 53  ASP B CA  1 
ATOM   414  C C   . ASP A 1 54  ? -0.200  7.116   -3.441  1.00 8.11  ? 53  ASP B C   1 
ATOM   415  O O   . ASP A 1 54  ? -1.026  6.343   -3.931  1.00 8.19  ? 53  ASP B O   1 
ATOM   416  C CB  . ASP A 1 54  ? 1.151   7.537   -5.504  1.00 9.80  ? 53  ASP B CB  1 
ATOM   417  C CG  . ASP A 1 54  ? 2.486   7.358   -6.202  1.00 16.66 ? 53  ASP B CG  1 
ATOM   418  O OD1 . ASP A 1 54  ? 3.488   7.940   -5.735  1.00 17.18 ? 53  ASP B OD1 1 
ATOM   419  O OD2 . ASP A 1 54  ? 2.532   6.627   -7.216  1.00 19.47 ? 53  ASP B OD2 1 
ATOM   420  N N   . PHE A 1 55  ? -0.462  7.911   -2.396  1.00 5.98  ? 54  PHE B N   1 
ATOM   421  C CA  . PHE A 1 55  ? -1.782  8.000   -1.774  1.00 5.96  ? 54  PHE B CA  1 
ATOM   422  C C   . PHE A 1 55  ? -2.485  9.220   -2.353  1.00 7.20  ? 54  PHE B C   1 
ATOM   423  O O   . PHE A 1 55  ? -2.065  10.350  -2.097  1.00 9.15  ? 54  PHE B O   1 
ATOM   424  C CB  . PHE A 1 55  ? -1.694  8.166   -0.254  1.00 7.21  ? 54  PHE B CB  1 
ATOM   425  C CG  . PHE A 1 55  ? -1.152  6.974   0.499   1.00 6.01  ? 54  PHE B CG  1 
ATOM   426  C CD1 . PHE A 1 55  ? -1.995  5.954   0.925   1.00 6.13  ? 54  PHE B CD1 1 
ATOM   427  C CD2 . PHE A 1 55  ? 0.184   6.919   0.862   1.00 7.32  ? 54  PHE B CD2 1 
ATOM   428  C CE1 . PHE A 1 55  ? -1.505  4.865   1.661   1.00 7.60  ? 54  PHE B CE1 1 
ATOM   429  C CE2 . PHE A 1 55  ? 0.671   5.844   1.596   1.00 8.69  ? 54  PHE B CE2 1 
ATOM   430  C CZ  . PHE A 1 55  ? -0.174  4.824   1.996   1.00 6.82  ? 54  PHE B CZ  1 
ATOM   431  N N   . ALA A 1 56  ? -3.571  9.009   -3.090  1.00 6.20  ? 55  ALA B N   1 
ATOM   432  C CA  . ALA A 1 56  ? -4.305  10.109  -3.702  1.00 6.75  ? 55  ALA B CA  1 
ATOM   433  C C   . ALA A 1 56  ? -5.768  10.045  -3.295  1.00 6.02  ? 55  ALA B C   1 
ATOM   434  O O   . ALA A 1 56  ? -6.385  8.978   -3.355  1.00 7.32  ? 55  ALA B O   1 
ATOM   435  C CB  . ALA A 1 56  ? -4.200  10.055  -5.228  1.00 8.92  ? 55  ALA B CB  1 
ATOM   436  N N   . ARG A 1 57  ? -6.347  11.189  -2.930  1.00 5.93  ? 56  ARG B N   1 
ATOM   437  C CA  . ARG A 1 57  ? -7.780  11.182  -2.661  1.00 5.14  ? 56  ARG B CA  1 
ATOM   438  C C   . ARG A 1 57  ? -8.561  10.658  -3.866  1.00 6.50  ? 56  ARG B C   1 
ATOM   439  O O   . ARG A 1 57  ? -8.186  10.865  -5.029  1.00 7.13  ? 56  ARG B O   1 
ATOM   440  C CB  . ARG A 1 57  ? -8.287  12.580  -2.303  1.00 7.38  ? 56  ARG B CB  1 
ATOM   441  C CG  . ARG A 1 57  ? -7.996  13.040  -0.878  1.00 7.64  ? 56  ARG B CG  1 
ATOM   442  C CD  . ARG A 1 57  ? -8.967  14.146  -0.513  1.00 7.98  ? 56  ARG B CD  1 
ATOM   443  N NE  . ARG A 1 57  ? -8.716  14.773  0.785   1.00 7.61  ? 56  ARG B NE  1 
ATOM   444  C CZ  . ARG A 1 57  ? -9.103  14.271  1.955   1.00 7.02  ? 56  ARG B CZ  1 
ATOM   445  N NH1 . ARG A 1 57  ? -9.752  13.113  2.009   1.00 8.64  ? 56  ARG B NH1 1 
ATOM   446  N NH2 . ARG A 1 57  ? -8.845  14.935  3.079   1.00 9.89  ? 56  ARG B NH2 1 
ATOM   447  N N   . VAL A 1 58  ? -9.658  9.960   -3.575  1.00 6.09  ? 57  VAL B N   1 
ATOM   448  C CA  . VAL A 1 58  ? -10.576 9.453   -4.595  1.00 6.57  ? 57  VAL B CA  1 
ATOM   449  C C   . VAL A 1 58  ? -11.535 10.565  -5.009  1.00 7.43  ? 57  VAL B C   1 
ATOM   450  O O   . VAL A 1 58  ? -12.282 11.077  -4.161  1.00 8.36  ? 57  VAL B O   1 
ATOM   451  C CB  . VAL A 1 58  ? -11.362 8.240   -4.070  1.00 7.55  ? 57  VAL B CB  1 
ATOM   452  C CG1 . VAL A 1 58  ? -12.373 7.763   -5.101  1.00 9.03  ? 57  VAL B CG1 1 
ATOM   453  C CG2 . VAL A 1 58  ? -10.409 7.092   -3.716  1.00 7.48  ? 57  VAL B CG2 1 
ATOM   454  N N   . PRO A 1 59  ? -11.564 10.967  -6.279  1.00 6.46  ? 58  PRO B N   1 
ATOM   455  C CA  . PRO A 1 59  ? -12.537 11.986  -6.701  1.00 8.45  ? 58  PRO B CA  1 
ATOM   456  C C   . PRO A 1 59  ? -13.965 11.515  -6.457  1.00 9.11  ? 58  PRO B C   1 
ATOM   457  O O   . PRO A 1 59  ? -14.344 10.400  -6.825  1.00 10.20 ? 58  PRO B O   1 
ATOM   458  C CB  . PRO A 1 59  ? -12.241 12.159  -8.197  1.00 9.80  ? 58  PRO B CB  1 
ATOM   459  C CG  . PRO A 1 59  ? -10.809 11.743  -8.338  1.00 9.60  ? 58  PRO B CG  1 
ATOM   460  C CD  . PRO A 1 59  ? -10.636 10.607  -7.363  1.00 7.47  ? 58  PRO B CD  1 
ATOM   461  N N   . GLY A 1 60  ? -14.752 12.375  -5.817  1.00 8.93  ? 59  GLY B N   1 
ATOM   462  C CA  . GLY A 1 60  ? -16.149 12.106  -5.570  1.00 9.42  ? 59  GLY B CA  1 
ATOM   463  C C   . GLY A 1 60  ? -16.448 11.331  -4.306  1.00 12.80 ? 59  GLY B C   1 
ATOM   464  O O   . GLY A 1 60  ? -17.616 11.001  -4.070  1.00 15.41 ? 59  GLY B O   1 
ATOM   465  N N   . GLU A 1 61  ? -15.446 11.033  -3.478  1.00 9.86  ? 60  GLU B N   1 
ATOM   466  C CA  . GLU A 1 61  ? -15.708 10.322  -2.231  1.00 10.48 ? 60  GLU B CA  1 
ATOM   467  C C   . GLU A 1 61  ? -14.918 10.935  -1.087  1.00 11.97 ? 60  GLU B C   1 
ATOM   468  O O   . GLU A 1 61  ? -13.713 11.167  -1.216  1.00 14.78 ? 60  GLU B O   1 
ATOM   469  C CB  . GLU A 1 61  ? -15.373 8.828   -2.345  1.00 10.23 ? 60  GLU B CB  1 
ATOM   470  C CG  . GLU A 1 61  ? -15.900 8.054   -1.131  1.00 15.69 ? 60  GLU B CG  1 
ATOM   471  C CD  . GLU A 1 61  ? -15.617 6.558   -1.154  1.00 15.70 ? 60  GLU B CD  1 
ATOM   472  O OE1 . GLU A 1 61  ? -15.220 6.019   -2.208  1.00 15.10 ? 60  GLU B OE1 1 
ATOM   473  O OE2 . GLU A 1 61  ? -15.812 5.922   -0.094  1.00 15.97 ? 60  GLU B OE2 1 
ATOM   474  N N   . VAL A 1 62  ? -15.581 11.138  0.048   1.00 9.98  ? 61  VAL B N   1 
ATOM   475  C CA  . VAL A 1 62  ? -14.925 11.708  1.222   1.00 8.86  ? 61  VAL B CA  1 
ATOM   476  C C   . VAL A 1 62  ? -14.184 10.620  1.994   1.00 10.19 ? 61  VAL B C   1 
ATOM   477  O O   . VAL A 1 62  ? -14.559 9.442   1.986   1.00 9.30  ? 61  VAL B O   1 
ATOM   478  C CB  . VAL A 1 62  ? -15.943 12.430  2.129   1.00 9.34  ? 61  VAL B CB  1 
ATOM   479  C CG1 . VAL A 1 62  ? -16.552 13.606  1.394   1.00 10.54 ? 61  VAL B CG1 1 
ATOM   480  C CG2 . VAL A 1 62  ? -17.019 11.459  2.601   1.00 11.53 ? 61  VAL B CG2 1 
ATOM   481  N N   . ASN A 1 63  ? -13.106 11.027  2.662   1.00 7.70  ? 62  ASN B N   1 
ATOM   482  C CA  . ASN A 1 63  ? -12.373 10.167  3.604   1.00 8.33  ? 62  ASN B CA  1 
ATOM   483  C C   . ASN A 1 63  ? -11.898 8.870   2.950   1.00 9.15  ? 62  ASN B C   1 
ATOM   484  O O   . ASN A 1 63  ? -11.890 7.801   3.574   1.00 7.61  ? 62  ASN B O   1 
ATOM   485  C CB  . ASN A 1 63  ? -13.222 9.877   4.844   1.00 7.47  ? 62  ASN B CB  1 
ATOM   486  C CG  . ASN A 1 63  ? -13.573 11.139  5.587   1.00 9.19  ? 62  ASN B CG  1 
ATOM   487  O OD1 . ASN A 1 63  ? -12.704 11.950  5.875   1.00 10.75 ? 62  ASN B OD1 1 
ATOM   488  N ND2 . ASN A 1 63  ? -14.863 11.337  5.862   1.00 11.85 ? 62  ASN B ND2 1 
ATOM   489  N N   . ALA A 1 64  ? -11.493 8.965   1.682   1.00 7.57  ? 63  ALA B N   1 
ATOM   490  C CA  . ALA A 1 64  ? -11.127 7.807   0.871   1.00 6.56  ? 63  ALA B CA  1 
ATOM   491  C C   . ALA A 1 64  ? -9.919  8.135   0.001   1.00 7.44  ? 63  ALA B C   1 
ATOM   492  O O   . ALA A 1 64  ? -9.915  9.142   -0.717  1.00 6.62  ? 63  ALA B O   1 
ATOM   493  C CB  . ALA A 1 64  ? -12.299 7.354   -0.009  1.00 5.83  ? 63  ALA B CB  1 
ATOM   494  N N   . TRP A 1 65  ? -8.908  7.270   0.043   1.00 5.41  ? 64  TRP B N   1 
ATOM   495  C CA  . TRP A 1 65  ? -7.651  7.488   -0.663  1.00 5.42  ? 64  TRP B CA  1 
ATOM   496  C C   . TRP A 1 65  ? -7.272  6.240   -1.442  1.00 6.70  ? 64  TRP B C   1 
ATOM   497  O O   . TRP A 1 65  ? -7.340  5.131   -0.908  1.00 8.08  ? 64  TRP B O   1 
ATOM   498  C CB  . TRP A 1 65  ? -6.520  7.835   0.312   1.00 7.22  ? 64  TRP B CB  1 
ATOM   499  C CG  . TRP A 1 65  ? -6.751  9.049   1.163   1.00 6.28  ? 64  TRP B CG  1 
ATOM   500  C CD1 . TRP A 1 65  ? -7.711  9.203   2.130   1.00 6.40  ? 64  TRP B CD1 1 
ATOM   501  C CD2 . TRP A 1 65  ? -5.993  10.273  1.151   1.00 7.22  ? 64  TRP B CD2 1 
ATOM   502  N NE1 . TRP A 1 65  ? -7.592  10.448  2.718   1.00 6.58  ? 64  TRP B NE1 1 
ATOM   503  C CE2 . TRP A 1 65  ? -6.555  11.123  2.129   1.00 6.83  ? 64  TRP B CE2 1 
ATOM   504  C CE3 . TRP A 1 65  ? -4.897  10.730  0.410   1.00 5.27  ? 64  TRP B CE3 1 
ATOM   505  C CZ2 . TRP A 1 65  ? -6.053  12.402  2.390   1.00 6.60  ? 64  TRP B CZ2 1 
ATOM   506  C CZ3 . TRP A 1 65  ? -4.400  12.009  0.670   1.00 5.27  ? 64  TRP B CZ3 1 
ATOM   507  C CH2 . TRP A 1 65  ? -4.979  12.825  1.652   1.00 7.50  ? 64  TRP B CH2 1 
ATOM   508  N N   . ARG A 1 66  ? -6.856  6.417   -2.696  1.00 5.35  ? 65  ARG B N   1 
ATOM   509  C CA  . ARG A 1 66  ? -6.340  5.311   -3.487  1.00 6.05  ? 65  ARG B CA  1 
ATOM   510  C C   . ARG A 1 66  ? -4.829  5.268   -3.332  1.00 7.78  ? 65  ARG B C   1 
ATOM   511  O O   . ARG A 1 66  ? -4.147  6.257   -3.613  1.00 7.18  ? 65  ARG B O   1 
ATOM   512  C CB  . ARG A 1 66  ? -6.709  5.446   -4.960  1.00 6.56  ? 65  ARG B CB  1 
ATOM   513  C CG  . ARG A 1 66  ? -6.204  4.248   -5.766  1.00 8.41  ? 65  ARG B CG  1 
ATOM   514  C CD  . ARG A 1 66  ? -6.566  4.338   -7.237  1.00 10.45 ? 65  ARG B CD  1 
ATOM   515  N NE  . ARG A 1 66  ? -8.004  4.239   -7.454  1.00 11.66 ? 65  ARG B NE  1 
ATOM   516  C CZ  . ARG A 1 66  ? -8.678  3.096   -7.530  1.00 14.82 ? 65  ARG B CZ  1 
ATOM   517  N NH1 . ARG A 1 66  ? -8.051  1.929   -7.400  1.00 17.58 ? 65  ARG B NH1 1 
ATOM   518  N NH2 . ARG A 1 66  ? -9.991  3.122   -7.733  1.00 20.14 ? 65  ARG B NH2 1 
ATOM   519  N N   . ALA A 1 67  ? -4.318  4.132   -2.875  1.00 5.38  ? 66  ALA B N   1 
ATOM   520  C CA  . ALA A 1 67  ? -2.890  3.901   -2.729  1.00 5.26  ? 66  ALA B CA  1 
ATOM   521  C C   . ALA A 1 67  ? -2.426  3.054   -3.900  1.00 6.41  ? 66  ALA B C   1 
ATOM   522  O O   . ALA A 1 67  ? -2.888  1.921   -4.063  1.00 7.71  ? 66  ALA B O   1 
ATOM   523  C CB  . ALA A 1 67  ? -2.597  3.185   -1.415  1.00 7.24  ? 66  ALA B CB  1 
ATOM   524  N N   . THR A 1 68  ? -1.526  3.595   -4.713  1.00 5.29  ? 67  THR B N   1 
ATOM   525  C CA  . THR A 1 68  ? -0.986  2.881   -5.862  1.00 6.13  ? 67  THR B CA  1 
ATOM   526  C C   . THR A 1 68  ? 0.440   2.466   -5.532  1.00 7.27  ? 67  THR B C   1 
ATOM   527  O O   . THR A 1 68  ? 1.266   3.312   -5.177  1.00 7.68  ? 67  THR B O   1 
ATOM   528  C CB  . THR A 1 68  ? -1.027  3.749   -7.117  1.00 7.02  ? 67  THR B CB  1 
ATOM   529  O OG1 . THR A 1 68  ? -2.392  4.049   -7.424  1.00 11.01 ? 67  THR B OG1 1 
ATOM   530  C CG2 . THR A 1 68  ? -0.426  2.999   -8.295  1.00 9.28  ? 67  THR B CG2 1 
ATOM   531  N N   . VAL A 1 69  ? 0.717   1.169   -5.636  1.00 6.22  ? 68  VAL B N   1 
ATOM   532  C CA  . VAL A 1 69  ? 1.955   0.570   -5.141  1.00 7.35  ? 68  VAL B CA  1 
ATOM   533  C C   . VAL A 1 69  ? 2.772   0.056   -6.316  1.00 6.99  ? 68  VAL B C   1 
ATOM   534  O O   . VAL A 1 69  ? 2.261   -0.698  -7.154  1.00 8.18  ? 68  VAL B O   1 
ATOM   535  C CB  . VAL A 1 69  ? 1.662   -0.576  -4.159  1.00 6.40  ? 68  VAL B CB  1 
ATOM   536  C CG1 . VAL A 1 69  ? 2.967   -1.184  -3.636  1.00 7.17  ? 68  VAL B CG1 1 
ATOM   537  C CG2 . VAL A 1 69  ? 0.783   -0.094  -3.016  1.00 11.11 ? 68  VAL B CG2 1 
ATOM   538  N N   . ASN A 1 70  ? 4.060   0.404   -6.341  1.00 6.87  ? 69  ASN B N   1 
ATOM   539  C CA  . ASN A 1 70  ? 4.988   -0.156  -7.321  1.00 8.03  ? 69  ASN B CA  1 
ATOM   540  C C   . ASN A 1 70  ? 6.307   -0.472  -6.640  1.00 7.25  ? 69  ASN B C   1 
ATOM   541  O O   . ASN A 1 70  ? 6.911   0.406   -6.011  1.00 7.84  ? 69  ASN B O   1 
ATOM   542  C CB  . ASN A 1 70  ? 5.221   0.806   -8.491  1.00 9.47  ? 69  ASN B CB  1 
ATOM   543  C CG  . ASN A 1 70  ? 4.040   0.870   -9.428  1.00 10.81 ? 69  ASN B CG  1 
ATOM   544  O OD1 . ASN A 1 70  ? 3.795   -0.062  -10.194 1.00 12.84 ? 69  ASN B OD1 1 
ATOM   545  N ND2 . ASN A 1 70  ? 3.275   1.946   -9.341  1.00 9.82  ? 69  ASN B ND2 1 
ATOM   546  N N   . VAL A 1 71  ? 6.740   -1.724  -6.756  1.00 7.09  ? 70  VAL B N   1 
ATOM   547  C CA  . VAL A 1 71  ? 8.088   -2.130  -6.369  1.00 7.03  ? 70  VAL B CA  1 
ATOM   548  C C   . VAL A 1 71  ? 8.995   -1.929  -7.573  1.00 13.23 ? 70  VAL B C   1 
ATOM   549  O O   . VAL A 1 71  ? 8.609   -2.234  -8.707  1.00 10.97 ? 70  VAL B O   1 
ATOM   550  C CB  . VAL A 1 71  ? 8.104   -3.591  -5.876  1.00 9.01  ? 70  VAL B CB  1 
ATOM   551  C CG1 . VAL A 1 71  ? 9.518   -4.011  -5.477  1.00 11.94 ? 70  VAL B CG1 1 
ATOM   552  C CG2 . VAL A 1 71  ? 7.144   -3.763  -4.703  1.00 9.92  ? 70  VAL B CG2 1 
ATOM   553  N N   . ASP A 1 72  ? 10.203  -1.406  -7.332  1.00 11.32 ? 71  ASP B N   1 
ATOM   554  C CA  . ASP A 1 72  ? 11.139  -0.997  -8.384  1.00 15.27 ? 71  ASP B CA  1 
ATOM   555  C C   . ASP A 1 72  ? 10.442  0.017   -9.288  1.00 14.57 ? 71  ASP B C   1 
ATOM   556  O O   . ASP A 1 72  ? 10.194  -0.286  -10.464 1.00 12.68 ? 71  ASP B O   1 
ATOM   557  C CB  . ASP A 1 72  ? 11.619  -2.173  -9.256  1.00 14.95 ? 71  ASP B CB  1 
ATOM   558  C CG  . ASP A 1 72  ? 12.461  -3.207  -8.506  1.00 18.27 ? 71  ASP B CG  1 
ATOM   559  O OD1 . ASP A 1 72  ? 12.770  -3.019  -7.315  1.00 16.67 ? 71  ASP B OD1 1 
ATOM   560  O OD2 . ASP A 1 72  ? 12.824  -4.226  -9.147  1.00 18.11 ? 71  ASP B OD2 1 
ATOM   561  N N   . PRO A 1 73  ? 10.097  1.211   -8.784  1.00 12.86 ? 72  PRO B N   1 
ATOM   562  C CA  . PRO A 1 73  ? 9.193   2.093   -9.542  1.00 15.04 ? 72  PRO B CA  1 
ATOM   563  C C   . PRO A 1 73  ? 9.766   2.594   -10.856 1.00 19.65 ? 72  PRO B C   1 
ATOM   564  O O   . PRO A 1 73  ? 8.988   3.011   -11.721 1.00 20.58 ? 72  PRO B O   1 
ATOM   565  C CB  . PRO A 1 73  ? 8.925   3.255   -8.569  1.00 16.48 ? 72  PRO B CB  1 
ATOM   566  C CG  . PRO A 1 73  ? 10.014  3.181   -7.550  1.00 15.57 ? 72  PRO B CG  1 
ATOM   567  C CD  . PRO A 1 73  ? 10.369  1.730   -7.435  1.00 12.58 ? 72  PRO B CD  1 
ATOM   568  N N   . THR A 1 74  ? 11.082  2.563   -11.049 1.00 19.48 ? 73  THR B N   1 
ATOM   569  C CA  . THR A 1 74  ? 11.642  2.932   -12.344 1.00 21.66 ? 73  THR B CA  1 
ATOM   570  C C   . THR A 1 74  ? 11.618  1.782   -13.348 1.00 24.20 ? 73  THR B C   1 
ATOM   571  O O   . THR A 1 74  ? 11.998  1.981   -14.507 1.00 30.15 ? 73  THR B O   1 
ATOM   572  C CB  . THR A 1 74  ? 13.073  3.448   -12.166 1.00 26.25 ? 73  THR B CB  1 
ATOM   573  O OG1 . THR A 1 74  ? 13.908  2.393   -11.671 1.00 29.87 ? 73  THR B OG1 1 
ATOM   574  C CG2 . THR A 1 74  ? 13.094  4.607   -11.177 1.00 25.92 ? 73  THR B CG2 1 
ATOM   575  N N   . ASN A 1 75  ? 11.167  0.602   -12.934 1.00 17.82 ? 74  ASN B N   1 
ATOM   576  C CA  . ASN A 1 75  ? 11.052  -0.583  -13.778 1.00 17.03 ? 74  ASN B CA  1 
ATOM   577  C C   . ASN A 1 75  ? 9.742   -1.289  -13.439 1.00 15.65 ? 74  ASN B C   1 
ATOM   578  O O   . ASN A 1 75  ? 9.686   -2.509  -13.268 1.00 16.60 ? 74  ASN B O   1 
ATOM   579  C CB  . ASN A 1 75  ? 12.264  -1.495  -13.577 1.00 19.58 ? 74  ASN B CB  1 
ATOM   580  C CG  . ASN A 1 75  ? 12.386  -2.575  -14.643 1.00 24.70 ? 74  ASN B CG  1 
ATOM   581  O OD1 . ASN A 1 75  ? 11.943  -2.403  -15.777 1.00 24.26 ? 74  ASN B OD1 1 
ATOM   582  N ND2 . ASN A 1 75  ? 13.008  -3.696  -14.280 1.00 20.53 ? 74  ASN B ND2 1 
ATOM   583  N N   . ALA A 1 76  ? 8.666   -0.500  -13.335 1.00 16.39 ? 75  ALA B N   1 
ATOM   584  C CA  . ALA A 1 76  ? 7.433   -0.967  -12.707 1.00 15.95 ? 75  ALA B CA  1 
ATOM   585  C C   . ALA A 1 76  ? 6.673   -1.958  -13.574 1.00 14.08 ? 75  ALA B C   1 
ATOM   586  O O   . ALA A 1 76  ? 6.010   -2.858  -13.043 1.00 15.48 ? 75  ALA B O   1 
ATOM   587  C CB  . ALA A 1 76  ? 6.535   0.221   -12.366 1.00 14.24 ? 75  ALA B CB  1 
ATOM   588  N N   . ASP A 1 77  ? 6.726   -1.812  -14.899 1.00 16.57 ? 76  ASP B N   1 
ATOM   589  C CA  . ASP A 1 77  ? 6.037   -2.791  -15.730 1.00 17.57 ? 76  ASP B CA  1 
ATOM   590  C C   . ASP A 1 77  ? 6.661   -4.177  -15.590 1.00 17.90 ? 76  ASP B C   1 
ATOM   591  O O   . ASP A 1 77  ? 5.944   -5.181  -15.615 1.00 18.65 ? 76  ASP B O   1 
ATOM   592  C CB  . ASP A 1 77  ? 6.029   -2.341  -17.192 1.00 20.39 ? 76  ASP B CB  1 
ATOM   593  C CG  . ASP A 1 77  ? 5.493   -0.931  -17.363 1.00 30.98 ? 76  ASP B CG  1 
ATOM   594  O OD1 . ASP A 1 77  ? 6.304   -0.004  -17.572 1.00 44.22 ? 76  ASP B OD1 1 
ATOM   595  O OD2 . ASP A 1 77  ? 4.261   -0.742  -17.255 1.00 38.01 ? 76  ASP B OD2 1 
ATOM   596  N N   . ALA A 1 78  ? 7.982   -4.251  -15.398 1.00 15.42 ? 77  ALA B N   1 
ATOM   597  C CA  . ALA A 1 78  ? 8.648   -5.543  -15.294 1.00 15.79 ? 77  ALA B CA  1 
ATOM   598  C C   . ALA A 1 78  ? 8.365   -6.228  -13.963 1.00 15.19 ? 77  ALA B C   1 
ATOM   599  O O   . ALA A 1 78  ? 8.368   -7.463  -13.899 1.00 14.03 ? 77  ALA B O   1 
ATOM   600  C CB  . ALA A 1 78  ? 10.159  -5.378  -15.493 1.00 15.28 ? 77  ALA B CB  1 
ATOM   601  N N   . THR A 1 79  ? 8.128   -5.468  -12.886 1.00 11.29 ? 78  THR B N   1 
ATOM   602  C CA  . THR A 1 79  ? 7.839   -6.130  -11.618 1.00 13.25 ? 78  THR B CA  1 
ATOM   603  C C   . THR A 1 79  ? 6.377   -6.527  -11.484 1.00 12.20 ? 78  THR B C   1 
ATOM   604  O O   . THR A 1 79  ? 6.084   -7.450  -10.723 1.00 9.75  ? 78  THR B O   1 
ATOM   605  C CB  . THR A 1 79  ? 8.239   -5.256  -10.426 1.00 11.83 ? 78  THR B CB  1 
ATOM   606  O OG1 . THR A 1 79  ? 7.557   -3.997  -10.494 1.00 13.24 ? 78  THR B OG1 1 
ATOM   607  C CG2 . THR A 1 79  ? 9.741   -5.033  -10.412 1.00 13.23 ? 78  THR B CG2 1 
ATOM   608  N N   . ALA A 1 80  ? 5.468   -5.872  -12.204 1.00 10.68 ? 79  ALA B N   1 
ATOM   609  C CA  . ALA A 1 80  ? 4.056   -6.249  -12.221 1.00 11.01 ? 79  ALA B CA  1 
ATOM   610  C C   . ALA A 1 80  ? 3.514   -6.428  -10.801 1.00 8.99  ? 79  ALA B C   1 
ATOM   611  O O   . ALA A 1 80  ? 3.011   -7.492  -10.424 1.00 10.53 ? 79  ALA B O   1 
ATOM   612  C CB  . ALA A 1 80  ? 3.847   -7.516  -13.051 1.00 11.32 ? 79  ALA B CB  1 
ATOM   613  N N   . THR A 1 81  ? 3.644   -5.364  -10.014 1.00 8.63  ? 80  THR B N   1 
ATOM   614  C CA  . THR A 1 81  ? 3.220   -5.409  -8.616  1.00 7.02  ? 80  THR B CA  1 
ATOM   615  C C   . THR A 1 81  ? 1.719   -5.654  -8.522  1.00 8.31  ? 80  THR B C   1 
ATOM   616  O O   . THR A 1 81  ? 0.925   -5.074  -9.275  1.00 8.68  ? 80  THR B O   1 
ATOM   617  C CB  . THR A 1 81  ? 3.592   -4.100  -7.905  1.00 6.89  ? 80  THR B CB  1 
ATOM   618  O OG1 . THR A 1 81  ? 4.994   -3.827  -8.068  1.00 8.58  ? 80  THR B OG1 1 
ATOM   619  C CG2 . THR A 1 81  ? 3.251   -4.170  -6.420  1.00 8.34  ? 80  THR B CG2 1 
ATOM   620  N N   . ARG A 1 82  ? 1.330   -6.525  -7.590  1.00 5.59  ? 81  ARG B N   1 
ATOM   621  C CA  . ARG A 1 82  ? -0.078  -6.793  -7.318  1.00 6.76  ? 81  ARG B CA  1 
ATOM   622  C C   . ARG A 1 82  ? -0.341  -6.660  -5.827  1.00 7.20  ? 81  ARG B C   1 
ATOM   623  O O   . ARG A 1 82  ? 0.505   -7.020  -5.001  1.00 7.38  ? 81  ARG B O   1 
ATOM   624  C CB  . ARG A 1 82  ? -0.488  -8.173  -7.815  1.00 10.71 ? 81  ARG B CB  1 
ATOM   625  C CG  . ARG A 1 82  ? -0.563  -8.219  -9.344  1.00 13.06 ? 81  ARG B CG  1 
ATOM   626  C CD  . ARG A 1 82  ? -1.408  -9.366  -9.830  1.00 17.95 ? 81  ARG B CD  1 
ATOM   627  N NE  . ARG A 1 82  ? -0.740  -10.647 -9.627  1.00 18.49 ? 81  ARG B NE  1 
ATOM   628  C CZ  . ARG A 1 82  ? 0.198   -11.141 -10.430 1.00 22.70 ? 81  ARG B CZ  1 
ATOM   629  N NH1 . ARG A 1 82  ? 0.584   -10.465 -11.508 1.00 21.73 ? 81  ARG B NH1 1 
ATOM   630  N NH2 . ARG A 1 82  ? 0.743   -12.317 -10.156 1.00 22.08 ? 81  ARG B NH2 1 
ATOM   631  N N   . VAL A 1 83  ? -1.501  -6.097  -5.487  1.00 5.65  ? 82  VAL B N   1 
ATOM   632  C CA  . VAL A 1 83  ? -1.886  -5.896  -4.097  1.00 5.00  ? 82  VAL B CA  1 
ATOM   633  C C   . VAL A 1 83  ? -3.327  -6.355  -3.913  1.00 7.58  ? 82  VAL B C   1 
ATOM   634  O O   . VAL A 1 83  ? -4.185  -6.123  -4.772  1.00 6.64  ? 82  VAL B O   1 
ATOM   635  C CB  . VAL A 1 83  ? -1.707  -4.427  -3.639  1.00 9.31  ? 82  VAL B CB  1 
ATOM   636  C CG1 . VAL A 1 83  ? -0.332  -3.894  -4.027  1.00 8.80  ? 82  VAL B CG1 1 
ATOM   637  C CG2 . VAL A 1 83  ? -2.787  -3.527  -4.187  1.00 11.39 ? 82  VAL B CG2 1 
ATOM   638  N N   . GLY A 1 84  ? -3.590  -7.031  -2.804  1.00 5.50  ? 83  GLY B N   1 
ATOM   639  C CA  . GLY A 1 84  ? -4.946  -7.495  -2.579  1.00 6.09  ? 83  GLY B CA  1 
ATOM   640  C C   . GLY A 1 84  ? -5.203  -7.768  -1.117  1.00 6.09  ? 83  GLY B C   1 
ATOM   641  O O   . GLY A 1 84  ? -4.284  -7.814  -0.299  1.00 7.37  ? 83  GLY B O   1 
ATOM   642  N N   . ILE A 1 85  ? -6.480  -7.940  -0.792  1.00 5.18  ? 84  ILE B N   1 
ATOM   643  C CA  . ILE A 1 85  ? -6.904  -8.315  0.555   1.00 6.00  ? 84  ILE B CA  1 
ATOM   644  C C   . ILE A 1 85  ? -7.198  -9.807  0.533   1.00 7.88  ? 84  ILE B C   1 
ATOM   645  O O   . ILE A 1 85  ? -8.166  -10.244 -0.096  1.00 8.39  ? 84  ILE B O   1 
ATOM   646  C CB  . ILE A 1 85  ? -8.136  -7.519  1.016   1.00 6.36  ? 84  ILE B CB  1 
ATOM   647  C CG1 . ILE A 1 85  ? -7.937  -6.018  0.790   1.00 6.78  ? 84  ILE B CG1 1 
ATOM   648  C CG2 . ILE A 1 85  ? -8.460  -7.838  2.489   1.00 9.70  ? 84  ILE B CG2 1 
ATOM   649  C CD1 . ILE A 1 85  ? -6.699  -5.459  1.480   1.00 9.19  ? 84  ILE B CD1 1 
ATOM   650  N N   . GLY A 1 86  ? -6.337  -10.592 1.176   1.00 6.88  ? 85  GLY B N   1 
ATOM   651  C CA  . GLY A 1 86  ? -6.515  -12.026 1.225   1.00 8.36  ? 85  GLY B CA  1 
ATOM   652  C C   . GLY A 1 86  ? -6.135  -12.751 -0.043  1.00 9.77  ? 85  GLY B C   1 
ATOM   653  O O   . GLY A 1 86  ? -6.477  -13.932 -0.185  1.00 12.70 ? 85  GLY B O   1 
ATOM   654  N N   . THR A 1 87  ? -5.441  -12.085 -0.966  1.00 8.17  ? 86  THR B N   1 
ATOM   655  C CA  . THR A 1 87  ? -5.103  -12.626 -2.279  1.00 8.56  ? 86  THR B CA  1 
ATOM   656  C C   . THR A 1 87  ? -4.148  -11.656 -2.958  1.00 10.02 ? 86  THR B C   1 
ATOM   657  O O   . THR A 1 87  ? -4.082  -10.479 -2.596  1.00 8.22  ? 86  THR B O   1 
ATOM   658  C CB  . THR A 1 87  ? -6.358  -12.821 -3.136  1.00 10.13 ? 86  THR B CB  1 
ATOM   659  O OG1 . THR A 1 87  ? -6.026  -13.540 -4.331  1.00 13.12 ? 86  THR B OG1 1 
ATOM   660  C CG2 . THR A 1 87  ? -6.950  -11.472 -3.520  1.00 10.13 ? 86  THR B CG2 1 
ATOM   661  N N   . THR A 1 88  ? -3.411  -12.158 -3.956  1.00 10.76 ? 87  THR B N   1 
ATOM   662  C CA  . THR A 1 88  ? -2.818  -11.284 -4.964  1.00 10.63 ? 87  THR B CA  1 
ATOM   663  C C   . THR A 1 88  ? -3.244  -11.705 -6.364  1.00 10.10 ? 87  THR B C   1 
ATOM   664  O O   . THR A 1 88  ? -2.608  -11.313 -7.347  1.00 11.84 ? 87  THR B O   1 
ATOM   665  C CB  . THR A 1 88  ? -1.286  -11.227 -4.878  1.00 13.31 ? 87  THR B CB  1 
ATOM   666  O OG1 . THR A 1 88  ? -0.745  -12.546 -4.958  1.00 19.46 ? 87  THR B OG1 1 
ATOM   667  C CG2 . THR A 1 88  ? -0.821  -10.559 -3.582  1.00 12.98 ? 87  THR B CG2 1 
ATOM   668  N N   . ASP A 1 89  ? -4.319  -12.481 -6.474  1.00 9.79  ? 88  ASP B N   1 
ATOM   669  C CA  . ASP A 1 89  ? -4.850  -12.915 -7.761  1.00 11.89 ? 88  ASP B CA  1 
ATOM   670  C C   . ASP A 1 89  ? -6.074  -12.087 -8.133  1.00 7.50  ? 88  ASP B C   1 
ATOM   671  O O   . ASP A 1 89  ? -6.868  -11.720 -7.267  1.00 10.81 ? 88  ASP B O   1 
ATOM   672  C CB  . ASP A 1 89  ? -5.219  -14.398 -7.721  1.00 14.59 ? 88  ASP B CB  1 
ATOM   673  C CG  . ASP A 1 89  ? -4.015  -15.284 -7.485  1.00 24.54 ? 88  ASP B CG  1 
ATOM   674  O OD1 . ASP A 1 89  ? -3.010  -15.109 -8.203  1.00 21.68 ? 88  ASP B OD1 1 
ATOM   675  O OD2 . ASP A 1 89  ? -4.076  -16.143 -6.578  1.00 28.99 ? 88  ASP B OD2 1 
ATOM   676  N N   . GLY A 1 90  ? -6.210  -11.790 -9.428  1.00 9.44  ? 89  GLY B N   1 
ATOM   677  C CA  . GLY A 1 90  ? -7.378  -11.090 -9.934  1.00 11.45 ? 89  GLY B CA  1 
ATOM   678  C C   . GLY A 1 90  ? -7.408  -9.615  -9.624  1.00 9.09  ? 89  GLY B C   1 
ATOM   679  O O   . GLY A 1 90  ? -8.470  -8.984  -9.727  1.00 11.49 ? 89  GLY B O   1 
ATOM   680  N N   . VAL A 1 91  ? -6.259  -9.047  -9.249  1.00 10.09 ? 90  VAL B N   1 
ATOM   681  C CA  . VAL A 1 91  ? -6.142  -7.684  -8.748  1.00 8.74  ? 90  VAL B CA  1 
ATOM   682  C C   . VAL A 1 91  ? -5.037  -6.965  -9.509  1.00 10.70 ? 90  VAL B C   1 
ATOM   683  O O   . VAL A 1 91  ? -4.169  -7.583  -10.131 1.00 12.88 ? 90  VAL B O   1 
ATOM   684  C CB  . VAL A 1 91  ? -5.839  -7.652  -7.231  1.00 7.70  ? 90  VAL B CB  1 
ATOM   685  C CG1 . VAL A 1 91  ? -7.012  -8.165  -6.427  1.00 11.50 ? 90  VAL B CG1 1 
ATOM   686  C CG2 . VAL A 1 91  ? -4.591  -8.481  -6.925  1.00 8.69  ? 90  VAL B CG2 1 
ATOM   687  N N   . GLN A 1 92  ? -5.065  -5.634  -9.431  1.00 9.43  ? 91  GLN B N   1 
ATOM   688  C CA  . GLN A 1 92  ? -3.991  -4.804  -9.965  1.00 9.50  ? 91  GLN B CA  1 
ATOM   689  C C   . GLN A 1 92  ? -3.103  -4.341  -8.816  1.00 7.27  ? 91  GLN B C   1 
ATOM   690  O O   . GLN A 1 92  ? -2.859  -5.124  -7.894  1.00 7.94  ? 91  GLN B O   1 
ATOM   691  C CB  . GLN A 1 92  ? -4.558  -3.618  -10.747 1.00 12.54 ? 91  GLN B CB  1 
ATOM   692  C CG  . GLN A 1 92  ? -5.509  -4.027  -11.870 1.00 17.20 ? 91  GLN B CG  1 
ATOM   693  C CD  . GLN A 1 92  ? -4.958  -5.138  -12.743 1.00 27.12 ? 91  GLN B CD  1 
ATOM   694  O OE1 . GLN A 1 92  ? -3.784  -5.131  -13.120 1.00 29.55 ? 91  GLN B OE1 1 
ATOM   695  N NE2 . GLN A 1 92  ? -5.809  -6.110  -13.067 1.00 29.46 ? 91  GLN B NE2 1 
ATOM   696  N N   . ASN A 1 93  ? -2.636  -3.086  -8.830  1.00 6.15  ? 92  ASN B N   1 
ATOM   697  C CA  . ASN A 1 93  ? -1.617  -2.638  -7.881  1.00 7.00  ? 92  ASN B CA  1 
ATOM   698  C C   . ASN A 1 93  ? -2.083  -1.489  -6.994  1.00 7.12  ? 92  ASN B C   1 
ATOM   699  O O   . ASN A 1 93  ? -1.250  -0.743  -6.470  1.00 8.26  ? 92  ASN B O   1 
ATOM   700  C CB  . ASN A 1 93  ? -0.321  -2.242  -8.609  1.00 7.53  ? 92  ASN B CB  1 
ATOM   701  C CG  . ASN A 1 93  ? -0.485  -0.977  -9.451  1.00 8.80  ? 92  ASN B CG  1 
ATOM   702  O OD1 . ASN A 1 93  ? -1.583  -0.678  -9.928  1.00 11.98 ? 92  ASN B OD1 1 
ATOM   703  N ND2 . ASN A 1 93  ? 0.601   -0.241  -9.644  1.00 10.70 ? 92  ASN B ND2 1 
ATOM   704  N N   . SER A 1 94  ? -3.382  -1.340  -6.778  1.00 7.10  ? 93  SER B N   1 
ATOM   705  C CA  . SER A 1 94  ? -3.845  -0.272  -5.904  1.00 7.76  ? 93  SER B CA  1 
ATOM   706  C C   . SER A 1 94  ? -4.903  -0.778  -4.938  1.00 6.03  ? 93  SER B C   1 
ATOM   707  O O   . SER A 1 94  ? -5.545  -1.808  -5.150  1.00 8.16  ? 93  SER B O   1 
ATOM   708  C CB  . SER A 1 94  ? -4.398  0.925   -6.700  1.00 9.53  ? 93  SER B CB  1 
ATOM   709  O OG  . SER A 1 94  ? -5.525  0.561   -7.472  1.00 10.59 ? 93  SER B OG  1 
ATOM   710  N N   . PHE A 1 95  ? -5.083  -0.022  -3.863  1.00 6.66  ? 94  PHE B N   1 
ATOM   711  C CA  . PHE A 1 95  ? -6.181  -0.277  -2.952  1.00 7.70  ? 94  PHE B CA  1 
ATOM   712  C C   . PHE A 1 95  ? -6.754  1.053   -2.504  1.00 6.62  ? 94  PHE B C   1 
ATOM   713  O O   . PHE A 1 95  ? -6.092  2.092   -2.572  1.00 7.42  ? 94  PHE B O   1 
ATOM   714  C CB  . PHE A 1 95  ? -5.753  -1.126  -1.743  1.00 9.27  ? 94  PHE B CB  1 
ATOM   715  C CG  . PHE A 1 95  ? -4.635  -0.531  -0.910  1.00 7.01  ? 94  PHE B CG  1 
ATOM   716  C CD1 . PHE A 1 95  ? -4.890  0.435   0.063   1.00 8.93  ? 94  PHE B CD1 1 
ATOM   717  C CD2 . PHE A 1 95  ? -3.337  -0.984  -1.050  1.00 8.98  ? 94  PHE B CD2 1 
ATOM   718  C CE1 . PHE A 1 95  ? -3.868  0.952   0.856   1.00 8.78  ? 94  PHE B CE1 1 
ATOM   719  C CE2 . PHE A 1 95  ? -2.311  -0.471  -0.268  1.00 9.60  ? 94  PHE B CE2 1 
ATOM   720  C CZ  . PHE A 1 95  ? -2.570  0.493   0.688   1.00 9.79  ? 94  PHE B CZ  1 
ATOM   721  N N   . ILE A 1 96  ? -7.992  1.018   -2.033  1.00 5.67  ? 95  ILE B N   1 
ATOM   722  C CA  . ILE A 1 96  ? -8.634  2.206   -1.501  1.00 5.63  ? 95  ILE B CA  1 
ATOM   723  C C   . ILE A 1 96  ? -8.727  2.053   0.005   1.00 5.48  ? 95  ILE B C   1 
ATOM   724  O O   . ILE A 1 96  ? -9.369  1.114   0.500   1.00 7.45  ? 95  ILE B O   1 
ATOM   725  C CB  . ILE A 1 96  ? -10.014 2.444   -2.122  1.00 6.17  ? 95  ILE B CB  1 
ATOM   726  C CG1 . ILE A 1 96  ? -9.867  2.700   -3.631  1.00 9.37  ? 95  ILE B CG1 1 
ATOM   727  C CG2 . ILE A 1 96  ? -10.653 3.635   -1.448  1.00 8.61  ? 95  ILE B CG2 1 
ATOM   728  C CD1 . ILE A 1 96  ? -11.167 3.051   -4.319  1.00 14.11 ? 95  ILE B CD1 1 
ATOM   729  N N   . VAL A 1 97  ? -8.095  2.970   0.732   1.00 4.66  ? 96  VAL B N   1 
ATOM   730  C CA  . VAL A 1 97  ? -8.160  2.981   2.187   1.00 4.83  ? 96  VAL B CA  1 
ATOM   731  C C   . VAL A 1 97  ? -9.174  4.037   2.595   1.00 4.27  ? 96  VAL B C   1 
ATOM   732  O O   . VAL A 1 97  ? -9.150  5.175   2.096   1.00 5.29  ? 96  VAL B O   1 
ATOM   733  C CB  . VAL A 1 97  ? -6.780  3.222   2.824   1.00 5.96  ? 96  VAL B CB  1 
ATOM   734  C CG1 . VAL A 1 97  ? -6.116  4.489   2.302   1.00 8.21  ? 96  VAL B CG1 1 
ATOM   735  C CG2 . VAL A 1 97  ? -6.916  3.255   4.336   1.00 6.70  ? 96  VAL B CG2 1 
ATOM   736  N N   . ARG A 1 98  ? -10.091 3.659   3.468   1.00 4.29  ? 97  ARG B N   1 
ATOM   737  C CA  . ARG A 1 98  ? -11.151 4.537   3.919   1.00 5.09  ? 97  ARG B CA  1 
ATOM   738  C C   . ARG A 1 98  ? -11.033 4.736   5.420   1.00 5.76  ? 97  ARG B C   1 
ATOM   739  O O   . ARG A 1 98  ? -10.656 3.818   6.162   1.00 7.50  ? 97  ARG B O   1 
ATOM   740  C CB  . ARG A 1 98  ? -12.525 3.964   3.554   1.00 6.23  ? 97  ARG B CB  1 
ATOM   741  C CG  . ARG A 1 98  ? -12.747 3.948   2.042   1.00 6.21  ? 97  ARG B CG  1 
ATOM   742  C CD  . ARG A 1 98  ? -14.088 3.345   1.646   1.00 7.51  ? 97  ARG B CD  1 
ATOM   743  N NE  . ARG A 1 98  ? -14.419 3.655   0.251   1.00 9.77  ? 97  ARG B NE  1 
ATOM   744  C CZ  . ARG A 1 98  ? -14.200 2.847   -0.784  1.00 8.90  ? 97  ARG B CZ  1 
ATOM   745  N NH1 . ARG A 1 98  ? -13.644 1.650   -0.612  1.00 8.99  ? 97  ARG B NH1 1 
ATOM   746  N NH2 . ARG A 1 98  ? -14.532 3.248   -2.010  1.00 9.66  ? 97  ARG B NH2 1 
ATOM   747  N N   . PHE A 1 99  ? -11.395 5.943   5.854   1.00 4.92  ? 98  PHE B N   1 
ATOM   748  C CA  . PHE A 1 99  ? -11.281 6.363   7.240   1.00 5.50  ? 98  PHE B CA  1 
ATOM   749  C C   . PHE A 1 99  ? -12.655 6.734   7.771   1.00 6.82  ? 98  PHE B C   1 
ATOM   750  O O   . PHE A 1 99  ? -13.532 7.136   7.007   1.00 8.20  ? 98  PHE B O   1 
ATOM   751  C CB  . PHE A 1 99  ? -10.325 7.553   7.355   1.00 4.76  ? 98  PHE B CB  1 
ATOM   752  C CG  . PHE A 1 99  ? -8.949  7.235   6.889   1.00 4.44  ? 98  PHE B CG  1 
ATOM   753  C CD1 . PHE A 1 99  ? -8.024  6.703   7.777   1.00 5.60  ? 98  PHE B CD1 1 
ATOM   754  C CD2 . PHE A 1 99  ? -8.590  7.410   5.564   1.00 6.65  ? 98  PHE B CD2 1 
ATOM   755  C CE1 . PHE A 1 99  ? -6.749  6.375   7.353   1.00 7.31  ? 98  PHE B CE1 1 
ATOM   756  C CE2 . PHE A 1 99  ? -7.309  7.088   5.131   1.00 5.96  ? 98  PHE B CE2 1 
ATOM   757  C CZ  . PHE A 1 99  ? -6.391  6.567   6.021   1.00 6.45  ? 98  PHE B CZ  1 
ATOM   758  N N   . ASP A 1 100 ? -12.835 6.583   9.080   1.00 6.60  ? 99  ASP B N   1 
ATOM   759  C CA  . ASP A 1 100 ? -14.096 6.967   9.704   1.00 6.67  ? 99  ASP B CA  1 
ATOM   760  C C   . ASP A 1 100 ? -14.102 8.471   10.007  1.00 8.46  ? 99  ASP B C   1 
ATOM   761  O O   . ASP A 1 100 ? -13.174 9.212   9.673   1.00 8.03  ? 99  ASP B O   1 
ATOM   762  C CB  . ASP A 1 100 ? -14.372 6.106   10.946  1.00 6.97  ? 99  ASP B CB  1 
ATOM   763  C CG  . ASP A 1 100 ? -13.367 6.320   12.081  1.00 8.93  ? 99  ASP B CG  1 
ATOM   764  O OD1 . ASP A 1 100 ? -12.783 7.420   12.227  1.00 8.94  ? 99  ASP B OD1 1 
ATOM   765  O OD2 . ASP A 1 100 ? -13.172 5.359   12.862  1.00 12.87 ? 99  ASP B OD2 1 
ATOM   766  N N   . ASN A 1 101 ? -15.178 8.940   10.638  1.00 9.13  ? 100 ASN B N   1 
ATOM   767  C CA  . ASN A 1 101 ? -15.347 10.375  10.826  1.00 9.87  ? 100 ASN B CA  1 
ATOM   768  C C   . ASN A 1 101 ? -14.439 10.953  11.903  1.00 10.24 ? 100 ASN B C   1 
ATOM   769  O O   . ASN A 1 101 ? -14.366 12.180  12.030  1.00 11.45 ? 100 ASN B O   1 
ATOM   770  C CB  . ASN A 1 101 ? -16.815 10.678  11.140  1.00 8.88  ? 100 ASN B CB  1 
ATOM   771  C CG  . ASN A 1 101 ? -17.691 10.607  9.908   1.00 8.62  ? 100 ASN B CG  1 
ATOM   772  O OD1 . ASN A 1 101 ? -17.266 10.978  8.821   1.00 9.72  ? 100 ASN B OD1 1 
ATOM   773  N ND2 . ASN A 1 101 ? -18.926 10.144  10.078  1.00 10.40 ? 100 ASN B ND2 1 
ATOM   774  N N   . ASN A 1 102 ? -13.726 10.116  12.651  1.00 9.34  ? 101 ASN B N   1 
ATOM   775  C CA  . ASN A 1 102 ? -12.694 10.574  13.571  1.00 10.79 ? 101 ASN B CA  1 
ATOM   776  C C   . ASN A 1 102 ? -11.296 10.408  12.995  1.00 11.58 ? 101 ASN B C   1 
ATOM   777  O O   . ASN A 1 102 ? -10.310 10.598  13.718  1.00 11.64 ? 101 ASN B O   1 
ATOM   778  C CB  . ASN A 1 102 ? -12.795 9.827   14.895  1.00 12.51 ? 101 ASN B CB  1 
ATOM   779  C CG  . ASN A 1 102 ? -14.057 10.167  15.654  1.00 17.89 ? 101 ASN B CG  1 
ATOM   780  O OD1 . ASN A 1 102 ? -14.873 9.297   15.943  1.00 30.19 ? 101 ASN B OD1 1 
ATOM   781  N ND2 . ASN A 1 102 ? -14.221 11.441  15.980  1.00 19.52 ? 101 ASN B ND2 1 
ATOM   782  N N   . GLY A 1 103 ? -11.189 10.048  11.716  1.00 7.25  ? 102 GLY B N   1 
ATOM   783  C CA  . GLY A 1 103 ? -9.897  9.915   11.073  1.00 7.56  ? 102 GLY B CA  1 
ATOM   784  C C   . GLY A 1 103 ? -9.210  8.585   11.267  1.00 6.67  ? 102 GLY B C   1 
ATOM   785  O O   . GLY A 1 103 ? -8.042  8.451   10.892  1.00 7.59  ? 102 GLY B O   1 
ATOM   786  N N   . HIS A 1 104 ? -9.885  7.598   11.841  1.00 7.03  ? 103 HIS B N   1 
ATOM   787  C CA  . HIS A 1 104 ? -9.262  6.304   12.070  1.00 6.46  ? 103 HIS B CA  1 
ATOM   788  C C   . HIS A 1 104 ? -9.568  5.348   10.928  1.00 6.44  ? 103 HIS B C   1 
ATOM   789  O O   . HIS A 1 104 ? -10.597 5.461   10.251  1.00 6.96  ? 103 HIS B O   1 
ATOM   790  C CB  . HIS A 1 104 ? -9.730  5.698   13.397  1.00 8.31  ? 103 HIS B CB  1 
ATOM   791  C CG  . HIS A 1 104 ? -9.367  6.527   14.584  1.00 10.61 ? 103 HIS B CG  1 
ATOM   792  N ND1 . HIS A 1 104 ? -10.305 6.972   15.492  1.00 16.02 ? 103 HIS B ND1 1 
ATOM   793  C CD2 . HIS A 1 104 ? -8.175  7.022   14.993  1.00 14.13 ? 103 HIS B CD2 1 
ATOM   794  C CE1 . HIS A 1 104 ? -9.700  7.691   16.422  1.00 22.31 ? 103 HIS B CE1 1 
ATOM   795  N NE2 . HIS A 1 104 ? -8.408  7.735   16.144  1.00 18.84 ? 103 HIS B NE2 1 
ATOM   796  N N   . LEU A 1 105 ? -8.641  4.413   10.715  1.00 6.21  ? 104 LEU B N   1 
ATOM   797  C CA  . LEU A 1 105 ? -8.788  3.405   9.674   1.00 5.40  ? 104 LEU B CA  1 
ATOM   798  C C   . LEU A 1 105 ? -10.125 2.693   9.796   1.00 6.90  ? 104 LEU B C   1 
ATOM   799  O O   . LEU A 1 105 ? -10.523 2.284   10.890  1.00 6.90  ? 104 LEU B O   1 
ATOM   800  C CB  . LEU A 1 105 ? -7.639  2.405   9.785   1.00 6.54  ? 104 LEU B CB  1 
ATOM   801  C CG  . LEU A 1 105 ? -7.714  1.134   8.940   1.00 5.53  ? 104 LEU B CG  1 
ATOM   802  C CD1 . LEU A 1 105 ? -7.594  1.468   7.453   1.00 6.88  ? 104 LEU B CD1 1 
ATOM   803  C CD2 . LEU A 1 105 ? -6.615  0.169   9.377   1.00 8.51  ? 104 LEU B CD2 1 
ATOM   804  N N   . ALA A 1 106 ? -10.829 2.574   8.673   1.00 5.61  ? 105 ALA B N   1 
ATOM   805  C CA  . ALA A 1 106 ? -12.112 1.878   8.621   1.00 5.78  ? 105 ALA B CA  1 
ATOM   806  C C   . ALA A 1 106 ? -12.107 0.653   7.720   1.00 6.18  ? 105 ALA B C   1 
ATOM   807  O O   . ALA A 1 106 ? -12.640 -0.383  8.111   1.00 7.97  ? 105 ALA B O   1 
ATOM   808  C CB  . ALA A 1 106 ? -13.221 2.844   8.163   1.00 6.42  ? 105 ALA B CB  1 
ATOM   809  N N   . SER A 1 107 ? -11.529 0.736   6.519   1.00 6.58  ? 106 SER B N   1 
ATOM   810  C CA  . SER A 1 107 ? -11.538 -0.406  5.608   1.00 5.60  ? 106 SER B CA  1 
ATOM   811  C C   . SER A 1 107 ? -10.474 -0.222  4.536   1.00 5.87  ? 106 SER B C   1 
ATOM   812  O O   . SER A 1 107 ? -10.017 0.894   4.272   1.00 5.70  ? 106 SER B O   1 
ATOM   813  C CB  . SER A 1 107 ? -12.912 -0.599  4.948   1.00 6.70  ? 106 SER B CB  1 
ATOM   814  O OG  . SER A 1 107 ? -13.210 0.475   4.053   1.00 8.64  ? 106 SER B OG  1 
ATOM   815  N N   . VAL A 1 108 ? -10.088 -1.340  3.917   1.00 5.04  ? 107 VAL B N   1 
ATOM   816  C CA  . VAL A 1 108 ? -9.270  -1.346  2.708   1.00 5.96  ? 107 VAL B CA  1 
ATOM   817  C C   . VAL A 1 108 ? -9.904  -2.294  1.697   1.00 6.80  ? 107 VAL B C   1 
ATOM   818  O O   . VAL A 1 108 ? -10.331 -3.398  2.052   1.00 6.29  ? 107 VAL B O   1 
ATOM   819  C CB  . VAL A 1 108 ? -7.811  -1.751  2.999   1.00 5.28  ? 107 VAL B CB  1 
ATOM   820  C CG1 . VAL A 1 108 ? -6.975  -1.720  1.724   1.00 9.12  ? 107 VAL B CG1 1 
ATOM   821  C CG2 . VAL A 1 108 ? -7.215  -0.832  4.072   1.00 7.66  ? 107 VAL B CG2 1 
ATOM   822  N N   . THR A 1 109 ? -9.965  -1.859  0.440   1.00 5.44  ? 108 THR B N   1 
ATOM   823  C CA  . THR A 1 109 ? -10.597 -2.603  -0.645  1.00 5.07  ? 108 THR B CA  1 
ATOM   824  C C   . THR A 1 109 ? -9.639  -2.665  -1.819  1.00 7.04  ? 108 THR B C   1 
ATOM   825  O O   . THR A 1 109 ? -9.050  -1.647  -2.182  1.00 7.63  ? 108 THR B O   1 
ATOM   826  C CB  . THR A 1 109 ? -11.904 -1.929  -1.103  1.00 6.80  ? 108 THR B CB  1 
ATOM   827  O OG1 . THR A 1 109 ? -12.760 -1.707  0.026   1.00 7.96  ? 108 THR B OG1 1 
ATOM   828  C CG2 . THR A 1 109 ? -12.635 -2.805  -2.118  1.00 8.75  ? 108 THR B CG2 1 
ATOM   829  N N   . ASP A 1 110 ? -9.491  -3.843  -2.429  1.00 4.78  ? 109 ASP B N   1 
ATOM   830  C CA  . ASP A 1 110 ? -8.578  -3.943  -3.564  1.00 6.12  ? 109 ASP B CA  1 
ATOM   831  C C   . ASP A 1 110 ? -9.357  -3.749  -4.867  1.00 4.91  ? 109 ASP B C   1 
ATOM   832  O O   . ASP A 1 110 ? -10.570 -3.507  -4.860  1.00 6.07  ? 109 ASP B O   1 
ATOM   833  C CB  . ASP A 1 110 ? -7.790  -5.260  -3.521  1.00 6.95  ? 109 ASP B CB  1 
ATOM   834  C CG  . ASP A 1 110 ? -8.672  -6.502  -3.646  1.00 5.87  ? 109 ASP B CG  1 
ATOM   835  O OD1 . ASP A 1 110 ? -9.729  -6.442  -4.299  1.00 6.05  ? 109 ASP B OD1 1 
ATOM   836  O OD2 . ASP A 1 110 ? -8.278  -7.557  -3.107  1.00 5.76  ? 109 ASP B OD2 1 
ATOM   837  N N   . THR A 1 111 ? -8.664  -3.860  -6.013  1.00 5.61  ? 110 THR B N   1 
ATOM   838  C CA  . THR A 1 111 ? -9.329  -3.538  -7.274  1.00 6.55  ? 110 THR B CA  1 
ATOM   839  C C   . THR A 1 111 ? -10.311 -4.608  -7.712  1.00 8.41  ? 110 THR B C   1 
ATOM   840  O O   . THR A 1 111 ? -11.144 -4.339  -8.585  1.00 10.65 ? 110 THR B O   1 
ATOM   841  C CB  . THR A 1 111 ? -8.319  -3.299  -8.400  1.00 7.95  ? 110 THR B CB  1 
ATOM   842  O OG1 . THR A 1 111 ? -7.538  -4.475  -8.611  1.00 12.67 ? 110 THR B OG1 1 
ATOM   843  C CG2 . THR A 1 111 ? -7.426  -2.135  -8.068  1.00 7.53  ? 110 THR B CG2 1 
ATOM   844  N N   . ALA A 1 112 ? -10.238 -5.803  -7.140  1.00 6.51  ? 111 ALA B N   1 
ATOM   845  C CA  . ALA A 1 112 ? -11.251 -6.820  -7.376  1.00 7.03  ? 111 ALA B CA  1 
ATOM   846  C C   . ALA A 1 112 ? -12.454 -6.660  -6.461  1.00 7.29  ? 111 ALA B C   1 
ATOM   847  O O   . ALA A 1 112 ? -13.410 -7.442  -6.572  1.00 6.89  ? 111 ALA B O   1 
ATOM   848  C CB  . ALA A 1 112 ? -10.651 -8.212  -7.199  1.00 6.64  ? 111 ALA B CB  1 
ATOM   849  N N   . GLY A 1 113 ? -12.428 -5.683  -5.555  1.00 6.08  ? 112 GLY B N   1 
ATOM   850  C CA  . GLY A 1 113 ? -13.512 -5.470  -4.627  1.00 6.43  ? 112 GLY B CA  1 
ATOM   851  C C   . GLY A 1 113 ? -13.423 -6.269  -3.345  1.00 4.42  ? 112 GLY B C   1 
ATOM   852  O O   . GLY A 1 113 ? -14.351 -6.185  -2.527  1.00 5.41  ? 112 GLY B O   1 
ATOM   853  N N   . ASN A 1 114 ? -12.362 -7.052  -3.146  1.00 4.72  ? 113 ASN B N   1 
ATOM   854  C CA  . ASN A 1 114 ? -12.208 -7.738  -1.873  1.00 4.54  ? 113 ASN B CA  1 
ATOM   855  C C   . ASN A 1 114 ? -11.958 -6.695  -0.790  1.00 4.72  ? 113 ASN B C   1 
ATOM   856  O O   . ASN A 1 114 ? -11.178 -5.764  -0.990  1.00 6.07  ? 113 ASN B O   1 
ATOM   857  C CB  . ASN A 1 114 ? -11.039 -8.734  -1.908  1.00 4.53  ? 113 ASN B CB  1 
ATOM   858  C CG  . ASN A 1 114 ? -11.052 -9.674  -3.124  1.00 5.66  ? 113 ASN B CG  1 
ATOM   859  O OD1 . ASN A 1 114 ? -10.070 -9.723  -3.890  1.00 8.78  ? 113 ASN B OD1 1 
ATOM   860  N ND2 . ASN A 1 114 ? -12.109 -10.460 -3.274  1.00 4.09  ? 113 ASN B ND2 1 
ATOM   861  N N   . VAL A 1 115 ? -12.623 -6.835  0.357   1.00 5.06  ? 114 VAL B N   1 
ATOM   862  C CA  . VAL A 1 115 ? -12.543 -5.838  1.420   1.00 5.74  ? 114 VAL B CA  1 
ATOM   863  C C   . VAL A 1 115 ? -12.145 -6.488  2.744   1.00 5.25  ? 114 VAL B C   1 
ATOM   864  O O   . VAL A 1 115 ? -12.386 -7.676  2.984   1.00 7.76  ? 114 VAL B O   1 
ATOM   865  C CB  . VAL A 1 115 ? -13.887 -5.075  1.555   1.00 5.99  ? 114 VAL B CB  1 
ATOM   866  C CG1 . VAL A 1 115 ? -14.984 -6.011  2.020   1.00 10.36 ? 114 VAL B CG1 1 
ATOM   867  C CG2 . VAL A 1 115 ? -13.756 -3.864  2.480   1.00 6.39  ? 114 VAL B CG2 1 
ATOM   868  N N   . THR A 1 116 ? -11.538 -5.685  3.612   1.00 5.59  ? 115 THR B N   1 
ATOM   869  C CA  . THR A 1 116 ? -11.195 -6.106  4.963   1.00 5.45  ? 115 THR B CA  1 
ATOM   870  C C   . THR A 1 116 ? -12.447 -6.424  5.774   1.00 5.55  ? 115 THR B C   1 
ATOM   871  O O   . THR A 1 116 ? -13.538 -5.909  5.507   1.00 6.14  ? 115 THR B O   1 
ATOM   872  C CB  . THR A 1 116 ? -10.400 -5.001  5.654   1.00 6.51  ? 115 THR B CB  1 
ATOM   873  O OG1 . THR A 1 116 ? -11.038 -3.735  5.414   1.00 5.81  ? 115 THR B OG1 1 
ATOM   874  C CG2 . THR A 1 116 ? -8.985  -4.977  5.101   1.00 8.02  ? 115 THR B CG2 1 
ATOM   875  N N   . SER A 1 117 ? -12.271 -7.284  6.793   1.00 8.51  ? 116 SER B N   1 
ATOM   876  C CA  . SER A 1 117 ? -13.313 -7.492  7.796   1.00 8.82  ? 116 SER B CA  1 
ATOM   877  C C   . SER A 1 117 ? -13.612 -6.175  8.512   1.00 8.30  ? 116 SER B C   1 
ATOM   878  O O   . SER A 1 117 ? -12.776 -5.264  8.532   1.00 9.27  ? 116 SER B O   1 
ATOM   879  C CB  . SER A 1 117 ? -12.873 -8.560  8.803   1.00 11.40 ? 116 SER B CB  1 
ATOM   880  O OG  . SER A 1 117 ? -11.673 -8.181  9.452   1.00 17.63 ? 116 SER B OG  1 
ATOM   881  N N   . PRO A 1 118 ? -14.806 -6.037  9.095   1.00 7.64  ? 117 PRO B N   1 
ATOM   882  C CA  . PRO A 1 118 ? -15.176 -4.739  9.688   1.00 9.49  ? 117 PRO B CA  1 
ATOM   883  C C   . PRO A 1 118 ? -14.383 -4.364  10.927  1.00 10.01 ? 117 PRO B C   1 
ATOM   884  O O   . PRO A 1 118 ? -14.390 -3.181  11.299  1.00 12.10 ? 117 PRO B O   1 
ATOM   885  C CB  . PRO A 1 118 ? -16.669 -4.900  10.012  1.00 14.91 ? 117 PRO B CB  1 
ATOM   886  C CG  . PRO A 1 118 ? -16.943 -6.363  9.925   1.00 16.29 ? 117 PRO B CG  1 
ATOM   887  C CD  . PRO A 1 118 ? -15.958 -6.949  8.979   1.00 11.44 ? 117 PRO B CD  1 
ATOM   888  N N   . ALA A 1 119 ? -13.709 -5.307  11.579  1.00 9.48  ? 118 ALA B N   1 
ATOM   889  C CA  . ALA A 1 119 ? -12.874 -4.994  12.728  1.00 10.90 ? 118 ALA B CA  1 
ATOM   890  C C   . ALA A 1 119 ? -11.579 -5.785  12.629  1.00 10.57 ? 118 ALA B C   1 
ATOM   891  O O   . ALA A 1 119 ? -11.455 -6.718  11.832  1.00 12.80 ? 118 ALA B O   1 
ATOM   892  C CB  . ALA A 1 119 ? -13.603 -5.300  14.045  1.00 12.69 ? 118 ALA B CB  1 
ATOM   893  N N   . GLY A 1 120 ? -10.606 -5.384  13.437  1.00 9.09  ? 119 GLY B N   1 
ATOM   894  C CA  . GLY A 1 120 ? -9.374  -6.135  13.598  1.00 14.09 ? 119 GLY B CA  1 
ATOM   895  C C   . GLY A 1 120 ? -8.203  -5.552  12.833  1.00 11.81 ? 119 GLY B C   1 
ATOM   896  O O   . GLY A 1 120 ? -8.205  -4.406  12.374  1.00 10.25 ? 119 GLY B O   1 
ATOM   897  N N   . GLN A 1 121 ? -7.165  -6.377  12.726  1.00 11.90 ? 120 GLN B N   1 
ATOM   898  C CA  . GLN A 1 121 ? -5.948  -5.999  12.029  1.00 11.16 ? 120 GLN B CA  1 
ATOM   899  C C   . GLN A 1 121 ? -6.163  -6.041  10.527  1.00 10.63 ? 120 GLN B C   1 
ATOM   900  O O   . GLN A 1 121 ? -6.850  -6.922  10.011  1.00 14.66 ? 120 GLN B O   1 
ATOM   901  C CB  . GLN A 1 121 ? -4.807  -6.945  12.396  1.00 14.17 ? 120 GLN B CB  1 
ATOM   902  C CG  . GLN A 1 121 ? -4.463  -6.947  13.862  1.00 23.45 ? 120 GLN B CG  1 
ATOM   903  C CD  . GLN A 1 121 ? -3.461  -5.872  14.203  1.00 23.50 ? 120 GLN B CD  1 
ATOM   904  O OE1 . GLN A 1 121 ? -2.283  -5.975  13.865  1.00 29.68 ? 120 GLN B OE1 1 
ATOM   905  N NE2 . GLN A 1 121 ? -3.925  -4.832  14.875  1.00 28.23 ? 120 GLN B NE2 1 
ATOM   906  N N   . VAL A 1 122 ? -5.523  -5.112  9.823   1.00 8.45  ? 121 VAL B N   1 
ATOM   907  C CA  . VAL A 1 122 ? -5.613  -5.015  8.372   1.00 7.67  ? 121 VAL B CA  1 
ATOM   908  C C   . VAL A 1 122 ? -4.269  -5.402  7.781   1.00 8.20  ? 121 VAL B C   1 
ATOM   909  O O   . VAL A 1 122 ? -3.259  -4.737  8.046   1.00 8.13  ? 121 VAL B O   1 
ATOM   910  C CB  . VAL A 1 122 ? -6.013  -3.603  7.928   1.00 7.87  ? 121 VAL B CB  1 
ATOM   911  C CG1 . VAL A 1 122 ? -5.805  -3.431  6.438   1.00 8.37  ? 121 VAL B CG1 1 
ATOM   912  C CG2 . VAL A 1 122 ? -7.459  -3.356  8.298   1.00 9.79  ? 121 VAL B CG2 1 
ATOM   913  N N   . LEU A 1 123 ? -4.262  -6.469  6.978   1.00 7.52  ? 122 LEU B N   1 
ATOM   914  C CA  . LEU A 1 123 ? -3.100  -6.909  6.215   1.00 5.31  ? 122 LEU B CA  1 
ATOM   915  C C   . LEU A 1 123 ? -3.391  -6.777  4.728   1.00 7.81  ? 122 LEU B C   1 
ATOM   916  O O   . LEU A 1 123 ? -4.435  -7.244  4.247   1.00 9.38  ? 122 LEU B O   1 
ATOM   917  C CB  . LEU A 1 123 ? -2.729  -8.367  6.524   1.00 9.31  ? 122 LEU B CB  1 
ATOM   918  C CG  . LEU A 1 123 ? -2.377  -8.754  7.962   1.00 10.55 ? 122 LEU B CG  1 
ATOM   919  C CD1 . LEU A 1 123 ? -2.235  -10.265 8.082   1.00 13.52 ? 122 LEU B CD1 1 
ATOM   920  C CD2 . LEU A 1 123 ? -1.110  -8.069  8.425   1.00 15.10 ? 122 LEU B CD2 1 
ATOM   921  N N   . VAL A 1 124 ? -2.470  -6.147  4.003   1.00 5.41  ? 123 VAL B N   1 
ATOM   922  C CA  . VAL A 1 124 ? -2.531  -6.056  2.551   1.00 7.46  ? 123 VAL B CA  1 
ATOM   923  C C   . VAL A 1 124 ? -1.461  -6.982  1.997   1.00 7.00  ? 123 VAL B C   1 
ATOM   924  O O   . VAL A 1 124 ? -0.288  -6.862  2.364   1.00 8.50  ? 123 VAL B O   1 
ATOM   925  C CB  . VAL A 1 124 ? -2.309  -4.616  2.068   1.00 6.81  ? 123 VAL B CB  1 
ATOM   926  C CG1 . VAL A 1 124 ? -2.318  -4.559  0.541   1.00 8.15  ? 123 VAL B CG1 1 
ATOM   927  C CG2 . VAL A 1 124 ? -3.364  -3.673  2.646   1.00 8.61  ? 123 VAL B CG2 1 
ATOM   928  N N   . GLN A 1 125 ? -1.860  -7.914  1.134   1.00 5.67  ? 124 GLN B N   1 
ATOM   929  C CA  . GLN A 1 125 ? -0.903  -8.808  0.494   1.00 5.47  ? 124 GLN B CA  1 
ATOM   930  C C   . GLN A 1 125 ? -0.283  -8.125  -0.716  1.00 6.91  ? 124 GLN B C   1 
ATOM   931  O O   . GLN A 1 125 ? -0.990  -7.506  -1.523  1.00 6.63  ? 124 GLN B O   1 
ATOM   932  C CB  . GLN A 1 125 ? -1.580  -10.111 0.066   1.00 7.83  ? 124 GLN B CB  1 
ATOM   933  C CG  . GLN A 1 125 ? -2.396  -10.782 1.151   1.00 10.89 ? 124 GLN B CG  1 
ATOM   934  C CD  . GLN A 1 125 ? -1.531  -11.306 2.283   1.00 15.20 ? 124 GLN B CD  1 
ATOM   935  O OE1 . GLN A 1 125 ? -0.398  -11.744 2.061   1.00 17.43 ? 124 GLN B OE1 1 
ATOM   936  N NE2 . GLN A 1 125 ? -2.061  -11.262 3.509   1.00 15.54 ? 124 GLN B NE2 1 
ATOM   937  N N   . ILE A 1 126 ? 1.036   -8.245  -0.843  1.00 5.80  ? 125 ILE B N   1 
ATOM   938  C CA  . ILE A 1 126 ? 1.799   -7.658  -1.941  1.00 5.91  ? 125 ILE B CA  1 
ATOM   939  C C   . ILE A 1 126 ? 2.609   -8.761  -2.604  1.00 8.02  ? 125 ILE B C   1 
ATOM   940  O O   . ILE A 1 126 ? 3.178   -9.622  -1.922  1.00 8.63  ? 125 ILE B O   1 
ATOM   941  C CB  . ILE A 1 126 ? 2.754   -6.543  -1.464  1.00 8.35  ? 125 ILE B CB  1 
ATOM   942  C CG1 . ILE A 1 126 ? 2.087   -5.634  -0.441  1.00 15.02 ? 125 ILE B CG1 1 
ATOM   943  C CG2 . ILE A 1 126 ? 3.332   -5.762  -2.654  1.00 9.47  ? 125 ILE B CG2 1 
ATOM   944  C CD1 . ILE A 1 126 ? 1.250   -4.602  -1.029  1.00 14.79 ? 125 ILE B CD1 1 
ATOM   945  N N   . SER A 1 127 ? 2.673   -8.741  -3.933  1.00 6.84  ? 126 SER B N   1 
ATOM   946  C CA  . SER A 1 127 ? 3.609   -9.604  -4.640  1.00 7.30  ? 126 SER B CA  1 
ATOM   947  C C   . SER A 1 127 ? 4.161   -8.871  -5.852  1.00 8.00  ? 126 SER B C   1 
ATOM   948  O O   . SER A 1 127 ? 3.518   -7.974  -6.400  1.00 8.33  ? 126 SER B O   1 
ATOM   949  C CB  . SER A 1 127 ? 2.961   -10.917 -5.070  1.00 12.63 ? 126 SER B CB  1 
ATOM   950  O OG  . SER A 1 127 ? 1.890   -10.677 -5.958  1.00 15.97 ? 126 SER B OG  1 
ATOM   951  N N   . TYR A 1 128 ? 5.373   -9.243  -6.253  1.00 5.39  ? 127 TYR B N   1 
ATOM   952  C CA  . TYR A 1 128 ? 5.992   -8.632  -7.423  1.00 7.59  ? 127 TYR B CA  1 
ATOM   953  C C   . TYR A 1 128 ? 7.028   -9.603  -7.973  1.00 7.07  ? 127 TYR B C   1 
ATOM   954  O O   . TYR A 1 128 ? 7.544   -10.459 -7.250  1.00 6.77  ? 127 TYR B O   1 
ATOM   955  C CB  . TYR A 1 128 ? 6.634   -7.266  -7.094  1.00 6.77  ? 127 TYR B CB  1 
ATOM   956  C CG  . TYR A 1 128 ? 7.836   -7.392  -6.187  1.00 7.13  ? 127 TYR B CG  1 
ATOM   957  C CD1 . TYR A 1 128 ? 9.121   -7.507  -6.717  1.00 7.29  ? 127 TYR B CD1 1 
ATOM   958  C CD2 . TYR A 1 128 ? 7.692   -7.430  -4.808  1.00 8.28  ? 127 TYR B CD2 1 
ATOM   959  C CE1 . TYR A 1 128 ? 10.228  -7.663  -5.890  1.00 8.74  ? 127 TYR B CE1 1 
ATOM   960  C CE2 . TYR A 1 128 ? 8.801   -7.575  -3.975  1.00 7.23  ? 127 TYR B CE2 1 
ATOM   961  C CZ  . TYR A 1 128 ? 10.065  -7.690  -4.525  1.00 8.73  ? 127 TYR B CZ  1 
ATOM   962  O OH  . TYR A 1 128 ? 11.175  -7.853  -3.717  1.00 8.75  ? 127 TYR B OH  1 
ATOM   963  N N   . ASN A 1 129 ? 7.325   -9.444  -9.263  1.00 8.13  ? 128 ASN B N   1 
ATOM   964  C CA  . ASN A 1 129 ? 8.335   -10.257 -9.934  1.00 8.32  ? 128 ASN B CA  1 
ATOM   965  C C   . ASN A 1 129 ? 9.722   -9.840  -9.490  1.00 8.58  ? 128 ASN B C   1 
ATOM   966  O O   . ASN A 1 129 ? 10.063  -8.657  -9.532  1.00 9.18  ? 128 ASN B O   1 
ATOM   967  C CB  . ASN A 1 129 ? 8.258   -10.083 -11.452 1.00 8.42  ? 128 ASN B CB  1 
ATOM   968  C CG  . ASN A 1 129 ? 6.990   -10.616 -12.049 1.00 10.29 ? 128 ASN B CG  1 
ATOM   969  O OD1 . ASN A 1 129 ? 6.384   -11.560 -11.546 1.00 13.11 ? 128 ASN B OD1 1 
ATOM   970  N ND2 . ASN A 1 129 ? 6.586   -10.015 -13.165 1.00 13.41 ? 128 ASN B ND2 1 
ATOM   971  N N   . VAL A 1 130 ? 10.543  -10.821 -9.124  1.00 7.85  ? 129 VAL B N   1 
ATOM   972  C CA  . VAL A 1 130 ? 11.953  -10.572 -8.851  1.00 8.11  ? 129 VAL B CA  1 
ATOM   973  C C   . VAL A 1 130 ? 12.676  -10.584 -10.193 1.00 8.70  ? 129 VAL B C   1 
ATOM   974  O O   . VAL A 1 130 ? 12.859  -11.640 -10.801 1.00 9.23  ? 129 VAL B O   1 
ATOM   975  C CB  . VAL A 1 130 ? 12.528  -11.612 -7.890  1.00 7.13  ? 129 VAL B CB  1 
ATOM   976  C CG1 . VAL A 1 130 ? 14.013  -11.341 -7.667  1.00 9.85  ? 129 VAL B CG1 1 
ATOM   977  C CG2 . VAL A 1 130 ? 11.765  -11.564 -6.568  1.00 8.90  ? 129 VAL B CG2 1 
ATOM   978  N N   . VAL A 1 131 ? 13.054  -9.402  -10.674 1.00 9.71  ? 130 VAL B N   1 
ATOM   979  C CA  . VAL A 1 131 ? 13.600  -9.285  -12.021 1.00 9.57  ? 130 VAL B CA  1 
ATOM   980  C C   . VAL A 1 131 ? 14.954  -9.980  -12.078 1.00 10.12 ? 130 VAL B C   1 
ATOM   981  O O   . VAL A 1 131 ? 15.794  -9.822  -11.181 1.00 12.55 ? 130 VAL B O   1 
ATOM   982  C CB  . VAL A 1 131 ? 13.685  -7.807  -12.429 1.00 12.29 ? 130 VAL B CB  1 
ATOM   983  C CG1 . VAL A 1 131 ? 14.409  -7.652  -13.764 1.00 19.20 ? 130 VAL B CG1 1 
ATOM   984  C CG2 . VAL A 1 131 ? 12.287  -7.202  -12.512 1.00 15.94 ? 130 VAL B CG2 1 
ATOM   985  N N   . GLY A 1 132 ? 15.151  -10.795 -13.115 1.00 11.42 ? 131 GLY B N   1 
ATOM   986  C CA  . GLY A 1 132 ? 16.404  -11.493 -13.335 1.00 12.82 ? 131 GLY B CA  1 
ATOM   987  C C   . GLY A 1 132 ? 16.521  -12.838 -12.653 1.00 12.68 ? 131 GLY B C   1 
ATOM   988  O O   . GLY A 1 132 ? 17.535  -13.527 -12.840 1.00 14.46 ? 131 GLY B O   1 
ATOM   989  N N   . ALA A 1 133 ? 15.532  -13.235 -11.865 1.00 11.40 ? 132 ALA B N   1 
ATOM   990  C CA  . ALA A 1 133 ? 15.606  -14.480 -11.118 1.00 9.40  ? 132 ALA B CA  1 
ATOM   991  C C   . ALA A 1 133 ? 15.168  -15.656 -11.980 1.00 10.15 ? 132 ALA B C   1 
ATOM   992  O O   . ALA A 1 133 ? 14.354  -15.505 -12.897 1.00 10.04 ? 132 ALA B O   1 
ATOM   993  C CB  . ALA A 1 133 ? 14.728  -14.399 -9.867  1.00 9.86  ? 132 ALA B CB  1 
ATOM   994  N N   . ASN A 1 134 ? 15.732  -16.831 -11.684 1.00 9.44  ? 133 ASN B N   1 
ATOM   995  C CA  . ASN A 1 134 ? 15.210  -18.074 -12.231 1.00 9.38  ? 133 ASN B CA  1 
ATOM   996  C C   . ASN A 1 134 ? 13.744  -18.222 -11.841 1.00 10.92 ? 133 ASN B C   1 
ATOM   997  O O   . ASN A 1 134 ? 13.348  -17.798 -10.750 1.00 10.89 ? 133 ASN B O   1 
ATOM   998  C CB  . ASN A 1 134 ? 15.954  -19.295 -11.686 1.00 10.07 ? 133 ASN B CB  1 
ATOM   999  C CG  . ASN A 1 134 ? 17.431  -19.294 -12.000 1.00 9.89  ? 133 ASN B CG  1 
ATOM   1000 O OD1 . ASN A 1 134 ? 17.875  -18.765 -13.018 1.00 12.16 ? 133 ASN B OD1 1 
ATOM   1001 N ND2 . ASN A 1 134 ? 18.209  -19.913 -11.117 1.00 9.59  ? 133 ASN B ND2 1 
ATOM   1002 N N   . PRO A 1 135 ? 12.926  -18.854 -12.682 1.00 10.01 ? 134 PRO B N   1 
ATOM   1003 C CA  . PRO A 1 135 ? 11.568  -19.215 -12.257 1.00 10.38 ? 134 PRO B CA  1 
ATOM   1004 C C   . PRO A 1 135 ? 11.613  -20.251 -11.141 1.00 12.63 ? 134 PRO B C   1 
ATOM   1005 O O   . PRO A 1 135 ? 12.671  -20.797 -10.801 1.00 12.43 ? 134 PRO B O   1 
ATOM   1006 C CB  . PRO A 1 135 ? 10.931  -19.787 -13.530 1.00 13.79 ? 134 PRO B CB  1 
ATOM   1007 C CG  . PRO A 1 135 ? 12.093  -20.271 -14.338 1.00 16.33 ? 134 PRO B CG  1 
ATOM   1008 C CD  . PRO A 1 135 ? 13.214  -19.299 -14.058 1.00 13.85 ? 134 PRO B CD  1 
ATOM   1009 N N   . ASP A 1 136 ? 10.444  -20.524 -10.560 1.00 11.69 ? 135 ASP B N   1 
ATOM   1010 C CA  . ASP A 1 136 ? 10.378  -21.525 -9.504  1.00 12.50 ? 135 ASP B CA  1 
ATOM   1011 C C   . ASP A 1 136 ? 10.459  -22.933 -10.101 1.00 14.85 ? 135 ASP B C   1 
ATOM   1012 O O   . ASP A 1 136 ? 10.650  -23.121 -11.306 1.00 14.89 ? 135 ASP B O   1 
ATOM   1013 C CB  . ASP A 1 136 ? 9.133   -21.329 -8.635  1.00 13.48 ? 135 ASP B CB  1 
ATOM   1014 C CG  . ASP A 1 136 ? 7.817   -21.592 -9.371  1.00 20.02 ? 135 ASP B CG  1 
ATOM   1015 O OD1 . ASP A 1 136 ? 7.799   -22.304 -10.398 1.00 18.27 ? 135 ASP B OD1 1 
ATOM   1016 O OD2 . ASP A 1 136 ? 6.779   -21.078 -8.895  1.00 23.01 ? 135 ASP B OD2 1 
ATOM   1017 N N   . GLU A 1 137 ? 10.315  -23.943 -9.241  1.00 18.68 ? 136 GLU B N   1 
ATOM   1018 C CA  . GLU A 1 137 ? 10.567  -25.312 -9.672  1.00 20.40 ? 136 GLU B CA  1 
ATOM   1019 C C   . GLU A 1 137 ? 9.530   -25.814 -10.669 1.00 22.62 ? 136 GLU B C   1 
ATOM   1020 O O   . GLU A 1 137 ? 9.789   -26.803 -11.364 1.00 23.32 ? 136 GLU B O   1 
ATOM   1021 C CB  . GLU A 1 137 ? 10.634  -26.238 -8.457  1.00 20.65 ? 136 GLU B CB  1 
ATOM   1022 C CG  . GLU A 1 137 ? 11.998  -26.223 -7.776  1.00 33.45 ? 136 GLU B CG  1 
ATOM   1023 C CD  . GLU A 1 137 ? 13.151  -26.274 -8.769  1.00 38.33 ? 136 GLU B CD  1 
ATOM   1024 O OE1 . GLU A 1 137 ? 13.453  -27.375 -9.277  1.00 39.02 ? 136 GLU B OE1 1 
ATOM   1025 O OE2 . GLU A 1 137 ? 13.758  -25.214 -9.043  1.00 36.92 ? 136 GLU B OE2 1 
ATOM   1026 N N   . ALA A 1 138 ? 8.379   -25.151 -10.770 1.00 18.44 ? 137 ALA B N   1 
ATOM   1027 C CA  . ALA A 1 138 ? 7.380   -25.467 -11.781 1.00 19.57 ? 137 ALA B CA  1 
ATOM   1028 C C   . ALA A 1 138 ? 7.407   -24.495 -12.955 1.00 17.13 ? 137 ALA B C   1 
ATOM   1029 O O   . ALA A 1 138 ? 6.487   -24.509 -13.784 1.00 17.74 ? 137 ALA B O   1 
ATOM   1030 C CB  . ALA A 1 138 ? 5.987   -25.493 -11.154 1.00 19.61 ? 137 ALA B CB  1 
ATOM   1031 N N   . GLY A 1 139 ? 8.420   -23.638 -13.034 1.00 15.04 ? 138 GLY B N   1 
ATOM   1032 C CA  . GLY A 1 139 ? 8.591   -22.743 -14.156 1.00 14.51 ? 138 GLY B CA  1 
ATOM   1033 C C   . GLY A 1 139 ? 7.823   -21.440 -14.082 1.00 14.54 ? 138 GLY B C   1 
ATOM   1034 O O   . GLY A 1 139 ? 7.947   -20.621 -15.003 1.00 16.48 ? 138 GLY B O   1 
ATOM   1035 N N   . ALA A 1 140 ? 7.040   -21.215 -13.027 1.00 15.27 ? 139 ALA B N   1 
ATOM   1036 C CA  . ALA A 1 140 ? 6.355   -19.936 -12.876 1.00 15.24 ? 139 ALA B CA  1 
ATOM   1037 C C   . ALA A 1 140 ? 7.356   -18.862 -12.457 1.00 14.97 ? 139 ALA B C   1 
ATOM   1038 O O   . ALA A 1 140 ? 8.255   -19.136 -11.660 1.00 12.09 ? 139 ALA B O   1 
ATOM   1039 C CB  . ALA A 1 140 ? 5.241   -20.033 -11.838 1.00 15.91 ? 139 ALA B CB  1 
ATOM   1040 N N   . PRO A 1 141 ? 7.227   -17.637 -12.966 1.00 11.98 ? 140 PRO B N   1 
ATOM   1041 C CA  . PRO A 1 141 ? 8.160   -16.572 -12.581 1.00 12.12 ? 140 PRO B CA  1 
ATOM   1042 C C   . PRO A 1 141 ? 8.275   -16.439 -11.067 1.00 12.48 ? 140 PRO B C   1 
ATOM   1043 O O   . PRO A 1 141 ? 7.295   -16.549 -10.332 1.00 13.84 ? 140 PRO B O   1 
ATOM   1044 C CB  . PRO A 1 141 ? 7.543   -15.322 -13.211 1.00 14.66 ? 140 PRO B CB  1 
ATOM   1045 C CG  . PRO A 1 141 ? 6.801   -15.844 -14.398 1.00 17.76 ? 140 PRO B CG  1 
ATOM   1046 C CD  . PRO A 1 141 ? 6.240   -17.172 -13.961 1.00 17.48 ? 140 PRO B CD  1 
ATOM   1047 N N   . THR A 1 142 ? 9.502   -16.244 -10.595 1.00 9.52  ? 141 THR B N   1 
ATOM   1048 C CA  . THR A 1 142 ? 9.715   -16.084 -9.164  1.00 8.82  ? 141 THR B CA  1 
ATOM   1049 C C   . THR A 1 142 ? 9.205   -14.729 -8.696  1.00 7.89  ? 141 THR B C   1 
ATOM   1050 O O   . THR A 1 142 ? 9.561   -13.682 -9.249  1.00 9.08  ? 141 THR B O   1 
ATOM   1051 C CB  . THR A 1 142 ? 11.189  -16.240 -8.834  1.00 8.69  ? 141 THR B CB  1 
ATOM   1052 O OG1 . THR A 1 142 ? 11.531  -17.617 -8.993  1.00 10.15 ? 141 THR B OG1 1 
ATOM   1053 C CG2 . THR A 1 142 ? 11.469  -15.812 -7.395  1.00 8.83  ? 141 THR B CG2 1 
ATOM   1054 N N   . ARG A 1 143 ? 8.353   -14.758 -7.681  1.00 9.58  ? 142 ARG B N   1 
ATOM   1055 C CA  . ARG A 1 143 ? 7.792   -13.557 -7.098  1.00 8.43  ? 142 ARG B CA  1 
ATOM   1056 C C   . ARG A 1 143 ? 8.132   -13.510 -5.615  1.00 9.89  ? 142 ARG B C   1 
ATOM   1057 O O   . ARG A 1 143 ? 8.380   -14.538 -4.976  1.00 12.50 ? 142 ARG B O   1 
ATOM   1058 C CB  . ARG A 1 143 ? 6.266   -13.492 -7.325  1.00 9.99  ? 142 ARG B CB  1 
ATOM   1059 C CG  . ARG A 1 143 ? 5.925   -13.005 -8.748  1.00 13.37 ? 142 ARG B CG  1 
ATOM   1060 C CD  . ARG A 1 143 ? 4.425   -12.993 -9.093  1.00 17.53 ? 142 ARG B CD  1 
ATOM   1061 N NE  . ARG A 1 143 ? 3.671   -11.866 -8.523  1.00 13.60 ? 142 ARG B NE  1 
ATOM   1062 C CZ  . ARG A 1 143 ? 3.497   -10.677 -9.108  1.00 15.64 ? 142 ARG B CZ  1 
ATOM   1063 N NH1 . ARG A 1 143 ? 2.773   -9.741  -8.504  1.00 15.93 ? 142 ARG B NH1 1 
ATOM   1064 N NH2 . ARG A 1 143 ? 4.039   -10.407 -10.287 1.00 12.28 ? 142 ARG B NH2 1 
ATOM   1065 N N   . HIS A 1 144 ? 8.209   -12.295 -5.091  1.00 6.56  ? 143 HIS B N   1 
ATOM   1066 C CA  . HIS A 1 144 ? 8.362   -12.052 -3.666  1.00 6.49  ? 143 HIS B CA  1 
ATOM   1067 C C   . HIS A 1 144 ? 6.987   -11.646 -3.150  1.00 7.25  ? 143 HIS B C   1 
ATOM   1068 O O   . HIS A 1 144 ? 6.406   -10.679 -3.650  1.00 7.23  ? 143 HIS B O   1 
ATOM   1069 C CB  . HIS A 1 144 ? 9.412   -10.965 -3.436  1.00 7.39  ? 143 HIS B CB  1 
ATOM   1070 C CG  . HIS A 1 144 ? 9.581   -10.545 -2.004  1.00 7.02  ? 143 HIS B CG  1 
ATOM   1071 N ND1 . HIS A 1 144 ? 10.136  -9.332  -1.660  1.00 7.81  ? 143 HIS B ND1 1 
ATOM   1072 C CD2 . HIS A 1 144 ? 9.274   -11.165 -0.839  1.00 9.96  ? 143 HIS B CD2 1 
ATOM   1073 C CE1 . HIS A 1 144 ? 10.161  -9.219  -0.345  1.00 7.28  ? 143 HIS B CE1 1 
ATOM   1074 N NE2 . HIS A 1 144 ? 9.647   -10.318 0.179   1.00 7.97  ? 143 HIS B NE2 1 
ATOM   1075 N N   . THR A 1 145 ? 6.450   -12.414 -2.203  1.00 8.02  ? 144 THR B N   1 
ATOM   1076 C CA  . THR A 1 145 ? 5.143   -12.147 -1.610  1.00 6.70  ? 144 THR B CA  1 
ATOM   1077 C C   . THR A 1 145 ? 5.320   -11.847 -0.127  1.00 8.30  ? 144 THR B C   1 
ATOM   1078 O O   . THR A 1 145 ? 6.090   -12.520 0.568   1.00 10.15 ? 144 THR B O   1 
ATOM   1079 C CB  . THR A 1 145 ? 4.181   -13.327 -1.799  1.00 12.10 ? 144 THR B CB  1 
ATOM   1080 O OG1 . THR A 1 145 ? 4.068   -13.641 -3.195  1.00 16.61 ? 144 THR B OG1 1 
ATOM   1081 C CG2 . THR A 1 145 ? 2.790   -12.971 -1.271  1.00 14.57 ? 144 THR B CG2 1 
ATOM   1082 N N   . PHE A 1 146 ? 4.625   -10.820 0.350   1.00 7.15  ? 145 PHE B N   1 
ATOM   1083 C CA  . PHE A 1 146 ? 4.714   -10.426 1.749   1.00 6.98  ? 145 PHE B CA  1 
ATOM   1084 C C   . PHE A 1 146 ? 3.446   -9.663  2.093   1.00 6.95  ? 145 PHE B C   1 
ATOM   1085 O O   . PHE A 1 146 ? 2.629   -9.364  1.220   1.00 8.10  ? 145 PHE B O   1 
ATOM   1086 C CB  . PHE A 1 146 ? 5.970   -9.581  2.019   1.00 7.79  ? 145 PHE B CB  1 
ATOM   1087 C CG  . PHE A 1 146 ? 6.042   -8.323  1.198   1.00 6.44  ? 145 PHE B CG  1 
ATOM   1088 C CD1 . PHE A 1 146 ? 5.612   -7.112  1.724   1.00 6.57  ? 145 PHE B CD1 1 
ATOM   1089 C CD2 . PHE A 1 146 ? 6.513   -8.351  -0.107  1.00 7.40  ? 145 PHE B CD2 1 
ATOM   1090 C CE1 . PHE A 1 146 ? 5.666   -5.943  0.968   1.00 7.37  ? 145 PHE B CE1 1 
ATOM   1091 C CE2 . PHE A 1 146 ? 6.554   -7.194  -0.876  1.00 7.00  ? 145 PHE B CE2 1 
ATOM   1092 C CZ  . PHE A 1 146 ? 6.135   -5.990  -0.342  1.00 8.34  ? 145 PHE B CZ  1 
ATOM   1093 N N   . ASP A 1 147 ? 3.284   -9.336  3.370   1.00 7.41  ? 146 ASP B N   1 
ATOM   1094 C CA  . ASP A 1 147 ? 2.131   -8.533  3.746   1.00 7.65  ? 146 ASP B CA  1 
ATOM   1095 C C   . ASP A 1 147 ? 2.572   -7.199  4.337   1.00 8.87  ? 146 ASP B C   1 
ATOM   1096 O O   . ASP A 1 147 ? 3.687   -7.050  4.857   1.00 8.20  ? 146 ASP B O   1 
ATOM   1097 C CB  . ASP A 1 147 ? 1.208   -9.278  4.724   1.00 12.46 ? 146 ASP B CB  1 
ATOM   1098 C CG  . ASP A 1 147 ? 1.806   -9.444  6.097   1.00 21.23 ? 146 ASP B CG  1 
ATOM   1099 O OD1 . ASP A 1 147 ? 1.984   -8.430  6.810   1.00 23.96 ? 146 ASP B OD1 1 
ATOM   1100 O OD2 . ASP A 1 147 ? 2.067   -10.606 6.485   1.00 28.39 ? 146 ASP B OD2 1 
ATOM   1101 N N   . VAL A 1 148 ? 1.673   -6.223  4.239   1.00 6.40  ? 147 VAL B N   1 
ATOM   1102 C CA  . VAL A 1 148 ? 1.827   -4.940  4.909   1.00 6.35  ? 147 VAL B CA  1 
ATOM   1103 C C   . VAL A 1 148 ? 0.703   -4.825  5.923   1.00 8.67  ? 147 VAL B C   1 
ATOM   1104 O O   . VAL A 1 148 ? -0.481  -4.847  5.562   1.00 7.59  ? 147 VAL B O   1 
ATOM   1105 C CB  . VAL A 1 148 ? 1.821   -3.765  3.926   1.00 7.40  ? 147 VAL B CB  1 
ATOM   1106 C CG1 . VAL A 1 148 ? 1.934   -2.454  4.688   1.00 8.88  ? 147 VAL B CG1 1 
ATOM   1107 C CG2 . VAL A 1 148 ? 2.985   -3.914  2.953   1.00 10.23 ? 147 VAL B CG2 1 
ATOM   1108 N N   . ASN A 1 149 ? 1.074   -4.741  7.191   1.00 8.60  ? 148 ASN B N   1 
ATOM   1109 C CA  . ASN A 1 149 ? 0.120   -4.541  8.269   1.00 6.18  ? 148 ASN B CA  1 
ATOM   1110 C C   . ASN A 1 149 ? -0.103  -3.042  8.431   1.00 6.77  ? 148 ASN B C   1 
ATOM   1111 O O   . ASN A 1 149 ? 0.833   -2.309  8.766   1.00 7.74  ? 148 ASN B O   1 
ATOM   1112 C CB  . ASN A 1 149 ? 0.656   -5.180  9.552   1.00 7.32  ? 148 ASN B CB  1 
ATOM   1113 C CG  . ASN A 1 149 ? -0.290  -5.042  10.718  1.00 11.93 ? 148 ASN B CG  1 
ATOM   1114 O OD1 . ASN A 1 149 ? -0.741  -3.947  11.047  1.00 11.55 ? 148 ASN B OD1 1 
ATOM   1115 N ND2 . ASN A 1 149 ? -0.588  -6.162  11.370  1.00 18.15 ? 148 ASN B ND2 1 
ATOM   1116 N N   . LEU A 1 150 ? -1.332  -2.582  8.177   1.00 6.12  ? 149 LEU B N   1 
ATOM   1117 C CA  . LEU A 1 150 ? -1.663  -1.167  8.286   1.00 7.75  ? 149 LEU B CA  1 
ATOM   1118 C C   . LEU A 1 150 ? -2.255  -0.796  9.639   1.00 8.29  ? 149 LEU B C   1 
ATOM   1119 O O   . LEU A 1 150 ? -2.589  0.373   9.849   1.00 7.48  ? 149 LEU B O   1 
ATOM   1120 C CB  . LEU A 1 150 ? -2.628  -0.762  7.164   1.00 8.10  ? 149 LEU B CB  1 
ATOM   1121 C CG  . LEU A 1 150 ? -2.012  -0.783  5.769   1.00 7.31  ? 149 LEU B CG  1 
ATOM   1122 C CD1 . LEU A 1 150 ? -3.090  -0.531  4.729   1.00 9.52  ? 149 LEU B CD1 1 
ATOM   1123 C CD2 . LEU A 1 150 ? -0.918  0.271   5.661   1.00 8.83  ? 149 LEU B CD2 1 
ATOM   1124 N N   . GLY A 1 151 ? -2.372  -1.747  10.559  1.00 6.47  ? 150 GLY B N   1 
ATOM   1125 C CA  . GLY A 1 151 ? -2.812  -1.467  11.910  1.00 7.69  ? 150 GLY B CA  1 
ATOM   1126 C C   . GLY A 1 151 ? -4.179  -2.044  12.213  1.00 8.12  ? 150 GLY B C   1 
ATOM   1127 O O   . GLY A 1 151 ? -4.684  -2.936  11.528  1.00 10.60 ? 150 GLY B O   1 
ATOM   1128 N N   . GLU A 1 152 ? -4.791  -1.505  13.262  1.00 7.96  ? 151 GLU B N   1 
ATOM   1129 C CA  . GLU A 1 152 ? -6.040  -2.026  13.801  1.00 7.27  ? 151 GLU B CA  1 
ATOM   1130 C C   . GLU A 1 152 ? -7.168  -1.035  13.545  1.00 7.65  ? 151 GLU B C   1 
ATOM   1131 O O   . GLU A 1 152 ? -7.054  0.143   13.894  1.00 9.53  ? 151 GLU B O   1 
ATOM   1132 C CB  . GLU A 1 152 ? -5.891  -2.305  15.300  1.00 11.61 ? 151 GLU B CB  1 
ATOM   1133 C CG  . GLU A 1 152 ? -7.194  -2.573  16.025  1.00 18.35 ? 151 GLU B CG  1 
ATOM   1134 C CD  . GLU A 1 152 ? -7.552  -4.041  16.051  1.00 26.76 ? 151 GLU B CD  1 
ATOM   1135 O OE1 . GLU A 1 152 ? -6.732  -4.857  15.579  1.00 32.02 ? 151 GLU B OE1 1 
ATOM   1136 O OE2 . GLU A 1 152 ? -8.651  -4.380  16.551  1.00 33.41 ? 151 GLU B OE2 1 
ATOM   1137 N N   . ILE A 1 153 ? -8.244  -1.514  12.913  1.00 7.67  ? 152 ILE B N   1 
ATOM   1138 C CA  . ILE A 1 153 ? -9.382  -0.671  12.576  1.00 8.63  ? 152 ILE B CA  1 
ATOM   1139 C C   . ILE A 1 153 ? -9.886  0.054   13.815  1.00 10.08 ? 152 ILE B C   1 
ATOM   1140 O O   . ILE A 1 153 ? -10.048 -0.541  14.889  1.00 8.33  ? 152 ILE B O   1 
ATOM   1141 C CB  . ILE A 1 153 ? -10.481 -1.531  11.932  1.00 7.01  ? 152 ILE B CB  1 
ATOM   1142 C CG1 . ILE A 1 153 ? -10.073 -1.892  10.499  1.00 8.34  ? 152 ILE B CG1 1 
ATOM   1143 C CG2 . ILE A 1 153 ? -11.833 -0.813  11.961  1.00 9.47  ? 152 ILE B CG2 1 
ATOM   1144 C CD1 . ILE A 1 153 ? -10.852 -3.063  9.934   1.00 8.50  ? 152 ILE B CD1 1 
ATOM   1145 N N   . GLY A 1 154 ? -10.114 1.359   13.672  1.00 8.02  ? 153 GLY B N   1 
ATOM   1146 C CA  . GLY A 1 154 ? -10.695 2.154   14.735  1.00 8.02  ? 153 GLY B CA  1 
ATOM   1147 C C   . GLY A 1 154 ? -9.727  2.667   15.780  1.00 12.48 ? 153 GLY B C   1 
ATOM   1148 O O   . GLY A 1 154 ? -10.176 3.303   16.740  1.00 13.87 ? 153 GLY B O   1 
ATOM   1149 N N   . THR A 1 155 ? -8.422  2.422   15.629  1.00 10.33 ? 154 THR B N   1 
ATOM   1150 C CA  . THR A 1 155 ? -7.418  2.832   16.599  1.00 11.67 ? 154 THR B CA  1 
ATOM   1151 C C   . THR A 1 155 ? -6.317  3.608   15.889  1.00 12.29 ? 154 THR B C   1 
ATOM   1152 O O   . THR A 1 155 ? -6.147  3.505   14.673  1.00 11.16 ? 154 THR B O   1 
ATOM   1153 C CB  . THR A 1 155 ? -6.794  1.634   17.333  1.00 17.56 ? 154 THR B CB  1 
ATOM   1154 O OG1 . THR A 1 155 ? -5.862  0.973   16.473  1.00 17.09 ? 154 THR B OG1 1 
ATOM   1155 C CG2 . THR A 1 155 ? -7.851  0.637   17.789  1.00 17.27 ? 154 THR B CG2 1 
ATOM   1156 N N   . SER A 1 156 ? -5.555  4.383   16.654  1.00 12.36 ? 155 SER B N   1 
ATOM   1157 C CA  . SER A 1 156 ? -4.499  5.199   16.064  1.00 11.14 ? 155 SER B CA  1 
ATOM   1158 C C   . SER A 1 156 ? -3.101  4.618   16.244  1.00 11.20 ? 155 SER B C   1 
ATOM   1159 O O   . SER A 1 156 ? -2.252  4.815   15.366  1.00 10.37 ? 155 SER B O   1 
ATOM   1160 C CB  . SER A 1 156 ? -4.540  6.619   16.643  1.00 16.57 ? 155 SER B CB  1 
ATOM   1161 O OG  . SER A 1 156 ? -4.364  6.592   18.043  1.00 21.46 ? 155 SER B OG  1 
ATOM   1162 N N   . LYS A 1 157 ? -2.826  3.902   17.342  1.00 11.67 ? 156 LYS B N   1 
ATOM   1163 C CA  . LYS A 1 157 ? -1.461  3.455   17.609  1.00 13.18 ? 156 LYS B CA  1 
ATOM   1164 C C   . LYS A 1 157 ? -0.993  2.476   16.538  1.00 12.78 ? 156 LYS B C   1 
ATOM   1165 O O   . LYS A 1 157 ? -1.654  1.462   16.279  1.00 13.93 ? 156 LYS B O   1 
ATOM   1166 C CB  . LYS A 1 157 ? -1.367  2.813   18.994  1.00 15.95 ? 156 LYS B CB  1 
ATOM   1167 C CG  . LYS A 1 157 ? -0.004  2.190   19.270  1.00 22.40 ? 156 LYS B CG  1 
ATOM   1168 C CD  . LYS A 1 157 ? 0.636   2.763   20.526  1.00 32.15 ? 156 LYS B CD  1 
ATOM   1169 C CE  . LYS A 1 157 ? 2.089   2.315   20.663  1.00 25.35 ? 156 LYS B CE  1 
ATOM   1170 N NZ  . LYS A 1 157 ? 2.233   0.846   20.470  1.00 34.28 ? 156 LYS B NZ  1 
ATOM   1171 N N   . ASN A 1 158 ? 0.136   2.805   15.906  1.00 12.92 ? 157 ASN B N   1 
ATOM   1172 C CA  . ASN A 1 158 ? 0.747   1.991   14.854  1.00 13.30 ? 157 ASN B CA  1 
ATOM   1173 C C   . ASN A 1 158 ? -0.246  1.661   13.740  1.00 11.74 ? 157 ASN B C   1 
ATOM   1174 O O   . ASN A 1 158 ? -0.176  0.601   13.113  1.00 11.35 ? 157 ASN B O   1 
ATOM   1175 C CB  . ASN A 1 158 ? 1.380   0.721   15.434  1.00 17.12 ? 157 ASN B CB  1 
ATOM   1176 C CG  . ASN A 1 158 ? 2.698   1.008   16.153  1.00 21.00 ? 157 ASN B CG  1 
ATOM   1177 O OD1 . ASN A 1 158 ? 3.396   1.977   15.839  1.00 25.76 ? 157 ASN B OD1 1 
ATOM   1178 N ND2 . ASN A 1 158 ? 3.042   0.163   17.119  1.00 26.96 ? 157 ASN B ND2 1 
ATOM   1179 N N   . THR A 1 159 ? -1.159  2.593   13.466  1.00 8.02  ? 158 THR B N   1 
ATOM   1180 C CA  . THR A 1 159 ? -2.193  2.413   12.455  1.00 8.03  ? 158 THR B CA  1 
ATOM   1181 C C   . THR A 1 159 ? -2.236  3.620   11.521  1.00 5.38  ? 158 THR B C   1 
ATOM   1182 O O   . THR A 1 159 ? -2.018  4.760   11.946  1.00 7.05  ? 158 THR B O   1 
ATOM   1183 C CB  . THR A 1 159 ? -3.548  2.209   13.141  1.00 7.27  ? 158 THR B CB  1 
ATOM   1184 O OG1 . THR A 1 159 ? -3.456  1.083   14.028  1.00 10.00 ? 158 THR B OG1 1 
ATOM   1185 C CG2 . THR A 1 159 ? -4.670  1.968   12.127  1.00 7.52  ? 158 THR B CG2 1 
ATOM   1186 N N   . ILE A 1 160 ? -2.511  3.370   10.236  1.00 4.78  ? 159 ILE B N   1 
ATOM   1187 C CA  . ILE A 1 160 ? -2.677  4.478   9.300   1.00 5.02  ? 159 ILE B CA  1 
ATOM   1188 C C   . ILE A 1 160 ? -3.844  5.361   9.751   1.00 6.13  ? 159 ILE B C   1 
ATOM   1189 O O   . ILE A 1 160 ? -4.905  4.868   10.160  1.00 6.86  ? 159 ILE B O   1 
ATOM   1190 C CB  . ILE A 1 160 ? -2.874  3.950   7.865   1.00 5.71  ? 159 ILE B CB  1 
ATOM   1191 C CG1 . ILE A 1 160 ? -2.858  5.100   6.850   1.00 6.80  ? 159 ILE B CG1 1 
ATOM   1192 C CG2 . ILE A 1 160 ? -4.146  3.076   7.727   1.00 7.39  ? 159 ILE B CG2 1 
ATOM   1193 C CD1 . ILE A 1 160 ? -2.756  4.611   5.399   1.00 8.35  ? 159 ILE B CD1 1 
ATOM   1194 N N   . THR A 1 161 ? -3.642  6.681   9.666   1.00 6.14  ? 160 THR B N   1 
ATOM   1195 C CA  . THR A 1 161 ? -4.596  7.683   10.130  1.00 5.85  ? 160 THR B CA  1 
ATOM   1196 C C   . THR A 1 161 ? -4.808  8.746   9.060   1.00 6.06  ? 160 THR B C   1 
ATOM   1197 O O   . THR A 1 161 ? -4.004  8.896   8.135   1.00 6.79  ? 160 THR B O   1 
ATOM   1198 C CB  . THR A 1 161 ? -4.120  8.403   11.406  1.00 7.31  ? 160 THR B CB  1 
ATOM   1199 O OG1 . THR A 1 161 ? -2.865  9.065   11.157  1.00 8.47  ? 160 THR B OG1 1 
ATOM   1200 C CG2 . THR A 1 161 ? -3.976  7.440   12.567  1.00 8.29  ? 160 THR B CG2 1 
ATOM   1201 N N   . GLN A 1 162 ? -5.893  9.513   9.231   1.00 5.30  ? 161 GLN B N   1 
ATOM   1202 C CA  . GLN A 1 162 ? -6.204  10.666  8.381   1.00 7.67  ? 161 GLN B CA  1 
ATOM   1203 C C   . GLN A 1 162 ? -6.593  11.841  9.284   1.00 6.98  ? 161 GLN B C   1 
ATOM   1204 O O   . GLN A 1 162 ? -7.771  12.202  9.398   1.00 7.80  ? 161 GLN B O   1 
ATOM   1205 C CB  . GLN A 1 162 ? -7.308  10.331  7.381   1.00 7.65  ? 161 GLN B CB  1 
ATOM   1206 C CG  . GLN A 1 162 ? -7.503  11.401  6.305   1.00 8.12  ? 161 GLN B CG  1 
ATOM   1207 C CD  . GLN A 1 162 ? -8.950  11.505  5.860   1.00 8.39  ? 161 GLN B CD  1 
ATOM   1208 O OE1 . GLN A 1 162 ? -9.250  11.446  4.662   1.00 9.36  ? 161 GLN B OE1 1 
ATOM   1209 N NE2 . GLN A 1 162 ? -9.862  11.637  6.820   1.00 9.31  ? 161 GLN B NE2 1 
ATOM   1210 N N   . PHE A 1 163 ? -5.591  12.427  9.923   1.00 7.97  ? 162 PHE B N   1 
ATOM   1211 C CA  . PHE A 1 163 ? -5.727  13.563  10.818  1.00 6.83  ? 162 PHE B CA  1 
ATOM   1212 C C   . PHE A 1 163 ? -5.324  14.844  10.101  1.00 7.47  ? 162 PHE B C   1 
ATOM   1213 O O   . PHE A 1 163 ? -4.569  14.824  9.130   1.00 8.21  ? 162 PHE B O   1 
ATOM   1214 C CB  . PHE A 1 163 ? -4.837  13.398  12.055  1.00 8.44  ? 162 PHE B CB  1 
ATOM   1215 C CG  . PHE A 1 163 ? -5.138  12.194  12.894  1.00 9.38  ? 162 PHE B CG  1 
ATOM   1216 C CD1 . PHE A 1 163 ? -6.428  11.700  13.021  1.00 9.81  ? 162 PHE B CD1 1 
ATOM   1217 C CD2 . PHE A 1 163 ? -4.109  11.566  13.584  1.00 10.84 ? 162 PHE B CD2 1 
ATOM   1218 C CE1 . PHE A 1 163 ? -6.690  10.598  13.827  1.00 11.85 ? 162 PHE B CE1 1 
ATOM   1219 C CE2 . PHE A 1 163 ? -4.357  10.470  14.384  1.00 11.09 ? 162 PHE B CE2 1 
ATOM   1220 C CZ  . PHE A 1 163 ? -5.642  9.984   14.511  1.00 9.74  ? 162 PHE B CZ  1 
ATOM   1221 N N   . SER A 1 164 ? -5.793  15.973  10.644  1.00 10.10 ? 163 SER B N   1 
ATOM   1222 C CA  . SER A 1 164 ? -5.448  17.303  10.133  1.00 9.49  ? 163 SER B CA  1 
ATOM   1223 C C   . SER A 1 164 ? -4.054  17.697  10.625  1.00 13.15 ? 163 SER B C   1 
ATOM   1224 O O   . SER A 1 164 ? -3.876  18.505  11.542  1.00 16.06 ? 163 SER B O   1 
ATOM   1225 C CB  . SER A 1 164 ? -6.502  18.322  10.552  1.00 9.96  ? 163 SER B CB  1 
ATOM   1226 O OG  . SER A 1 164 ? -7.716  18.088  9.865   1.00 14.80 ? 163 SER B OG  1 
ATOM   1227 N N   . ASP A 1 165 ? -3.051  17.115  9.978   1.00 11.79 ? 164 ASP B N   1 
ATOM   1228 C CA  . ASP A 1 165 ? -1.648  17.314  10.304  1.00 13.75 ? 164 ASP B CA  1 
ATOM   1229 C C   . ASP A 1 165 ? -0.831  16.832  9.116   1.00 11.35 ? 164 ASP B C   1 
ATOM   1230 O O   . ASP A 1 165 ? -1.340  16.134  8.237   1.00 10.33 ? 164 ASP B O   1 
ATOM   1231 C CB  . ASP A 1 165 ? -1.257  16.568  11.583  1.00 14.60 ? 164 ASP B CB  1 
ATOM   1232 C CG  . ASP A 1 165 ? -0.484  17.437  12.552  1.00 25.41 ? 164 ASP B CG  1 
ATOM   1233 O OD1 . ASP A 1 165 ? 0.123   18.442  12.114  1.00 26.49 ? 164 ASP B OD1 1 
ATOM   1234 O OD2 . ASP A 1 165 ? -0.483  17.106  13.755  1.00 26.19 ? 164 ASP B OD2 1 
ATOM   1235 N N   . LYS A 1 166 ? 0.446   17.206  9.106   1.00 12.94 ? 165 LYS B N   1 
ATOM   1236 C CA  . LYS A 1 166 ? 1.334   16.881  7.996   1.00 12.44 ? 165 LYS B CA  1 
ATOM   1237 C C   . LYS A 1 166 ? 1.250   15.400  7.633   1.00 10.20 ? 165 LYS B C   1 
ATOM   1238 O O   . LYS A 1 166 ? 1.161   14.537  8.508   1.00 12.49 ? 165 LYS B O   1 
ATOM   1239 C CB  . LYS A 1 166 ? 2.774   17.250  8.376   1.00 19.63 ? 165 LYS B CB  1 
ATOM   1240 C CG  . LYS A 1 166 ? 3.765   17.226  7.237   1.00 24.52 ? 165 LYS B CG  1 
ATOM   1241 C CD  . LYS A 1 166 ? 5.153   17.650  7.716   1.00 26.41 ? 165 LYS B CD  1 
ATOM   1242 C CE  . LYS A 1 166 ? 6.250   16.872  7.004   1.00 32.84 ? 165 LYS B CE  1 
ATOM   1243 N NZ  . LYS A 1 166 ? 7.587   17.492  7.213   1.00 36.59 ? 165 LYS B NZ  1 
ATOM   1244 N N   . SER A 1 167 ? 1.247   15.104  6.332   1.00 9.27  ? 166 SER B N   1 
ATOM   1245 C CA  . SER A 1 167 ? 1.404   13.715  5.908   1.00 7.80  ? 166 SER B CA  1 
ATOM   1246 C C   . SER A 1 167 ? 2.807   13.235  6.254   1.00 8.68  ? 166 SER B C   1 
ATOM   1247 O O   . SER A 1 167 ? 3.795   13.929  5.990   1.00 12.53 ? 166 SER B O   1 
ATOM   1248 C CB  . SER A 1 167 ? 1.176   13.554  4.408   1.00 9.03  ? 166 SER B CB  1 
ATOM   1249 O OG  . SER A 1 167 ? -0.116  13.972  4.027   1.00 8.91  ? 166 SER B OG  1 
ATOM   1250 N N   . THR A 1 168 ? 2.901   12.030  6.809   1.00 9.60  ? 167 THR B N   1 
ATOM   1251 C CA  . THR A 1 168 ? 4.187   11.571  7.319   1.00 10.24 ? 167 THR B CA  1 
ATOM   1252 C C   . THR A 1 168 ? 4.148   10.073  7.564   1.00 11.41 ? 167 THR B C   1 
ATOM   1253 O O   . THR A 1 168 ? 3.094   9.493   7.808   1.00 10.07 ? 167 THR B O   1 
ATOM   1254 C CB  . THR A 1 168 ? 4.556   12.277  8.623   1.00 13.40 ? 167 THR B CB  1 
ATOM   1255 O OG1 . THR A 1 168 ? 5.859   11.841  9.033   1.00 21.09 ? 167 THR B OG1 1 
ATOM   1256 C CG2 . THR A 1 168 ? 3.554   11.938  9.717   1.00 14.20 ? 167 THR B CG2 1 
ATOM   1257 N N   . THR A 1 169 ? 5.323   9.462   7.537   1.00 11.95 ? 168 THR B N   1 
ATOM   1258 C CA  . THR A 1 169 ? 5.450   8.094   8.019   1.00 9.45  ? 168 THR B CA  1 
ATOM   1259 C C   . THR A 1 169 ? 5.320   8.081   9.535   1.00 10.90 ? 168 THR B C   1 
ATOM   1260 O O   . THR A 1 169 ? 5.933   8.903   10.226  1.00 12.07 ? 168 THR B O   1 
ATOM   1261 C CB  . THR A 1 169 ? 6.800   7.514   7.600   1.00 13.20 ? 168 THR B CB  1 
ATOM   1262 O OG1 . THR A 1 169 ? 6.907   7.546   6.173   1.00 17.14 ? 168 THR B OG1 1 
ATOM   1263 C CG2 . THR A 1 169 ? 6.946   6.072   8.084   1.00 12.74 ? 168 THR B CG2 1 
ATOM   1264 N N   . ALA A 1 170 ? 4.516   7.149   10.057  1.00 9.85  ? 169 ALA B N   1 
ATOM   1265 C CA  . ALA A 1 170 ? 4.330   7.007   11.494  1.00 9.75  ? 169 ALA B CA  1 
ATOM   1266 C C   . ALA A 1 170 ? 4.949   5.742   12.066  1.00 9.87  ? 169 ALA B C   1 
ATOM   1267 O O   . ALA A 1 170 ? 5.262   5.710   13.260  1.00 13.62 ? 169 ALA B O   1 
ATOM   1268 C CB  . ALA A 1 170 ? 2.835   7.020   11.843  1.00 12.14 ? 169 ALA B CB  1 
ATOM   1269 N N   . ALA A 1 171 ? 5.119   4.703   11.253  1.00 8.32  ? 170 ALA B N   1 
ATOM   1270 C CA  . ALA A 1 171 ? 5.749   3.461   11.681  1.00 8.18  ? 170 ALA B CA  1 
ATOM   1271 C C   . ALA A 1 171 ? 6.289   2.757   10.450  1.00 7.29  ? 170 ALA B C   1 
ATOM   1272 O O   . ALA A 1 171 ? 5.655   2.771   9.393   1.00 6.87  ? 170 ALA B O   1 
ATOM   1273 C CB  . ALA A 1 171 ? 4.766   2.541   12.418  1.00 8.84  ? 170 ALA B CB  1 
ATOM   1274 N N   . TYR A 1 172 ? 7.476   2.171   10.588  1.00 7.08  ? 171 TYR B N   1 
ATOM   1275 C CA  . TYR A 1 172 ? 8.016   1.285   9.560   1.00 6.62  ? 171 TYR B CA  1 
ATOM   1276 C C   . TYR A 1 172 ? 9.004   0.360   10.242  1.00 6.45  ? 171 TYR B C   1 
ATOM   1277 O O   . TYR A 1 172 ? 10.045  0.816   10.725  1.00 8.38  ? 171 TYR B O   1 
ATOM   1278 C CB  . TYR A 1 172 ? 8.697   2.051   8.427   1.00 8.05  ? 171 TYR B CB  1 
ATOM   1279 C CG  . TYR A 1 172 ? 9.620   1.174   7.582   1.00 5.99  ? 171 TYR B CG  1 
ATOM   1280 C CD1 . TYR A 1 172 ? 9.108   0.281   6.638   1.00 8.06  ? 171 TYR B CD1 1 
ATOM   1281 C CD2 . TYR A 1 172 ? 11.000  1.242   7.733   1.00 8.81  ? 171 TYR B CD2 1 
ATOM   1282 C CE1 . TYR A 1 172 ? 9.955   -0.532  5.873   1.00 6.02  ? 171 TYR B CE1 1 
ATOM   1283 C CE2 . TYR A 1 172 ? 11.848  0.445   6.978   1.00 9.24  ? 171 TYR B CE2 1 
ATOM   1284 C CZ  . TYR A 1 172 ? 11.323  -0.435  6.044   1.00 7.64  ? 171 TYR B CZ  1 
ATOM   1285 O OH  . TYR A 1 172 ? 12.179  -1.217  5.294   1.00 7.94  ? 171 TYR B OH  1 
ATOM   1286 N N   . GLU A 1 173 ? 8.682   -0.926  10.283  1.00 8.71  ? 172 GLU B N   1 
ATOM   1287 C CA  . GLU A 1 173 ? 9.690   -1.916  10.626  1.00 8.68  ? 172 GLU B CA  1 
ATOM   1288 C C   . GLU A 1 173 ? 9.302   -3.227  9.965   1.00 8.75  ? 172 GLU B C   1 
ATOM   1289 O O   . GLU A 1 173 ? 8.129   -3.486  9.694   1.00 8.63  ? 172 GLU B O   1 
ATOM   1290 C CB  . GLU A 1 173 ? 9.845   -2.089  12.140  1.00 16.38 ? 172 GLU B CB  1 
ATOM   1291 C CG  . GLU A 1 173 ? 8.633   -2.650  12.824  1.00 14.32 ? 172 GLU B CG  1 
ATOM   1292 C CD  . GLU A 1 173 ? 8.748   -2.611  14.338  1.00 26.04 ? 172 GLU B CD  1 
ATOM   1293 O OE1 . GLU A 1 173 ? 9.868   -2.391  14.847  1.00 30.64 ? 172 GLU B OE1 1 
ATOM   1294 O OE2 . GLU A 1 173 ? 7.713   -2.791  15.015  1.00 32.29 ? 172 GLU B OE2 1 
ATOM   1295 N N   . GLN A 1 174 ? 10.303  -4.032  9.664   1.00 5.01  ? 173 GLN B N   1 
ATOM   1296 C CA  . GLN A 1 174 ? 10.056  -5.266  8.933   1.00 6.72  ? 173 GLN B CA  1 
ATOM   1297 C C   . GLN A 1 174 ? 11.233  -6.200  9.190   1.00 8.32  ? 173 GLN B C   1 
ATOM   1298 O O   . GLN A 1 174 ? 12.169  -5.862  9.924   1.00 5.92  ? 173 GLN B O   1 
ATOM   1299 C CB  . GLN A 1 174 ? 9.831   -4.987  7.440   1.00 6.48  ? 173 GLN B CB  1 
ATOM   1300 C CG  . GLN A 1 174 ? 10.903  -4.129  6.799   1.00 6.44  ? 173 GLN B CG  1 
ATOM   1301 C CD  . GLN A 1 174 ? 12.092  -4.956  6.387   1.00 5.90  ? 173 GLN B CD  1 
ATOM   1302 O OE1 . GLN A 1 174 ? 11.966  -5.862  5.567   1.00 5.34  ? 173 GLN B OE1 1 
ATOM   1303 N NE2 . GLN A 1 174 ? 13.250  -4.680  6.972   1.00 5.63  ? 173 GLN B NE2 1 
ATOM   1304 N N   . ASP A 1 175 ? 11.177  -7.385  8.585   1.00 5.79  ? 174 ASP B N   1 
ATOM   1305 C CA  . ASP A 1 175 ? 12.058  -8.483  8.980   1.00 6.99  ? 174 ASP B CA  1 
ATOM   1306 C C   . ASP A 1 175 ? 13.022  -8.926  7.887   1.00 6.47  ? 174 ASP B C   1 
ATOM   1307 O O   . ASP A 1 175 ? 13.668  -9.968  8.038   1.00 8.18  ? 174 ASP B O   1 
ATOM   1308 C CB  . ASP A 1 175 ? 11.219  -9.678  9.461   1.00 7.72  ? 174 ASP B CB  1 
ATOM   1309 C CG  . ASP A 1 175 ? 10.299  -10.238 8.381   1.00 9.33  ? 174 ASP B CG  1 
ATOM   1310 O OD1 . ASP A 1 175 ? 9.820   -9.474  7.508   1.00 8.31  ? 174 ASP B OD1 1 
ATOM   1311 O OD2 . ASP A 1 175 ? 10.052  -11.470 8.423   1.00 10.33 ? 174 ASP B OD2 1 
ATOM   1312 N N   . GLY A 1 176 ? 13.143  -8.173  6.792   1.00 5.22  ? 175 GLY B N   1 
ATOM   1313 C CA  . GLY A 1 176 ? 14.103  -8.482  5.756   1.00 6.82  ? 175 GLY B CA  1 
ATOM   1314 C C   . GLY A 1 176 ? 15.326  -7.577  5.810   1.00 4.86  ? 175 GLY B C   1 
ATOM   1315 O O   . GLY A 1 176 ? 15.292  -6.499  6.399   1.00 4.58  ? 175 GLY B O   1 
ATOM   1316 N N   . TYR A 1 177 ? 16.413  -8.019  5.170   1.00 4.40  ? 176 TYR B N   1 
ATOM   1317 C CA  . TYR A 1 177 ? 17.668  -7.271  5.214   1.00 6.02  ? 176 TYR B CA  1 
ATOM   1318 C C   . TYR A 1 177 ? 18.600  -7.778  4.121   1.00 5.68  ? 176 TYR B C   1 
ATOM   1319 O O   . TYR A 1 177 ? 18.418  -8.878  3.590   1.00 7.76  ? 176 TYR B O   1 
ATOM   1320 C CB  . TYR A 1 177 ? 18.335  -7.393  6.594   1.00 6.76  ? 176 TYR B CB  1 
ATOM   1321 C CG  . TYR A 1 177 ? 18.403  -8.823  7.078   1.00 5.53  ? 176 TYR B CG  1 
ATOM   1322 C CD1 . TYR A 1 177 ? 19.495  -9.625  6.758   1.00 8.13  ? 176 TYR B CD1 1 
ATOM   1323 C CD2 . TYR A 1 177 ? 17.376  -9.382  7.817   1.00 6.22  ? 176 TYR B CD2 1 
ATOM   1324 C CE1 . TYR A 1 177 ? 19.563  -10.936 7.171   1.00 10.50 ? 176 TYR B CE1 1 
ATOM   1325 C CE2 . TYR A 1 177 ? 17.429  -10.697 8.223   1.00 9.76  ? 176 TYR B CE2 1 
ATOM   1326 C CZ  . TYR A 1 177 ? 18.532  -11.467 7.899   1.00 12.58 ? 176 TYR B CZ  1 
ATOM   1327 O OH  . TYR A 1 177 ? 18.605  -12.787 8.303   1.00 16.86 ? 176 TYR B OH  1 
ATOM   1328 N N   . THR A 1 178 ? 19.618  -6.969  3.813   1.00 7.68  ? 177 THR B N   1 
ATOM   1329 C CA  . THR A 1 178 ? 20.699  -7.411  2.929   1.00 9.08  ? 177 THR B CA  1 
ATOM   1330 C C   . THR A 1 178 ? 21.852  -8.002  3.738   1.00 12.95 ? 177 THR B C   1 
ATOM   1331 O O   . THR A 1 178 ? 21.878  -7.889  4.966   1.00 16.40 ? 177 THR B O   1 
ATOM   1332 C CB  . THR A 1 178 ? 21.239  -6.272  2.049   1.00 8.46  ? 177 THR B CB  1 
ATOM   1333 O OG1 . THR A 1 178 ? 21.845  -5.269  2.875   1.00 8.85  ? 177 THR B OG1 1 
ATOM   1334 C CG2 . THR A 1 178 ? 20.122  -5.652  1.229   1.00 9.19  ? 177 THR B CG2 1 
HETATM 1335 O O   . HOH B 2 .   ? 1.058   19.745  10.606  1.00 26.50 ? 201 HOH B O   1 
HETATM 1336 O O   . HOH B 2 .   ? 6.534   6.150   4.490   1.00 19.49 ? 202 HOH B O   1 
HETATM 1337 O O   . HOH B 2 .   ? 14.099  -16.064 2.303   1.00 26.43 ? 203 HOH B O   1 
HETATM 1338 O O   . HOH B 2 .   ? 13.498  1.260   -9.712  1.00 35.09 ? 204 HOH B O   1 
HETATM 1339 O O   . HOH B 2 .   ? 8.207   0.605   -16.372 1.00 30.26 ? 205 HOH B O   1 
HETATM 1340 O O   . HOH B 2 .   ? 1.867   -1.497  20.680  1.00 40.82 ? 206 HOH B O   1 
HETATM 1341 O O   . HOH B 2 .   ? 11.760  -3.923  14.774  1.00 21.70 ? 207 HOH B O   1 
HETATM 1342 O O   . HOH B 2 .   ? 11.184  -0.495  15.873  1.00 27.13 ? 208 HOH B O   1 
HETATM 1343 O O   . HOH B 2 .   ? 10.847  -13.652 9.422   1.00 26.58 ? 209 HOH B O   1 
HETATM 1344 O O   . HOH B 2 .   ? 1.631   -10.589 8.986   1.00 27.96 ? 210 HOH B O   1 
HETATM 1345 O O   . HOH B 2 .   ? 0.948   -1.311  11.505  1.00 14.18 ? 211 HOH B O   1 
HETATM 1346 O O   . HOH B 2 .   ? 17.078  -9.962  -6.526  1.00 17.94 ? 212 HOH B O   1 
HETATM 1347 O O   . HOH B 2 .   ? 9.565   -2.020  -16.630 1.00 21.65 ? 213 HOH B O   1 
HETATM 1348 O O   . HOH B 2 .   ? 2.929   12.121  -6.097  1.00 25.71 ? 214 HOH B O   1 
HETATM 1349 O O   . HOH B 2 .   ? 7.874   10.571  10.378  1.00 33.06 ? 215 HOH B O   1 
HETATM 1350 O O   . HOH B 2 .   ? 13.875  -22.392 -9.187  1.00 21.31 ? 216 HOH B O   1 
HETATM 1351 O O   . HOH B 2 .   ? -12.582 20.702  -2.059  1.00 29.62 ? 217 HOH B O   1 
HETATM 1352 O O   . HOH B 2 .   ? -16.249 7.511   2.270   1.00 22.92 ? 218 HOH B O   1 
HETATM 1353 O O   . HOH B 2 .   ? -2.557  1.377   -11.187 1.00 23.73 ? 219 HOH B O   1 
HETATM 1354 O O   . HOH B 2 .   ? -2.655  -7.447  -12.722 1.00 39.29 ? 220 HOH B O   1 
HETATM 1355 O O   . HOH B 2 .   ? 0.649   6.328   -8.999  1.00 33.47 ? 221 HOH B O   1 
HETATM 1356 O O   . HOH B 2 .   ? 0.619   17.517  4.573   1.00 19.35 ? 222 HOH B O   1 
HETATM 1357 O O   . HOH B 2 .   ? 15.281  -5.142  -9.204  1.00 32.33 ? 223 HOH B O   1 
HETATM 1358 O O   . HOH B 2 .   ? 3.996   -23.674 -13.928 1.00 18.16 ? 224 HOH B O   1 
HETATM 1359 O O   . HOH B 2 .   ? 1.439   16.747  -4.248  1.00 27.13 ? 225 HOH B O   1 
HETATM 1360 O O   . HOH B 2 .   ? 8.080   9.668   3.113   1.00 19.39 ? 226 HOH B O   1 
HETATM 1361 O O   . HOH B 2 .   ? -4.761  -0.152  -9.912  1.00 18.80 ? 227 HOH B O   1 
HETATM 1362 O O   . HOH B 2 .   ? -13.085 2.813   12.112  1.00 10.93 ? 228 HOH B O   1 
HETATM 1363 O O   . HOH B 2 .   ? -5.671  -4.267  -6.153  1.00 6.82  ? 229 HOH B O   1 
HETATM 1364 O O   . HOH B 2 .   ? -9.280  -7.978  10.601  1.00 27.39 ? 230 HOH B O   1 
HETATM 1365 O O   . HOH B 2 .   ? -13.125 -3.019  7.144   1.00 7.87  ? 231 HOH B O   1 
HETATM 1366 O O   . HOH B 2 .   ? 1.703   14.453  11.123  1.00 16.22 ? 232 HOH B O   1 
HETATM 1367 O O   . HOH B 2 .   ? -11.399 14.245  4.522   1.00 16.38 ? 233 HOH B O   1 
HETATM 1368 O O   . HOH B 2 .   ? -15.235 1.957   4.982   1.00 16.78 ? 234 HOH B O   1 
HETATM 1369 O O   . HOH B 2 .   ? -6.420  4.961   12.443  1.00 8.49  ? 235 HOH B O   1 
HETATM 1370 O O   . HOH B 2 .   ? -6.912  19.419  -4.538  1.00 16.94 ? 236 HOH B O   1 
HETATM 1371 O O   . HOH B 2 .   ? 4.715   -13.129 -12.946 1.00 19.90 ? 237 HOH B O   1 
HETATM 1372 O O   . HOH B 2 .   ? 4.006   5.134   15.562  1.00 24.70 ? 238 HOH B O   1 
HETATM 1373 O O   . HOH B 2 .   ? -9.378  12.484  15.389  1.00 31.55 ? 239 HOH B O   1 
HETATM 1374 O O   . HOH B 2 .   ? -0.044  18.666  -1.575  1.00 16.62 ? 240 HOH B O   1 
HETATM 1375 O O   . HOH B 2 .   ? -3.571  -0.061  17.436  1.00 24.90 ? 241 HOH B O   1 
HETATM 1376 O O   . HOH B 2 .   ? 16.743  3.545   2.368   1.00 22.59 ? 242 HOH B O   1 
HETATM 1377 O O   . HOH B 2 .   ? -0.413  8.347   12.013  1.00 17.08 ? 243 HOH B O   1 
HETATM 1378 O O   . HOH B 2 .   ? -16.301 8.614   -6.315  1.00 23.95 ? 244 HOH B O   1 
HETATM 1379 O O   . HOH B 2 .   ? -3.650  3.773   -9.798  1.00 24.02 ? 245 HOH B O   1 
HETATM 1380 O O   . HOH B 2 .   ? -14.309 18.056  -14.911 1.00 7.11  ? 246 HOH B O   1 
HETATM 1381 O O   . HOH B 2 .   ? 1.079   5.333   16.098  1.00 22.38 ? 247 HOH B O   1 
HETATM 1382 O O   . HOH B 2 .   ? 12.015  6.293   1.994   1.00 33.86 ? 248 HOH B O   1 
HETATM 1383 O O   . HOH B 2 .   ? 11.503  -19.264 -6.840  1.00 19.24 ? 249 HOH B O   1 
HETATM 1384 O O   . HOH B 2 .   ? 17.813  -15.767 2.067   1.00 30.13 ? 250 HOH B O   1 
HETATM 1385 O O   . HOH B 2 .   ? 12.616  -12.797 7.232   1.00 16.78 ? 251 HOH B O   1 
HETATM 1386 O O   . HOH B 2 .   ? 8.062   -8.151  10.283  1.00 15.67 ? 252 HOH B O   1 
HETATM 1387 O O   . HOH B 2 .   ? 1.054   16.241  -0.318  1.00 15.21 ? 253 HOH B O   1 
HETATM 1388 O O   . HOH B 2 .   ? 14.113  -0.900  -6.256  1.00 19.25 ? 254 HOH B O   1 
HETATM 1389 O O   . HOH B 2 .   ? 8.869   5.137   4.545   1.00 23.15 ? 255 HOH B O   1 
HETATM 1390 O O   . HOH B 2 .   ? 18.184  -10.755 -10.268 1.00 36.56 ? 256 HOH B O   1 
HETATM 1391 O O   . HOH B 2 .   ? 22.997  -9.869  6.466   1.00 23.42 ? 257 HOH B O   1 
HETATM 1392 O O   . HOH B 2 .   ? -15.482 -1.651  -0.084  1.00 19.48 ? 258 HOH B O   1 
HETATM 1393 O O   . HOH B 2 .   ? -11.152 11.448  0.056   1.00 7.39  ? 259 HOH B O   1 
HETATM 1394 O O   . HOH B 2 .   ? -12.951 6.052   15.493  1.00 15.97 ? 260 HOH B O   1 
HETATM 1395 O O   . HOH B 2 .   ? -14.581 -10.434 -2.115  1.00 5.84  ? 261 HOH B O   1 
HETATM 1396 O O   . HOH B 2 .   ? 17.657  -9.589  1.041   1.00 15.16 ? 262 HOH B O   1 
HETATM 1397 O O   . HOH B 2 .   ? -2.777  20.695  12.760  1.00 28.54 ? 263 HOH B O   1 
HETATM 1398 O O   . HOH B 2 .   ? 13.686  -28.732 -11.646 1.00 32.98 ? 264 HOH B O   1 
HETATM 1399 O O   . HOH B 2 .   ? 9.012   -13.390 1.957   1.00 19.71 ? 265 HOH B O   1 
HETATM 1400 O O   . HOH B 2 .   ? 3.734   -12.923 4.718   1.00 22.47 ? 266 HOH B O   1 
HETATM 1401 O O   . HOH B 2 .   ? -10.983 -3.101  15.215  1.00 14.53 ? 267 HOH B O   1 
HETATM 1402 O O   . HOH B 2 .   ? 4.815   -2.692  -10.577 1.00 13.99 ? 268 HOH B O   1 
HETATM 1403 O O   . HOH B 2 .   ? 6.291   -18.406 -8.489  1.00 21.59 ? 269 HOH B O   1 
HETATM 1404 O O   . HOH B 2 .   ? 19.712  -12.492 -14.167 1.00 16.09 ? 270 HOH B O   1 
HETATM 1405 O O   . HOH B 2 .   ? 7.527   11.397  1.214   1.00 23.43 ? 271 HOH B O   1 
HETATM 1406 O O   . HOH B 2 .   ? 10.763  -13.201 -11.688 1.00 11.12 ? 272 HOH B O   1 
HETATM 1407 O O   . HOH B 2 .   ? 6.466   13.610  5.377   1.00 24.99 ? 273 HOH B O   1 
HETATM 1408 O O   . HOH B 2 .   ? 14.114  -3.805  -11.551 1.00 23.89 ? 274 HOH B O   1 
HETATM 1409 O O   . HOH B 2 .   ? 0.486   -5.226  -11.997 1.00 24.83 ? 275 HOH B O   1 
HETATM 1410 O O   . HOH B 2 .   ? 0.740   15.973  2.324   1.00 15.82 ? 276 HOH B O   1 
HETATM 1411 O O   . HOH B 2 .   ? 1.880   -14.576 -4.600  1.00 31.77 ? 277 HOH B O   1 
HETATM 1412 O O   . HOH B 2 .   ? -12.026 0.570   1.556   1.00 6.83  ? 278 HOH B O   1 
HETATM 1413 O O   . HOH B 2 .   ? -3.017  6.484   -6.270  1.00 10.33 ? 279 HOH B O   1 
HETATM 1414 O O   . HOH B 2 .   ? 3.778   0.599   -14.879 1.00 32.24 ? 280 HOH B O   1 
HETATM 1415 O O   . HOH B 2 .   ? 15.756  -8.331  -8.680  1.00 18.97 ? 281 HOH B O   1 
HETATM 1416 O O   . HOH B 2 .   ? -9.244  6.723   -7.535  1.00 17.22 ? 282 HOH B O   1 
HETATM 1417 O O   . HOH B 2 .   ? -3.052  -14.910 -4.072  1.00 21.33 ? 283 HOH B O   1 
HETATM 1418 O O   . HOH B 2 .   ? 9.992   -9.308  -15.198 1.00 26.24 ? 284 HOH B O   1 
HETATM 1419 O O   . HOH B 2 .   ? -14.945 14.281  -2.165  1.00 17.98 ? 285 HOH B O   1 
HETATM 1420 O O   . HOH B 2 .   ? 12.828  0.643   10.660  1.00 12.05 ? 286 HOH B O   1 
HETATM 1421 O O   . HOH B 2 .   ? -10.263 18.679  3.736   1.00 30.50 ? 287 HOH B O   1 
HETATM 1422 O O   . HOH B 2 .   ? -1.794  11.705  -8.016  1.00 13.97 ? 288 HOH B O   1 
HETATM 1423 O O   . HOH B 2 .   ? -19.720 11.879  -5.688  1.00 33.20 ? 289 HOH B O   1 
HETATM 1424 O O   . HOH B 2 .   ? -16.385 -4.269  -2.693  1.00 11.03 ? 290 HOH B O   1 
HETATM 1425 O O   . HOH B 2 .   ? -1.839  20.799  4.424   1.00 24.77 ? 291 HOH B O   1 
HETATM 1426 O O   . HOH B 2 .   ? -14.931 -0.954  9.680   1.00 14.23 ? 292 HOH B O   1 
HETATM 1427 O O   . HOH B 2 .   ? 4.554   -22.726 -9.366  1.00 28.21 ? 293 HOH B O   1 
HETATM 1428 O O   . HOH B 2 .   ? 14.334  -13.571 -14.948 1.00 21.86 ? 294 HOH B O   1 
HETATM 1429 O O   . HOH B 2 .   ? -4.553  -12.572 -11.573 1.00 27.39 ? 295 HOH B O   1 
HETATM 1430 O O   . HOH B 2 .   ? -15.176 -1.812  13.636  1.00 26.08 ? 296 HOH B O   1 
HETATM 1431 O O   . HOH B 2 .   ? -12.893 3.961   17.127  1.00 29.07 ? 297 HOH B O   1 
HETATM 1432 O O   . HOH B 2 .   ? -10.114 -10.409 10.208  1.00 25.84 ? 298 HOH B O   1 
HETATM 1433 O O   . HOH B 2 .   ? -0.546  -12.415 5.596   1.00 24.50 ? 299 HOH B O   1 
HETATM 1434 O O   . HOH B 2 .   ? -11.889 13.282  -2.438  1.00 8.39  ? 300 HOH B O   1 
HETATM 1435 O O   . HOH B 2 .   ? -6.936  9.594   17.686  1.00 28.69 ? 301 HOH B O   1 
HETATM 1436 O O   . HOH B 2 .   ? -11.394 12.901  -11.720 1.00 19.31 ? 302 HOH B O   1 
HETATM 1437 O O   . HOH B 2 .   ? -7.396  8.980   -6.990  1.00 11.24 ? 303 HOH B O   1 
HETATM 1438 O O   . HOH B 2 .   ? 9.432   6.906   -8.968  1.00 32.82 ? 304 HOH B O   1 
HETATM 1439 O O   . HOH B 2 .   ? -16.403 -8.134  -2.294  1.00 9.47  ? 305 HOH B O   1 
HETATM 1440 O O   . HOH B 2 .   ? -15.736 6.067   -5.000  1.00 25.31 ? 306 HOH B O   1 
HETATM 1441 O O   . HOH B 2 .   ? 4.282   15.977  4.074   1.00 31.46 ? 307 HOH B O   1 
HETATM 1442 O O   . HOH B 2 .   ? -14.907 13.770  7.542   1.00 23.03 ? 308 HOH B O   1 
HETATM 1443 O O   . HOH B 2 .   ? 11.516  -15.653 -12.677 1.00 11.97 ? 309 HOH B O   1 
HETATM 1444 O O   . HOH B 2 .   ? 3.508   3.958   -6.975  1.00 14.33 ? 310 HOH B O   1 
HETATM 1445 O O   . HOH B 2 .   ? 3.846   -6.561  10.807  1.00 17.99 ? 311 HOH B O   1 
HETATM 1446 O O   . HOH B 2 .   ? -9.815  14.072  -14.794 1.00 15.33 ? 312 HOH B O   1 
HETATM 1447 O O   . HOH B 2 .   ? -1.610  -3.490  -12.239 1.00 24.32 ? 313 HOH B O   1 
HETATM 1448 O O   . HOH B 2 .   ? -0.400  -13.407 -7.674  1.00 23.76 ? 314 HOH B O   1 
HETATM 1449 O O   . HOH B 2 .   ? -0.288  6.316   13.630  1.00 15.40 ? 315 HOH B O   1 
HETATM 1450 O O   . HOH B 2 .   ? -3.880  23.803  10.113  1.00 31.95 ? 316 HOH B O   1 
HETATM 1451 O O   . HOH B 2 .   ? -9.310  13.359  11.539  1.00 17.40 ? 317 HOH B O   1 
HETATM 1452 O O   . HOH B 2 .   ? 6.811   -5.386  14.152  1.00 22.37 ? 318 HOH B O   1 
HETATM 1453 O O   . HOH B 2 .   ? -19.811 8.516   12.285  1.00 19.20 ? 319 HOH B O   1 
HETATM 1454 O O   . HOH B 2 .   ? -11.918 13.555  11.384  1.00 21.90 ? 320 HOH B O   1 
HETATM 1455 O O   . HOH B 2 .   ? -15.137 14.286  10.219  1.00 24.48 ? 321 HOH B O   1 
HETATM 1456 O O   . HOH B 2 .   ? -12.763 19.701  -9.318  1.00 19.71 ? 322 HOH B O   1 
HETATM 1457 O O   . HOH B 2 .   ? -2.539  13.340  -10.439 1.00 14.54 ? 323 HOH B O   1 
HETATM 1458 O O   . HOH B 2 .   ? -1.541  14.462  14.235  1.00 22.19 ? 324 HOH B O   1 
HETATM 1459 O O   . HOH B 2 .   ? -13.350 8.386   -8.648  1.00 20.74 ? 325 HOH B O   1 
HETATM 1460 O O   . HOH B 2 .   ? -12.288 13.537  15.466  1.00 29.54 ? 326 HOH B O   1 
HETATM 1461 O O   . HOH B 2 .   ? 0.928   2.091   -11.332 1.00 15.24 ? 327 HOH B O   1 
HETATM 1462 O O   . HOH B 2 .   ? 5.688   -15.817 -4.215  1.00 25.45 ? 328 HOH B O   1 
HETATM 1463 O O   . HOH B 2 .   ? 2.504   0.155   -12.782 1.00 32.76 ? 329 HOH B O   1 
HETATM 1464 O O   . HOH B 2 .   ? 3.041   -5.117  -15.631 1.00 29.76 ? 330 HOH B O   1 
HETATM 1465 O O   . HOH B 2 .   ? 8.281   8.741   -3.462  1.00 27.44 ? 331 HOH B O   1 
HETATM 1466 O O   . HOH B 2 .   ? 12.448  -7.101  -8.923  1.00 10.80 ? 332 HOH B O   1 
HETATM 1467 O O   . HOH B 2 .   ? 1.137   18.464  15.754  1.00 26.42 ? 333 HOH B O   1 
HETATM 1468 O O   . HOH B 2 .   ? -9.314  19.389  7.810   1.00 25.54 ? 334 HOH B O   1 
HETATM 1469 O O   . HOH B 2 .   ? 22.178  -13.562 -4.526  1.00 26.17 ? 335 HOH B O   1 
HETATM 1470 O O   . HOH B 2 .   ? -17.315 9.838   17.445  1.00 26.76 ? 336 HOH B O   1 
HETATM 1471 O O   . HOH B 2 .   ? -11.532 19.660  1.803   1.00 21.90 ? 337 HOH B O   1 
HETATM 1472 O O   . HOH B 2 .   ? -17.406 17.369  -10.455 1.00 23.65 ? 338 HOH B O   1 
HETATM 1473 O O   . HOH B 2 .   ? -8.872  -6.214  -10.584 1.00 20.61 ? 339 HOH B O   1 
HETATM 1474 O O   . HOH B 2 .   ? 12.967  -11.431 -14.961 1.00 21.49 ? 340 HOH B O   1 
HETATM 1475 O O   . HOH B 2 .   ? 12.429  -4.004  12.182  1.00 17.58 ? 341 HOH B O   1 
HETATM 1476 O O   . HOH B 2 .   ? 6.192   3.342   -10.879 1.00 23.43 ? 342 HOH B O   1 
HETATM 1477 O O   . HOH B 2 .   ? 7.787   -17.394 -6.497  1.00 20.57 ? 343 HOH B O   1 
HETATM 1478 O O   . HOH B 2 .   ? 12.013  -13.203 -2.446  1.00 15.20 ? 344 HOH B O   1 
HETATM 1479 O O   . HOH B 2 .   ? 4.245   13.732  -2.116  1.00 14.43 ? 345 HOH B O   1 
HETATM 1480 O O   . HOH B 2 .   ? -12.119 11.908  9.054   1.00 13.79 ? 346 HOH B O   1 
HETATM 1481 O O   . HOH B 2 .   ? -2.298  10.888  -20.196 1.00 22.51 ? 347 HOH B O   1 
HETATM 1482 O O   . HOH B 2 .   ? 8.084   -14.770 -1.459  1.00 16.05 ? 348 HOH B O   1 
HETATM 1483 O O   . HOH B 2 .   ? -4.540  -9.655  -12.223 1.00 26.56 ? 349 HOH B O   1 
HETATM 1484 O O   . HOH B 2 .   ? -18.655 14.879  -6.809  1.00 26.51 ? 350 HOH B O   1 
HETATM 1485 O O   . HOH B 2 .   ? -19.427 8.974   -2.836  1.00 29.94 ? 351 HOH B O   1 
HETATM 1486 O O   . HOH B 2 .   ? 12.928  2.192   4.118   1.00 12.19 ? 352 HOH B O   1 
HETATM 1487 O O   . HOH B 2 .   ? -14.355 -9.276  0.498   1.00 6.16  ? 353 HOH B O   1 
HETATM 1488 O O   . HOH B 2 .   ? 16.772  -21.331 -8.900  1.00 15.53 ? 354 HOH B O   1 
HETATM 1489 O O   . HOH B 2 .   ? 8.706   2.349   13.329  1.00 19.23 ? 355 HOH B O   1 
HETATM 1490 O O   . HOH B 2 .   ? 5.756   -8.096  -16.344 1.00 29.28 ? 356 HOH B O   1 
HETATM 1491 O O   . HOH B 2 .   ? 0.136   10.657  -18.843 1.00 27.30 ? 357 HOH B O   1 
HETATM 1492 O O   . HOH B 2 .   ? -14.326 -8.232  11.979  1.00 15.32 ? 358 HOH B O   1 
HETATM 1493 O O   . HOH B 2 .   ? -7.481  -9.222  13.726  1.00 23.87 ? 359 HOH B O   1 
HETATM 1494 O O   . HOH B 2 .   ? -10.789 0.198   -7.645  1.00 19.47 ? 360 HOH B O   1 
HETATM 1495 O O   . HOH B 2 .   ? -10.674 -10.413 -11.255 1.00 15.49 ? 361 HOH B O   1 
HETATM 1496 O O   . HOH B 2 .   ? -17.396 7.388   12.019  1.00 19.40 ? 362 HOH B O   1 
HETATM 1497 O O   . HOH B 2 .   ? 9.588   -12.621 11.197  1.00 29.05 ? 363 HOH B O   1 
HETATM 1498 O O   . HOH B 2 .   ? -6.835  4.872   19.370  1.00 24.05 ? 364 HOH B O   1 
HETATM 1499 O O   . HOH B 2 .   ? 11.267  -14.981 -4.112  1.00 19.13 ? 365 HOH B O   1 
HETATM 1500 O O   . HOH B 2 .   ? 22.673  -9.388  0.869   1.00 23.47 ? 366 HOH B O   1 
HETATM 1501 O O   . HOH B 2 .   ? 10.447  -14.322 -0.281  1.00 17.94 ? 367 HOH B O   1 
HETATM 1502 O O   . HOH B 2 .   ? 6.890   13.903  2.843   1.00 26.15 ? 368 HOH B O   1 
HETATM 1503 O O   . HOH B 2 .   ? -11.969 -0.821  -5.339  1.00 21.50 ? 369 HOH B O   1 
HETATM 1504 O O   . HOH B 2 .   ? -6.648  -16.896 -5.065  1.00 35.44 ? 370 HOH B O   1 
HETATM 1505 O O   . HOH B 2 .   ? -13.651 0.452   -3.451  1.00 13.25 ? 371 HOH B O   1 
HETATM 1506 O O   . HOH B 2 .   ? 13.592  -5.766  -16.497 1.00 27.00 ? 372 HOH B O   1 
HETATM 1507 O O   . HOH B 2 .   ? 5.295   0.655   19.190  1.00 34.62 ? 373 HOH B O   1 
HETATM 1508 O O   . HOH B 2 .   ? 1.290   -8.632  11.204  1.00 27.17 ? 374 HOH B O   1 
HETATM 1509 O O   . HOH B 2 .   ? -0.286  -7.769  -12.786 1.00 23.83 ? 375 HOH B O   1 
HETATM 1510 O O   . HOH B 2 .   ? -14.772 6.473   4.209   1.00 15.55 ? 376 HOH B O   1 
HETATM 1511 O O   . HOH B 2 .   ? 7.668   10.721  5.878   1.00 20.48 ? 377 HOH B O   1 
HETATM 1512 O O   . HOH B 2 .   ? -8.036  15.826  12.837  1.00 22.12 ? 378 HOH B O   1 
HETATM 1513 O O   . HOH B 2 .   ? -1.714  -2.620  15.261  1.00 26.15 ? 379 HOH B O   1 
HETATM 1514 O O   . HOH B 2 .   ? 20.414  -12.715 10.888  1.00 26.49 ? 380 HOH B O   1 
HETATM 1515 O O   . HOH B 2 .   ? 23.098  -14.385 6.612   1.00 37.22 ? 381 HOH B O   1 
HETATM 1516 O O   . HOH B 2 .   ? 2.406   -13.089 2.750   1.00 35.13 ? 382 HOH B O   1 
HETATM 1517 O O   . HOH B 2 .   ? 1.939   -13.983 -6.837  1.00 27.07 ? 383 HOH B O   1 
HETATM 1518 O O   . HOH B 2 .   ? -18.741 10.647  -0.292  1.00 22.71 ? 384 HOH B O   1 
HETATM 1519 O O   . HOH B 2 .   ? 13.750  3.877   2.161   1.00 26.65 ? 385 HOH B O   1 
HETATM 1520 O O   . HOH B 2 .   ? -17.731 13.759  -2.342  1.00 30.93 ? 386 HOH B O   1 
HETATM 1521 O O   . HOH B 2 .   ? -11.861 -6.387  -11.058 1.00 25.28 ? 387 HOH B O   1 
HETATM 1522 O O   . HOH B 2 .   ? 16.276  -19.973 -15.632 1.00 30.47 ? 388 HOH B O   1 
HETATM 1523 O O   . HOH B 2 .   ? -4.371  9.901   18.218  1.00 31.56 ? 389 HOH B O   1 
HETATM 1524 O O   . HOH B 2 .   ? 2.183   5.087   14.367  1.00 23.76 ? 390 HOH B O   1 
HETATM 1525 O O   . HOH B 2 .   ? 11.506  -17.382 5.939   1.00 31.09 ? 391 HOH B O   1 
HETATM 1526 O O   . HOH B 2 .   ? -12.590 -9.174  13.810  1.00 31.22 ? 392 HOH B O   1 
HETATM 1527 O O   . HOH B 2 .   ? -14.895 18.732  -11.057 1.00 21.68 ? 393 HOH B O   1 
HETATM 1528 O O   . HOH B 2 .   ? 8.389   2.394   -15.063 1.00 30.78 ? 394 HOH B O   1 
HETATM 1529 O O   . HOH B 2 .   ? -5.057  3.622   19.934  1.00 29.15 ? 395 HOH B O   1 
HETATM 1530 O O   . HOH B 2 .   ? -15.509 4.549   5.919   1.00 19.05 ? 396 HOH B O   1 
HETATM 1531 O O   . HOH B 2 .   ? 1.562   -2.801  -11.829 1.00 29.75 ? 397 HOH B O   1 
HETATM 1532 O O   . HOH B 2 .   ? 8.106   -10.823 11.237  1.00 24.00 ? 398 HOH B O   1 
HETATM 1533 O O   . HOH B 2 .   ? -16.129 -0.607  2.485   1.00 31.40 ? 399 HOH B O   1 
HETATM 1534 O O   . HOH B 2 .   ? -1.698  6.056   -10.196 1.00 42.28 ? 400 HOH B O   1 
HETATM 1535 O O   . HOH B 2 .   ? 2.513   -3.243  -13.302 1.00 37.03 ? 401 HOH B O   1 
HETATM 1536 O O   . HOH B 2 .   ? -5.103  21.854  12.059  1.00 42.42 ? 402 HOH B O   1 
HETATM 1537 O O   . HOH B 2 .   ? 17.358  -25.446 -9.193  1.00 30.57 ? 403 HOH B O   1 
HETATM 1538 O O   . HOH B 2 .   ? 3.682   -10.775 -15.207 1.00 30.15 ? 404 HOH B O   1 
HETATM 1539 O O   . HOH B 2 .   ? 6.555   -6.474  11.432  1.00 31.94 ? 405 HOH B O   1 
HETATM 1540 O O   . HOH B 2 .   ? -0.284  13.026  12.406  1.00 17.18 ? 406 HOH B O   1 
HETATM 1541 O O   . HOH B 2 .   ? -1.356  8.320   15.914  1.00 21.58 ? 407 HOH B O   1 
HETATM 1542 O O   . HOH B 2 .   ? 5.579   2.889   -15.381 1.00 36.41 ? 408 HOH B O   1 
HETATM 1543 O O   . HOH B 2 .   ? -10.626 20.113  -6.493  1.00 24.88 ? 409 HOH B O   1 
HETATM 1544 O O   . HOH B 2 .   ? 8.598   6.723   11.918  1.00 26.98 ? 410 HOH B O   1 
HETATM 1545 O O   . HOH B 2 .   ? 12.205  -25.957 -14.128 1.00 28.50 ? 411 HOH B O   1 
HETATM 1546 O O   . HOH B 2 .   ? 14.168  -23.621 -12.858 1.00 31.43 ? 412 HOH B O   1 
HETATM 1547 O O   . HOH B 2 .   ? 8.100   -9.744  -16.940 1.00 34.81 ? 413 HOH B O   1 
HETATM 1548 O O   . HOH B 2 .   ? 13.631  1.964   -7.568  1.00 29.79 ? 414 HOH B O   1 
HETATM 1549 O O   . HOH B 2 .   ? 18.120  -23.460 -9.687  1.00 16.82 ? 415 HOH B O   1 
HETATM 1550 O O   . HOH B 2 .   ? 15.672  5.559   -12.981 1.00 32.13 ? 416 HOH B O   1 
HETATM 1551 O O   . HOH B 2 .   ? 16.649  -9.042  -16.205 1.00 40.24 ? 417 HOH B O   1 
HETATM 1552 O O   . HOH B 2 .   ? 9.905   4.855   11.927  1.00 26.23 ? 418 HOH B O   1 
HETATM 1553 O O   . HOH B 2 .   ? 15.391  -1.195  -11.117 1.00 33.90 ? 419 HOH B O   1 
HETATM 1554 O O   . HOH B 2 .   ? 3.292   14.549  -4.465  1.00 38.74 ? 420 HOH B O   1 
HETATM 1555 O O   . HOH B 2 .   ? -17.148 0.147   -1.594  1.00 32.24 ? 421 HOH B O   1 
HETATM 1556 O O   . HOH B 2 .   ? 9.586   -3.524  -18.921 1.00 32.39 ? 422 HOH B O   1 
HETATM 1557 O O   . HOH B 2 .   ? -16.974 5.183   13.878  1.00 29.20 ? 423 HOH B O   1 
HETATM 1558 O O   . HOH B 2 .   ? 2.442   21.305  10.679  1.00 41.75 ? 424 HOH B O   1 
HETATM 1559 O O   . HOH B 2 .   ? 17.463  -12.121 -8.376  1.00 23.66 ? 425 HOH B O   1 
HETATM 1560 O O   . HOH B 2 .   ? -17.434 2.239   2.480   1.00 37.00 ? 426 HOH B O   1 
HETATM 1561 O O   . HOH B 2 .   ? -0.445  14.831  -20.672 1.00 33.88 ? 427 HOH B O   1 
HETATM 1562 O O   . HOH B 2 .   ? -18.217 2.140   -0.825  1.00 32.36 ? 428 HOH B O   1 
HETATM 1563 O O   . HOH B 2 .   ? -14.130 0.920   14.248  1.00 24.91 ? 429 HOH B O   1 
HETATM 1564 O O   . HOH B 2 .   ? 10.341  7.964   8.382   1.00 32.05 ? 430 HOH B O   1 
HETATM 1565 O O   . HOH B 2 .   ? -13.463 -2.497  16.114  1.00 31.14 ? 431 HOH B O   1 
HETATM 1566 O O   . HOH B 2 .   ? -1.336  8.083   -7.685  1.00 26.69 ? 432 HOH B O   1 
HETATM 1567 O O   . HOH B 2 .   ? -5.597  -10.202 -13.798 1.00 37.99 ? 433 HOH B O   1 
HETATM 1568 O O   . HOH B 2 .   ? -11.723 18.544  6.692   1.00 36.37 ? 434 HOH B O   1 
HETATM 1569 O O   . HOH B 2 .   ? -13.762 4.474   -6.557  1.00 35.67 ? 435 HOH B O   1 
HETATM 1570 O O   . HOH B 2 .   ? -4.383  12.047  -11.885 1.00 21.53 ? 436 HOH B O   1 
HETATM 1571 O O   . HOH B 2 .   ? -3.349  -15.684 1.973   1.00 34.06 ? 437 HOH B O   1 
HETATM 1572 O O   . HOH B 2 .   ? 11.055  4.313   5.837   1.00 26.95 ? 438 HOH B O   1 
HETATM 1573 O O   . HOH B 2 .   ? -16.618 -7.623  13.535  1.00 27.71 ? 439 HOH B O   1 
HETATM 1574 O O   . HOH B 2 .   ? 12.753  -21.728 -6.628  1.00 30.64 ? 440 HOH B O   1 
HETATM 1575 O O   . HOH B 2 .   ? 10.222  -11.897 -14.138 1.00 21.80 ? 441 HOH B O   1 
HETATM 1576 O O   . HOH B 2 .   ? -0.028  6.896   18.335  1.00 28.16 ? 442 HOH B O   1 
HETATM 1577 O O   . HOH B 2 .   ? 15.969  -22.579 -13.503 1.00 31.18 ? 443 HOH B O   1 
HETATM 1578 O O   . HOH B 2 .   ? 10.503  -16.299 -15.378 1.00 21.45 ? 444 HOH B O   1 
HETATM 1579 O O   . HOH B 2 .   ? -5.209  6.268   -9.996  1.00 26.96 ? 445 HOH B O   1 
HETATM 1580 O O   . HOH B 2 .   ? -17.861 3.987   3.169   1.00 38.01 ? 446 HOH B O   1 
HETATM 1581 O O   . HOH B 2 .   ? 2.299   19.687  4.447   1.00 33.58 ? 447 HOH B O   1 
HETATM 1582 O O   . HOH B 2 .   ? 18.374  -10.424 -16.007 1.00 31.74 ? 448 HOH B O   1 
HETATM 1583 O O   . HOH B 2 .   ? 12.209  -5.036  -19.243 1.00 41.15 ? 449 HOH B O   1 
HETATM 1584 O O   . HOH B 2 .   ? 21.290  -16.145 9.064   1.00 34.06 ? 450 HOH B O   1 
HETATM 1585 O O   . HOH B 2 .   ? -5.171  7.582   -7.761  1.00 15.35 ? 451 HOH B O   1 
HETATM 1586 O O   . HOH B 2 .   ? -16.895 0.630   6.463   1.00 35.64 ? 452 HOH B O   1 
HETATM 1587 O O   . HOH B 2 .   ? 3.934   15.954  -0.475  1.00 25.26 ? 453 HOH B O   1 
HETATM 1588 O O   . HOH B 2 .   ? -19.303 8.811   0.838   1.00 30.71 ? 454 HOH B O   1 
HETATM 1589 O O   . HOH B 2 .   ? -15.204 -10.606 10.813  1.00 23.33 ? 455 HOH B O   1 
HETATM 1590 O O   . HOH B 2 .   ? -15.378 1.992   10.835  1.00 23.26 ? 456 HOH B O   1 
HETATM 1591 O O   . HOH B 2 .   ? -17.194 -3.578  -0.173  1.00 14.96 ? 457 HOH B O   1 
HETATM 1592 O O   . HOH B 2 .   ? 11.662  -17.478 -3.778  1.00 28.70 ? 458 HOH B O   1 
HETATM 1593 O O   . HOH B 2 .   ? 1.162   10.948  -8.331  1.00 27.06 ? 459 HOH B O   1 
HETATM 1594 O O   . HOH B 2 .   ? 0.925   8.693   -16.771 1.00 33.39 ? 460 HOH B O   1 
HETATM 1595 O O   . HOH B 2 .   ? -18.799 16.013  -4.839  1.00 38.46 ? 461 HOH B O   1 
HETATM 1596 O O   . HOH B 2 .   ? 15.083  -27.085 -13.578 1.00 33.64 ? 462 HOH B O   1 
HETATM 1597 O O   . HOH B 2 .   ? 2.822   -23.507 -11.143 1.00 26.19 ? 463 HOH B O   1 
HETATM 1598 O O   . HOH B 2 .   ? 11.015  -15.987 7.371   1.00 32.81 ? 464 HOH B O   1 
HETATM 1599 O O   . HOH B 2 .   ? -12.946 -12.102 11.657  1.00 22.49 ? 465 HOH B O   1 
HETATM 1600 O O   . HOH B 2 .   ? -11.115 7.520   -9.412  1.00 22.82 ? 466 HOH B O   1 
HETATM 1601 O O   . HOH B 2 .   ? 4.808   -25.181 -7.602  1.00 35.54 ? 467 HOH B O   1 
HETATM 1602 O O   . HOH B 2 .   ? -1.552  -16.086 3.570   1.00 33.46 ? 468 HOH B O   1 
HETATM 1603 O O   . HOH B 2 .   ? -15.618 -1.598  -3.783  1.00 25.01 ? 469 HOH B O   1 
HETATM 1604 O O   . HOH B 2 .   ? 13.969  -19.049 -3.144  1.00 36.53 ? 470 HOH B O   1 
HETATM 1605 O O   . HOH B 2 .   ? 11.596  4.695   8.227   1.00 26.32 ? 471 HOH B O   1 
HETATM 1606 O O   . HOH B 2 .   ? 12.084  -8.517  -16.887 1.00 32.10 ? 472 HOH B O   1 
HETATM 1607 O O   . HOH B 2 .   ? -3.237  9.536   -9.107  1.00 24.52 ? 473 HOH B O   1 
HETATM 1608 O O   . HOH B 2 .   ? 16.628  -11.161 -17.810 1.00 40.95 ? 474 HOH B O   1 
HETATM 1609 O O   . HOH B 2 .   ? 17.058  -25.171 -5.367  1.00 43.58 ? 475 HOH B O   1 
HETATM 1610 O O   . HOH B 2 .   ? 6.254   20.465  10.978  1.00 28.98 ? 476 HOH B O   1 
HETATM 1611 O O   . HOH B 2 .   ? 14.476  -23.062 -14.926 1.00 42.78 ? 477 HOH B O   1 
HETATM 1612 O O   . HOH B 2 .   ? 15.826  -6.378  -17.549 1.00 44.45 ? 478 HOH B O   1 
HETATM 1613 O O   . HOH B 2 .   ? -24.004 12.273  -7.943  1.00 49.27 ? 479 HOH B O   1 
HETATM 1614 O O   . HOH B 2 .   ? -9.598  24.004  -0.514  1.00 36.12 ? 480 HOH B O   1 
HETATM 1615 O O   . HOH B 2 .   ? -19.903 -6.323  11.315  1.00 36.85 ? 481 HOH B O   1 
HETATM 1616 O O   . HOH B 2 .   ? -19.174 15.343  -0.674  1.00 37.70 ? 482 HOH B O   1 
HETATM 1617 O O   . HOH B 2 .   ? -25.178 11.023  -9.820  1.00 42.35 ? 483 HOH B O   1 
# 
